data_3GRX
#
_entry.id   3GRX
#
_cell.length_a   1.000
_cell.length_b   1.000
_cell.length_c   1.000
_cell.angle_alpha   90.00
_cell.angle_beta   90.00
_cell.angle_gamma   90.00
#
_symmetry.space_group_name_H-M   'P 1'
#
loop_
_entity.id
_entity.type
_entity.pdbx_description
1 polymer 'GLUTAREDOXIN 3'
2 non-polymer GLUTATHIONE
#
_entity_poly.entity_id   1
_entity_poly.type   'polypeptide(L)'
_entity_poly.pdbx_seq_one_letter_code
;ANVEIYTKETCPYSHRAKALLSSKGVSFQELPIDGNAAKREEMIKRSGRTTVPQIFIDAQHIGGYDDLYALDARGGLDPL
LK
;
_entity_poly.pdbx_strand_id   A
#
# COMPACT_ATOMS: atom_id res chain seq x y z
N ALA A 1 1.20 -13.62 -6.37
CA ALA A 1 1.12 -12.17 -6.16
C ALA A 1 0.13 -11.90 -5.04
N ASN A 2 0.44 -10.96 -4.16
CA ASN A 2 -0.35 -10.57 -3.01
C ASN A 2 0.00 -9.12 -2.71
N VAL A 3 -0.62 -8.21 -3.44
CA VAL A 3 -0.53 -6.77 -3.18
C VAL A 3 -1.49 -6.44 -2.05
N GLU A 4 -0.98 -5.83 -0.97
CA GLU A 4 -1.74 -5.27 0.13
C GLU A 4 -1.43 -3.77 0.20
N ILE A 5 -2.41 -2.96 0.60
CA ILE A 5 -2.21 -1.53 0.84
C ILE A 5 -3.04 -1.10 2.05
N TYR A 6 -2.37 -0.51 3.02
CA TYR A 6 -2.98 0.17 4.14
C TYR A 6 -3.51 1.52 3.71
N THR A 7 -4.71 1.84 4.17
CA THR A 7 -5.47 3.02 3.83
C THR A 7 -6.13 3.54 5.10
N LYS A 8 -6.58 4.79 5.09
CA LYS A 8 -7.42 5.34 6.14
C LYS A 8 -8.40 6.25 5.40
N GLU A 9 -9.66 6.21 5.82
CA GLU A 9 -10.73 6.98 5.23
C GLU A 9 -10.35 8.46 5.29
N THR A 10 -10.05 8.96 6.49
CA THR A 10 -9.55 10.30 6.70
C THR A 10 -8.01 10.26 6.53
N CYS A 11 -7.55 10.22 5.28
CA CYS A 11 -6.16 10.32 4.88
C CYS A 11 -6.09 10.43 3.36
N PRO A 12 -5.84 11.61 2.79
CA PRO A 12 -5.87 11.76 1.34
C PRO A 12 -4.66 11.10 0.68
N TYR A 13 -3.52 11.03 1.38
CA TYR A 13 -2.33 10.32 0.90
C TYR A 13 -2.64 8.84 0.64
N SER A 14 -3.55 8.26 1.43
CA SER A 14 -4.12 6.94 1.20
C SER A 14 -4.87 6.92 -0.13
N HIS A 15 -5.83 7.84 -0.31
CA HIS A 15 -6.66 7.80 -1.53
C HIS A 15 -5.87 8.12 -2.79
N ARG A 16 -4.82 8.95 -2.71
CA ARG A 16 -3.84 9.17 -3.76
C ARG A 16 -3.38 7.84 -4.33
N ALA A 17 -2.90 6.94 -3.47
CA ALA A 17 -2.42 5.63 -3.92
C ALA A 17 -3.49 4.82 -4.66
N LYS A 18 -4.76 5.06 -4.38
CA LYS A 18 -5.85 4.34 -5.05
C LYS A 18 -6.10 4.81 -6.45
N ALA A 19 -5.88 6.10 -6.74
CA ALA A 19 -5.91 6.58 -8.10
C ALA A 19 -4.78 5.95 -8.90
N LEU A 20 -3.62 5.72 -8.28
CA LEU A 20 -2.51 5.05 -8.98
C LEU A 20 -2.90 3.60 -9.21
N LEU A 21 -3.21 2.89 -8.14
CA LEU A 21 -3.45 1.46 -8.19
C LEU A 21 -4.65 1.15 -9.09
N SER A 22 -5.65 2.03 -9.17
CA SER A 22 -6.74 1.88 -10.12
C SER A 22 -6.27 2.21 -11.53
N SER A 23 -5.50 3.29 -11.74
CA SER A 23 -4.96 3.59 -13.06
C SER A 23 -4.20 2.38 -13.64
N LYS A 24 -3.39 1.73 -12.81
CA LYS A 24 -2.60 0.55 -13.15
C LYS A 24 -3.42 -0.76 -13.08
N GLY A 25 -4.72 -0.70 -12.76
CA GLY A 25 -5.60 -1.87 -12.70
C GLY A 25 -5.11 -2.94 -11.72
N VAL A 26 -4.53 -2.53 -10.59
CA VAL A 26 -3.83 -3.48 -9.73
C VAL A 26 -4.83 -4.19 -8.82
N SER A 27 -4.49 -5.43 -8.49
CA SER A 27 -5.27 -6.37 -7.69
C SER A 27 -4.83 -6.25 -6.23
N PHE A 28 -4.95 -5.04 -5.67
CA PHE A 28 -4.59 -4.80 -4.27
C PHE A 28 -5.66 -5.39 -3.34
N GLN A 29 -5.33 -5.43 -2.05
CA GLN A 29 -6.17 -5.84 -0.94
C GLN A 29 -6.07 -4.68 0.03
N GLU A 30 -7.12 -3.88 0.13
CA GLU A 30 -7.10 -2.63 0.88
C GLU A 30 -7.38 -2.93 2.37
N LEU A 31 -6.62 -2.31 3.27
CA LEU A 31 -6.70 -2.46 4.71
C LEU A 31 -7.07 -1.09 5.33
N PRO A 32 -8.36 -0.76 5.46
CA PRO A 32 -8.80 0.44 6.17
C PRO A 32 -8.38 0.34 7.64
N ILE A 33 -7.51 1.24 8.08
CA ILE A 33 -7.13 1.45 9.48
C ILE A 33 -7.83 2.67 10.07
N ASP A 34 -8.90 3.10 9.40
CA ASP A 34 -9.78 4.08 9.97
C ASP A 34 -10.55 3.40 11.11
N GLY A 35 -11.48 2.50 10.81
CA GLY A 35 -12.25 1.77 11.81
C GLY A 35 -11.50 0.57 12.38
N ASN A 36 -10.16 0.62 12.49
CA ASN A 36 -9.34 -0.48 12.96
C ASN A 36 -8.02 0.04 13.52
N ALA A 37 -7.53 -0.57 14.59
CA ALA A 37 -6.18 -0.38 15.13
C ALA A 37 -5.40 -1.68 15.32
N ALA A 38 -6.06 -2.85 15.30
CA ALA A 38 -5.38 -4.14 15.38
C ALA A 38 -4.47 -4.35 14.16
N LYS A 39 -5.05 -4.58 12.99
CA LYS A 39 -4.31 -4.74 11.74
C LYS A 39 -3.45 -3.52 11.41
N ARG A 40 -3.85 -2.33 11.87
CA ARG A 40 -3.02 -1.16 11.84
C ARG A 40 -1.70 -1.44 12.54
N GLU A 41 -1.73 -1.85 13.80
CA GLU A 41 -0.52 -2.05 14.56
C GLU A 41 0.21 -3.33 14.13
N GLU A 42 -0.45 -4.20 13.38
CA GLU A 42 0.18 -5.35 12.75
C GLU A 42 1.09 -4.81 11.63
N MET A 43 0.67 -3.77 10.88
CA MET A 43 1.50 -3.05 9.90
C MET A 43 2.78 -2.52 10.55
N ILE A 44 2.65 -1.93 11.74
CA ILE A 44 3.78 -1.35 12.45
C ILE A 44 4.80 -2.45 12.77
N LYS A 45 4.35 -3.69 13.01
CA LYS A 45 5.26 -4.82 13.16
C LYS A 45 5.79 -5.30 11.81
N ARG A 46 5.04 -5.17 10.71
CA ARG A 46 5.48 -5.61 9.39
C ARG A 46 6.68 -4.80 8.93
N SER A 47 6.67 -3.48 9.07
CA SER A 47 7.68 -2.59 8.48
C SER A 47 8.43 -1.73 9.50
N GLY A 48 7.91 -1.58 10.71
CA GLY A 48 8.39 -0.61 11.69
C GLY A 48 7.79 0.79 11.48
N ARG A 49 7.18 1.10 10.33
CA ARG A 49 6.62 2.42 10.08
C ARG A 49 5.22 2.51 10.63
N THR A 50 4.85 3.69 11.14
CA THR A 50 3.55 3.90 11.78
C THR A 50 2.51 4.46 10.80
N THR A 51 2.94 5.25 9.81
CA THR A 51 2.05 6.02 8.96
C THR A 51 1.45 5.18 7.83
N VAL A 52 0.36 5.67 7.22
CA VAL A 52 -0.24 5.17 6.00
C VAL A 52 -0.10 6.20 4.86
N PRO A 53 -0.30 5.79 3.58
CA PRO A 53 -0.41 4.41 3.16
C PRO A 53 0.96 3.74 3.26
N GLN A 54 0.93 2.41 3.20
CA GLN A 54 2.08 1.56 3.03
C GLN A 54 1.60 0.43 2.14
N ILE A 55 2.40 0.04 1.16
CA ILE A 55 2.09 -1.06 0.29
C ILE A 55 3.04 -2.17 0.72
N PHE A 56 2.56 -3.40 0.59
CA PHE A 56 3.32 -4.62 0.70
C PHE A 56 2.96 -5.44 -0.53
N ILE A 57 3.92 -6.16 -1.09
CA ILE A 57 3.74 -7.03 -2.23
C ILE A 57 4.49 -8.29 -1.86
N ASP A 58 3.76 -9.39 -1.69
CA ASP A 58 4.31 -10.70 -1.36
C ASP A 58 5.18 -10.59 -0.09
N ALA A 59 4.61 -9.90 0.90
CA ALA A 59 5.15 -9.58 2.23
C ALA A 59 6.37 -8.66 2.22
N GLN A 60 6.95 -8.34 1.07
CA GLN A 60 7.99 -7.31 0.99
C GLN A 60 7.29 -5.96 1.05
N HIS A 61 7.81 -5.07 1.87
CA HIS A 61 7.32 -3.70 2.00
C HIS A 61 7.78 -2.86 0.81
N ILE A 62 7.04 -1.80 0.51
CA ILE A 62 7.45 -0.77 -0.43
C ILE A 62 7.98 0.41 0.38
N GLY A 63 7.06 1.19 0.93
CA GLY A 63 7.31 2.48 1.54
C GLY A 63 6.00 3.25 1.45
N GLY A 64 6.06 4.56 1.22
CA GLY A 64 4.90 5.42 1.06
C GLY A 64 4.32 5.38 -0.36
N TYR A 65 3.46 6.35 -0.66
CA TYR A 65 2.78 6.44 -1.95
C TYR A 65 3.70 6.96 -3.04
N ASP A 66 4.43 8.05 -2.79
CA ASP A 66 5.36 8.56 -3.81
C ASP A 66 6.38 7.47 -4.11
N ASP A 67 6.78 6.74 -3.08
CA ASP A 67 7.68 5.59 -3.18
C ASP A 67 7.07 4.57 -4.14
N LEU A 68 5.78 4.20 -3.94
CA LEU A 68 5.07 3.29 -4.82
C LEU A 68 5.01 3.82 -6.25
N TYR A 69 4.65 5.08 -6.47
CA TYR A 69 4.59 5.68 -7.82
C TYR A 69 5.89 5.43 -8.57
N ALA A 70 7.02 5.78 -7.96
CA ALA A 70 8.32 5.56 -8.58
C ALA A 70 8.56 4.05 -8.74
N LEU A 71 8.26 3.26 -7.70
CA LEU A 71 8.44 1.81 -7.72
C LEU A 71 7.58 1.16 -8.82
N ASP A 72 6.41 1.73 -9.12
CA ASP A 72 5.57 1.29 -10.22
C ASP A 72 6.21 1.70 -11.54
N ALA A 73 6.43 2.99 -11.74
CA ALA A 73 6.84 3.55 -13.01
C ALA A 73 8.23 3.10 -13.44
N ARG A 74 9.08 2.67 -12.51
CA ARG A 74 10.37 2.05 -12.79
C ARG A 74 10.22 0.59 -13.24
N GLY A 75 9.06 -0.03 -13.00
CA GLY A 75 8.82 -1.43 -13.26
C GLY A 75 9.28 -2.33 -12.13
N GLY A 76 9.19 -1.91 -10.86
CA GLY A 76 9.40 -2.80 -9.73
C GLY A 76 8.08 -3.39 -9.26
N LEU A 77 6.99 -2.63 -9.32
CA LEU A 77 5.67 -3.07 -8.87
C LEU A 77 5.15 -4.06 -9.91
N ASP A 78 5.14 -3.61 -11.15
CA ASP A 78 4.46 -4.27 -12.27
C ASP A 78 4.80 -5.77 -12.43
N PRO A 79 6.07 -6.19 -12.51
CA PRO A 79 6.39 -7.60 -12.75
C PRO A 79 6.12 -8.52 -11.55
N LEU A 80 5.84 -7.99 -10.35
CA LEU A 80 5.44 -8.78 -9.19
C LEU A 80 3.95 -9.10 -9.21
N LEU A 81 3.19 -8.49 -10.12
CA LEU A 81 1.80 -8.85 -10.36
C LEU A 81 1.72 -10.23 -11.00
N LYS A 82 2.79 -10.69 -11.65
CA LYS A 82 2.94 -12.07 -12.11
C LYS A 82 3.46 -12.88 -10.95
N ALA A 1 1.37 -12.41 -6.41
CA ALA A 1 0.23 -11.51 -6.19
C ALA A 1 -0.31 -11.63 -4.77
N ASN A 2 -0.23 -10.53 -4.01
CA ASN A 2 -0.89 -10.26 -2.73
C ASN A 2 -0.71 -8.77 -2.45
N VAL A 3 -1.16 -7.90 -3.36
CA VAL A 3 -0.95 -6.46 -3.31
C VAL A 3 -1.88 -5.91 -2.23
N GLU A 4 -1.36 -5.69 -1.03
CA GLU A 4 -2.11 -5.08 0.06
C GLU A 4 -1.78 -3.59 0.09
N ILE A 5 -2.74 -2.73 0.44
CA ILE A 5 -2.58 -1.30 0.59
C ILE A 5 -3.34 -0.85 1.84
N TYR A 6 -2.61 -0.48 2.88
CA TYR A 6 -3.21 0.07 4.09
C TYR A 6 -3.65 1.50 3.83
N THR A 7 -4.87 1.85 4.23
CA THR A 7 -5.41 3.20 4.20
C THR A 7 -6.31 3.41 5.41
N LYS A 8 -6.72 4.65 5.65
CA LYS A 8 -7.76 5.00 6.60
C LYS A 8 -8.62 6.04 5.90
N GLU A 9 -9.87 6.17 6.32
CA GLU A 9 -10.75 7.22 5.83
C GLU A 9 -10.21 8.58 6.30
N THR A 10 -10.73 9.67 5.73
CA THR A 10 -10.31 11.06 5.95
C THR A 10 -9.00 11.41 5.22
N CYS A 11 -7.94 10.60 5.34
CA CYS A 11 -6.61 10.94 4.85
C CYS A 11 -6.54 10.88 3.32
N PRO A 12 -6.40 12.01 2.59
CA PRO A 12 -6.38 11.96 1.13
C PRO A 12 -5.19 11.20 0.55
N TYR A 13 -4.01 11.19 1.18
CA TYR A 13 -2.84 10.44 0.71
C TYR A 13 -3.19 8.95 0.53
N SER A 14 -4.14 8.43 1.32
CA SER A 14 -4.75 7.13 1.12
C SER A 14 -5.45 7.01 -0.23
N HIS A 15 -6.43 7.87 -0.52
CA HIS A 15 -7.21 7.74 -1.76
C HIS A 15 -6.41 8.16 -2.99
N ARG A 16 -5.51 9.13 -2.83
CA ARG A 16 -4.52 9.48 -3.85
C ARG A 16 -3.71 8.23 -4.25
N ALA A 17 -3.30 7.39 -3.29
CA ALA A 17 -2.57 6.17 -3.60
C ALA A 17 -3.42 5.15 -4.36
N LYS A 18 -4.75 5.19 -4.19
CA LYS A 18 -5.67 4.42 -5.01
C LYS A 18 -5.68 4.96 -6.42
N ALA A 19 -5.76 6.29 -6.62
CA ALA A 19 -5.73 6.87 -7.96
C ALA A 19 -4.48 6.46 -8.74
N LEU A 20 -3.39 6.07 -8.07
CA LEU A 20 -2.24 5.44 -8.69
C LEU A 20 -2.55 4.00 -9.03
N LEU A 21 -2.68 3.11 -8.04
CA LEU A 21 -2.81 1.67 -8.28
C LEU A 21 -3.98 1.33 -9.20
N SER A 22 -5.07 2.08 -9.10
CA SER A 22 -6.25 1.95 -9.92
C SER A 22 -5.95 2.43 -11.35
N SER A 23 -5.27 3.57 -11.54
CA SER A 23 -4.90 3.95 -12.91
C SER A 23 -3.95 2.92 -13.50
N LYS A 24 -3.05 2.36 -12.70
CA LYS A 24 -2.11 1.30 -13.12
C LYS A 24 -2.81 -0.05 -13.28
N GLY A 25 -4.12 -0.12 -13.00
CA GLY A 25 -4.95 -1.28 -13.27
C GLY A 25 -4.46 -2.52 -12.53
N VAL A 26 -4.10 -2.37 -11.25
CA VAL A 26 -3.62 -3.50 -10.45
C VAL A 26 -4.74 -3.90 -9.49
N SER A 27 -4.92 -5.19 -9.25
CA SER A 27 -5.78 -5.69 -8.20
C SER A 27 -5.08 -5.47 -6.87
N PHE A 28 -5.76 -4.83 -5.91
CA PHE A 28 -5.21 -4.55 -4.59
C PHE A 28 -6.25 -4.83 -3.51
N GLN A 29 -5.76 -5.15 -2.33
CA GLN A 29 -6.47 -5.50 -1.12
C GLN A 29 -6.26 -4.33 -0.21
N GLU A 30 -7.26 -3.48 -0.09
CA GLU A 30 -7.21 -2.47 0.95
C GLU A 30 -7.28 -3.13 2.33
N LEU A 31 -6.63 -2.50 3.30
CA LEU A 31 -6.72 -2.77 4.71
C LEU A 31 -7.18 -1.44 5.30
N PRO A 32 -8.49 -1.19 5.43
CA PRO A 32 -9.00 -0.04 6.14
C PRO A 32 -8.61 -0.18 7.61
N ILE A 33 -7.58 0.54 8.03
CA ILE A 33 -7.21 0.69 9.43
C ILE A 33 -7.95 1.86 10.06
N ASP A 34 -9.06 2.34 9.47
CA ASP A 34 -9.75 3.45 10.10
C ASP A 34 -10.36 3.00 11.43
N GLY A 35 -11.32 2.08 11.39
CA GLY A 35 -12.00 1.51 12.54
C GLY A 35 -11.31 0.24 13.01
N ASN A 36 -9.97 0.20 12.99
CA ASN A 36 -9.18 -0.94 13.41
C ASN A 36 -7.81 -0.47 13.88
N ALA A 37 -7.37 -0.94 15.05
CA ALA A 37 -6.01 -0.73 15.56
C ALA A 37 -5.18 -2.01 15.57
N ALA A 38 -5.80 -3.20 15.52
CA ALA A 38 -5.09 -4.46 15.64
C ALA A 38 -4.14 -4.68 14.46
N LYS A 39 -4.67 -4.83 13.25
CA LYS A 39 -3.82 -5.00 12.06
C LYS A 39 -3.02 -3.73 11.76
N ARG A 40 -3.51 -2.56 12.17
CA ARG A 40 -2.72 -1.32 12.15
C ARG A 40 -1.41 -1.54 12.89
N GLU A 41 -1.49 -1.99 14.14
CA GLU A 41 -0.33 -2.11 15.02
C GLU A 41 0.63 -3.20 14.54
N GLU A 42 0.13 -4.26 13.89
CA GLU A 42 1.00 -5.26 13.28
C GLU A 42 1.77 -4.65 12.12
N MET A 43 1.09 -3.87 11.27
CA MET A 43 1.66 -3.24 10.09
C MET A 43 2.89 -2.40 10.46
N ILE A 44 2.91 -1.75 11.63
CA ILE A 44 4.07 -1.02 12.14
C ILE A 44 5.28 -1.94 12.09
N LYS A 45 5.19 -3.09 12.76
CA LYS A 45 6.25 -4.07 12.90
C LYS A 45 6.47 -4.88 11.61
N ARG A 46 5.70 -4.65 10.54
CA ARG A 46 6.00 -5.22 9.23
C ARG A 46 6.58 -4.19 8.26
N SER A 47 6.60 -2.89 8.59
CA SER A 47 6.99 -1.84 7.66
C SER A 47 8.14 -0.96 8.16
N GLY A 48 8.22 -0.76 9.48
CA GLY A 48 9.10 0.23 10.08
C GLY A 48 8.47 1.62 10.05
N ARG A 49 7.18 1.78 9.70
CA ARG A 49 6.46 3.05 9.73
C ARG A 49 5.15 2.87 10.46
N THR A 50 4.73 3.88 11.20
CA THR A 50 3.40 3.87 11.80
C THR A 50 2.41 4.50 10.79
N THR A 51 2.91 5.30 9.84
CA THR A 51 2.08 6.12 8.99
C THR A 51 1.55 5.34 7.79
N VAL A 52 0.31 5.63 7.39
CA VAL A 52 -0.27 5.17 6.13
C VAL A 52 0.01 6.18 4.99
N PRO A 53 -0.23 5.83 3.71
CA PRO A 53 -0.52 4.49 3.22
C PRO A 53 0.78 3.69 3.21
N GLN A 54 0.67 2.35 3.20
CA GLN A 54 1.80 1.44 3.06
C GLN A 54 1.34 0.34 2.13
N ILE A 55 2.20 -0.16 1.24
CA ILE A 55 1.84 -1.21 0.31
C ILE A 55 2.77 -2.37 0.64
N PHE A 56 2.26 -3.58 0.48
CA PHE A 56 3.01 -4.82 0.51
C PHE A 56 2.58 -5.58 -0.73
N ILE A 57 3.48 -6.33 -1.35
CA ILE A 57 3.15 -7.26 -2.42
C ILE A 57 3.85 -8.54 -2.01
N ASP A 58 3.11 -9.64 -1.88
CA ASP A 58 3.65 -10.96 -1.59
C ASP A 58 4.51 -10.94 -0.32
N ALA A 59 4.08 -10.15 0.66
CA ALA A 59 4.70 -9.83 1.95
C ALA A 59 5.96 -8.95 1.86
N GLN A 60 6.48 -8.64 0.68
CA GLN A 60 7.53 -7.66 0.48
C GLN A 60 6.92 -6.26 0.65
N HIS A 61 7.31 -5.56 1.72
CA HIS A 61 6.94 -4.17 1.94
C HIS A 61 7.54 -3.31 0.84
N ILE A 62 6.76 -2.42 0.22
CA ILE A 62 7.29 -1.51 -0.78
C ILE A 62 7.82 -0.26 -0.05
N GLY A 63 6.92 0.35 0.70
CA GLY A 63 7.04 1.65 1.32
C GLY A 63 5.61 2.21 1.24
N GLY A 64 5.50 3.53 1.14
CA GLY A 64 4.27 4.24 0.94
C GLY A 64 3.97 4.45 -0.53
N TYR A 65 3.10 5.41 -0.78
CA TYR A 65 2.52 5.78 -2.06
C TYR A 65 3.58 6.33 -3.02
N ASP A 66 4.29 7.41 -2.66
CA ASP A 66 5.31 7.98 -3.56
C ASP A 66 6.48 7.01 -3.75
N ASP A 67 6.70 6.11 -2.78
CA ASP A 67 7.64 5.01 -2.93
C ASP A 67 7.11 4.07 -4.00
N LEU A 68 5.84 3.65 -3.94
CA LEU A 68 5.27 2.74 -4.93
C LEU A 68 5.20 3.37 -6.31
N TYR A 69 4.77 4.62 -6.43
CA TYR A 69 4.67 5.39 -7.67
C TYR A 69 5.97 5.28 -8.47
N ALA A 70 7.10 5.60 -7.83
CA ALA A 70 8.39 5.47 -8.48
C ALA A 70 8.72 4.00 -8.77
N LEU A 71 8.40 3.09 -7.85
CA LEU A 71 8.67 1.66 -8.01
C LEU A 71 7.86 1.09 -9.19
N ASP A 72 6.63 1.56 -9.39
CA ASP A 72 5.84 1.28 -10.57
C ASP A 72 6.58 1.81 -11.78
N ALA A 73 6.92 3.10 -11.77
CA ALA A 73 7.48 3.79 -12.93
C ALA A 73 8.84 3.23 -13.36
N ARG A 74 9.58 2.65 -12.43
CA ARG A 74 10.84 1.95 -12.69
C ARG A 74 10.56 0.59 -13.34
N GLY A 75 9.34 0.06 -13.23
CA GLY A 75 8.95 -1.25 -13.70
C GLY A 75 9.23 -2.34 -12.67
N GLY A 76 9.21 -2.05 -11.37
CA GLY A 76 9.53 -3.03 -10.34
C GLY A 76 8.32 -3.52 -9.58
N LEU A 77 7.17 -2.85 -9.71
CA LEU A 77 5.89 -3.36 -9.21
C LEU A 77 5.50 -4.48 -10.17
N ASP A 78 5.71 -4.25 -11.47
CA ASP A 78 5.30 -5.16 -12.53
C ASP A 78 5.75 -6.63 -12.30
N PRO A 79 7.05 -6.94 -12.03
CA PRO A 79 7.49 -8.29 -11.71
C PRO A 79 7.14 -8.75 -10.29
N LEU A 80 6.78 -7.84 -9.37
CA LEU A 80 6.31 -8.20 -8.03
C LEU A 80 4.85 -8.63 -8.07
N LEU A 81 4.04 -8.09 -9.00
CA LEU A 81 2.62 -8.39 -9.11
C LEU A 81 2.42 -9.91 -9.19
N LYS A 82 3.20 -10.59 -10.03
CA LYS A 82 3.32 -12.04 -10.14
C LYS A 82 1.96 -12.72 -10.04
N ALA A 1 2.41 -12.37 -6.50
CA ALA A 1 1.58 -11.17 -6.39
C ALA A 1 0.44 -11.31 -5.40
N ASN A 2 0.53 -10.59 -4.28
CA ASN A 2 -0.49 -10.38 -3.28
C ASN A 2 -0.31 -8.94 -2.82
N VAL A 3 -0.84 -8.01 -3.60
CA VAL A 3 -0.67 -6.58 -3.37
C VAL A 3 -1.59 -6.18 -2.21
N GLU A 4 -1.07 -6.09 -1.00
CA GLU A 4 -1.81 -5.50 0.11
C GLU A 4 -1.63 -3.98 0.07
N ILE A 5 -2.61 -3.24 0.57
CA ILE A 5 -2.51 -1.80 0.83
C ILE A 5 -3.30 -1.49 2.10
N TYR A 6 -2.61 -1.02 3.14
CA TYR A 6 -3.23 -0.46 4.32
C TYR A 6 -3.79 0.91 3.96
N THR A 7 -5.01 1.21 4.36
CA THR A 7 -5.75 2.37 3.91
C THR A 7 -6.56 2.96 5.05
N LYS A 8 -7.01 4.20 4.91
CA LYS A 8 -8.00 4.77 5.82
C LYS A 8 -8.96 5.60 4.98
N GLU A 9 -10.13 5.90 5.54
CA GLU A 9 -11.06 6.86 4.98
C GLU A 9 -10.39 8.23 4.96
N THR A 10 -10.23 8.88 6.12
CA THR A 10 -9.54 10.14 6.24
C THR A 10 -8.03 9.86 6.18
N CYS A 11 -7.51 9.85 4.96
CA CYS A 11 -6.11 9.83 4.57
C CYS A 11 -6.11 10.19 3.07
N PRO A 12 -5.84 11.44 2.65
CA PRO A 12 -5.79 11.77 1.23
C PRO A 12 -4.64 11.02 0.57
N TYR A 13 -3.52 10.90 1.27
CA TYR A 13 -2.37 10.06 0.93
C TYR A 13 -2.71 8.56 0.91
N SER A 14 -3.96 8.14 1.16
CA SER A 14 -4.43 6.77 0.92
C SER A 14 -5.14 6.80 -0.43
N HIS A 15 -5.96 7.83 -0.71
CA HIS A 15 -6.69 7.89 -1.99
C HIS A 15 -5.78 8.23 -3.16
N ARG A 16 -4.65 8.91 -2.93
CA ARG A 16 -3.59 9.09 -3.93
C ARG A 16 -3.17 7.73 -4.51
N ALA A 17 -2.93 6.73 -3.67
CA ALA A 17 -2.55 5.39 -4.11
C ALA A 17 -3.65 4.72 -4.93
N LYS A 18 -4.91 5.10 -4.73
CA LYS A 18 -6.00 4.66 -5.58
C LYS A 18 -5.98 5.42 -6.88
N ALA A 19 -5.80 6.74 -6.90
CA ALA A 19 -5.65 7.44 -8.17
C ALA A 19 -4.49 6.88 -8.99
N LEU A 20 -3.46 6.30 -8.35
CA LEU A 20 -2.40 5.56 -9.03
C LEU A 20 -2.91 4.18 -9.46
N LEU A 21 -3.16 3.28 -8.51
CA LEU A 21 -3.44 1.87 -8.79
C LEU A 21 -4.71 1.72 -9.63
N SER A 22 -5.69 2.58 -9.44
CA SER A 22 -6.92 2.61 -10.21
C SER A 22 -6.68 3.27 -11.57
N SER A 23 -5.74 4.24 -11.74
CA SER A 23 -5.37 4.66 -13.09
C SER A 23 -4.82 3.43 -13.82
N LYS A 24 -4.00 2.64 -13.13
CA LYS A 24 -3.41 1.40 -13.65
C LYS A 24 -4.38 0.21 -13.68
N GLY A 25 -5.58 0.32 -13.11
CA GLY A 25 -6.58 -0.74 -13.03
C GLY A 25 -6.14 -1.99 -12.24
N VAL A 26 -5.24 -1.86 -11.27
CA VAL A 26 -4.67 -3.00 -10.53
C VAL A 26 -5.60 -3.40 -9.39
N SER A 27 -5.74 -4.70 -9.11
CA SER A 27 -6.40 -5.18 -7.91
C SER A 27 -5.44 -4.98 -6.72
N PHE A 28 -5.97 -5.05 -5.51
CA PHE A 28 -5.27 -4.95 -4.24
C PHE A 28 -6.18 -5.55 -3.15
N GLN A 29 -5.58 -6.04 -2.07
CA GLN A 29 -6.19 -6.46 -0.84
C GLN A 29 -6.11 -5.20 0.00
N GLU A 30 -7.22 -4.49 0.09
CA GLU A 30 -7.31 -3.33 0.97
C GLU A 30 -7.40 -3.80 2.43
N LEU A 31 -6.69 -3.11 3.32
CA LEU A 31 -6.65 -3.30 4.75
C LEU A 31 -7.04 -1.97 5.42
N PRO A 32 -8.34 -1.63 5.52
CA PRO A 32 -8.79 -0.42 6.20
C PRO A 32 -8.41 -0.45 7.68
N ILE A 33 -7.90 0.67 8.16
CA ILE A 33 -7.54 0.95 9.54
C ILE A 33 -8.39 2.10 10.09
N ASP A 34 -9.48 2.47 9.43
CA ASP A 34 -10.35 3.52 9.94
C ASP A 34 -11.01 3.10 11.25
N GLY A 35 -11.77 2.01 11.28
CA GLY A 35 -12.42 1.51 12.49
C GLY A 35 -11.58 0.43 13.18
N ASN A 36 -10.31 0.29 12.82
CA ASN A 36 -9.44 -0.81 13.21
C ASN A 36 -8.09 -0.26 13.62
N ALA A 37 -7.81 -0.23 14.92
CA ALA A 37 -6.49 0.13 15.45
C ALA A 37 -5.61 -1.10 15.70
N ALA A 38 -6.18 -2.32 15.68
CA ALA A 38 -5.44 -3.56 15.91
C ALA A 38 -4.40 -3.76 14.84
N LYS A 39 -4.84 -4.00 13.60
CA LYS A 39 -3.94 -4.19 12.50
C LYS A 39 -3.20 -2.89 12.16
N ARG A 40 -3.69 -1.72 12.58
CA ARG A 40 -2.97 -0.45 12.47
C ARG A 40 -1.70 -0.46 13.33
N GLU A 41 -1.72 -1.15 14.46
CA GLU A 41 -0.53 -1.33 15.29
C GLU A 41 0.40 -2.31 14.59
N GLU A 42 -0.13 -3.45 14.15
CA GLU A 42 0.65 -4.50 13.47
C GLU A 42 1.34 -3.95 12.23
N MET A 43 0.72 -3.02 11.51
CA MET A 43 1.31 -2.38 10.34
C MET A 43 2.64 -1.72 10.69
N ILE A 44 2.77 -1.12 11.88
CA ILE A 44 4.00 -0.50 12.31
C ILE A 44 5.05 -1.61 12.43
N LYS A 45 4.76 -2.69 13.15
CA LYS A 45 5.66 -3.84 13.25
C LYS A 45 6.04 -4.36 11.86
N ARG A 46 5.08 -4.47 10.95
CA ARG A 46 5.34 -4.97 9.59
C ARG A 46 6.14 -3.98 8.75
N SER A 47 6.20 -2.69 9.10
CA SER A 47 6.76 -1.66 8.22
C SER A 47 7.94 -0.88 8.81
N GLY A 48 8.20 -0.96 10.11
CA GLY A 48 9.13 -0.10 10.81
C GLY A 48 8.80 1.39 10.59
N ARG A 49 7.54 1.72 10.26
CA ARG A 49 7.05 3.06 9.89
C ARG A 49 5.63 3.16 10.39
N THR A 50 5.22 4.34 10.84
CA THR A 50 3.90 4.61 11.39
C THR A 50 2.88 5.04 10.33
N THR A 51 3.37 5.54 9.20
CA THR A 51 2.52 6.20 8.23
C THR A 51 1.77 5.20 7.36
N VAL A 52 0.53 5.53 7.00
CA VAL A 52 -0.28 4.85 6.00
C VAL A 52 -0.14 5.63 4.68
N PRO A 53 -0.30 4.97 3.52
CA PRO A 53 -0.48 3.55 3.35
C PRO A 53 0.84 2.83 3.45
N GLN A 54 0.76 1.53 3.70
CA GLN A 54 1.87 0.62 3.62
C GLN A 54 1.39 -0.44 2.63
N ILE A 55 2.10 -0.56 1.51
CA ILE A 55 1.86 -1.56 0.52
C ILE A 55 2.83 -2.69 0.84
N PHE A 56 2.43 -3.91 0.54
CA PHE A 56 3.29 -5.08 0.55
C PHE A 56 2.93 -5.86 -0.69
N ILE A 57 3.90 -6.58 -1.25
CA ILE A 57 3.64 -7.52 -2.32
C ILE A 57 4.44 -8.76 -1.96
N ASP A 58 3.76 -9.87 -1.70
CA ASP A 58 4.39 -11.16 -1.37
C ASP A 58 5.35 -11.00 -0.18
N ALA A 59 4.92 -10.21 0.81
CA ALA A 59 5.60 -9.81 2.05
C ALA A 59 6.77 -8.85 1.83
N GLN A 60 7.10 -8.51 0.59
CA GLN A 60 8.11 -7.52 0.23
C GLN A 60 7.50 -6.16 0.51
N HIS A 61 8.11 -5.43 1.44
CA HIS A 61 7.59 -4.17 1.95
C HIS A 61 8.05 -3.05 1.03
N ILE A 62 7.16 -2.14 0.65
CA ILE A 62 7.49 -1.08 -0.29
C ILE A 62 8.13 0.08 0.47
N GLY A 63 7.41 0.70 1.39
CA GLY A 63 7.87 1.75 2.28
C GLY A 63 6.84 2.85 2.50
N GLY A 64 5.92 3.03 1.55
CA GLY A 64 4.97 4.12 1.47
C GLY A 64 4.38 4.16 0.06
N TYR A 65 3.53 5.13 -0.21
CA TYR A 65 2.95 5.36 -1.53
C TYR A 65 3.98 6.00 -2.45
N ASP A 66 4.70 7.03 -2.01
CA ASP A 66 5.72 7.67 -2.84
C ASP A 66 6.81 6.63 -3.19
N ASP A 67 7.08 5.70 -2.28
CA ASP A 67 7.95 4.55 -2.57
C ASP A 67 7.32 3.72 -3.70
N LEU A 68 6.05 3.34 -3.57
CA LEU A 68 5.35 2.54 -4.57
C LEU A 68 5.38 3.20 -5.93
N TYR A 69 5.07 4.49 -6.02
CA TYR A 69 4.91 5.21 -7.28
C TYR A 69 6.21 5.05 -8.06
N ALA A 70 7.35 5.39 -7.43
CA ALA A 70 8.66 5.30 -8.06
C ALA A 70 9.01 3.84 -8.39
N LEU A 71 8.70 2.91 -7.48
CA LEU A 71 8.83 1.47 -7.67
C LEU A 71 8.05 1.02 -8.90
N ASP A 72 6.82 1.47 -9.06
CA ASP A 72 5.96 1.12 -10.18
C ASP A 72 6.54 1.73 -11.46
N ALA A 73 6.72 3.05 -11.47
CA ALA A 73 7.03 3.84 -12.64
C ALA A 73 8.34 3.45 -13.33
N ARG A 74 9.27 2.81 -12.64
CA ARG A 74 10.50 2.27 -13.20
C ARG A 74 10.37 0.87 -13.79
N GLY A 75 9.26 0.19 -13.53
CA GLY A 75 9.02 -1.19 -13.90
C GLY A 75 9.32 -2.16 -12.75
N GLY A 76 9.25 -1.76 -11.49
CA GLY A 76 9.46 -2.62 -10.34
C GLY A 76 8.18 -3.37 -9.96
N LEU A 77 7.04 -2.67 -9.91
CA LEU A 77 5.79 -3.25 -9.41
C LEU A 77 5.27 -4.21 -10.47
N ASP A 78 5.29 -3.79 -11.73
CA ASP A 78 4.70 -4.56 -12.82
C ASP A 78 5.17 -6.03 -12.86
N PRO A 79 6.47 -6.37 -12.82
CA PRO A 79 6.90 -7.75 -12.74
C PRO A 79 6.64 -8.43 -11.38
N LEU A 80 6.47 -7.70 -10.28
CA LEU A 80 5.98 -8.26 -9.00
C LEU A 80 4.47 -8.54 -9.05
N LEU A 81 3.77 -8.14 -10.12
CA LEU A 81 2.33 -8.34 -10.30
C LEU A 81 2.01 -9.74 -10.82
N LYS A 82 2.94 -10.70 -10.73
CA LYS A 82 2.73 -12.11 -10.96
C LYS A 82 3.15 -12.80 -9.67
N ALA A 1 -1.03 -12.48 -7.55
CA ALA A 1 -0.13 -11.75 -6.65
C ALA A 1 -0.98 -11.04 -5.61
N ASN A 2 -0.52 -10.98 -4.36
CA ASN A 2 -1.30 -10.50 -3.24
C ASN A 2 -0.82 -9.09 -2.90
N VAL A 3 -1.18 -8.18 -3.80
CA VAL A 3 -0.94 -6.76 -3.67
C VAL A 3 -1.93 -6.24 -2.61
N GLU A 4 -1.46 -5.61 -1.53
CA GLU A 4 -2.32 -5.02 -0.50
C GLU A 4 -1.86 -3.60 -0.19
N ILE A 5 -2.75 -2.77 0.34
CA ILE A 5 -2.50 -1.37 0.66
C ILE A 5 -3.26 -1.03 1.95
N TYR A 6 -2.51 -0.73 3.01
CA TYR A 6 -3.08 -0.25 4.27
C TYR A 6 -3.52 1.20 4.09
N THR A 7 -4.71 1.52 4.59
CA THR A 7 -5.40 2.79 4.40
C THR A 7 -6.18 3.15 5.67
N LYS A 8 -6.65 4.40 5.76
CA LYS A 8 -7.60 4.82 6.78
C LYS A 8 -8.60 5.74 6.08
N GLU A 9 -9.77 5.98 6.68
CA GLU A 9 -10.70 7.01 6.25
C GLU A 9 -10.03 8.37 6.45
N THR A 10 -10.60 9.45 5.89
CA THR A 10 -10.16 10.82 6.10
C THR A 10 -8.69 11.00 5.73
N CYS A 11 -8.32 10.65 4.50
CA CYS A 11 -6.93 10.64 4.06
C CYS A 11 -6.85 10.73 2.53
N PRO A 12 -6.49 11.87 1.94
CA PRO A 12 -6.36 11.97 0.49
C PRO A 12 -5.12 11.22 -0.01
N TYR A 13 -3.98 11.26 0.69
CA TYR A 13 -2.77 10.51 0.34
C TYR A 13 -3.08 9.01 0.19
N SER A 14 -3.99 8.47 1.02
CA SER A 14 -4.56 7.14 0.86
C SER A 14 -5.35 7.07 -0.44
N HIS A 15 -6.34 7.94 -0.67
CA HIS A 15 -7.19 7.84 -1.86
C HIS A 15 -6.39 7.93 -3.17
N ARG A 16 -5.46 8.88 -3.26
CA ARG A 16 -4.46 8.98 -4.31
C ARG A 16 -3.78 7.65 -4.58
N ALA A 17 -3.34 6.94 -3.54
CA ALA A 17 -2.55 5.74 -3.76
C ALA A 17 -3.32 4.61 -4.44
N LYS A 18 -4.66 4.55 -4.28
CA LYS A 18 -5.46 3.62 -5.07
C LYS A 18 -5.60 4.12 -6.49
N ALA A 19 -5.71 5.43 -6.73
CA ALA A 19 -5.83 5.96 -8.08
C ALA A 19 -4.64 5.57 -8.96
N LEU A 20 -3.44 5.39 -8.38
CA LEU A 20 -2.27 4.94 -9.14
C LEU A 20 -2.50 3.51 -9.61
N LEU A 21 -2.71 2.60 -8.66
CA LEU A 21 -2.90 1.17 -8.91
C LEU A 21 -4.15 0.92 -9.77
N SER A 22 -5.19 1.73 -9.60
CA SER A 22 -6.41 1.74 -10.38
C SER A 22 -6.10 2.21 -11.80
N SER A 23 -5.31 3.27 -12.01
CA SER A 23 -4.88 3.67 -13.33
C SER A 23 -4.04 2.60 -14.02
N LYS A 24 -3.55 1.60 -13.29
CA LYS A 24 -2.78 0.47 -13.78
C LYS A 24 -3.63 -0.80 -13.88
N GLY A 25 -4.94 -0.74 -13.59
CA GLY A 25 -5.83 -1.88 -13.66
C GLY A 25 -5.40 -3.02 -12.72
N VAL A 26 -4.75 -2.71 -11.59
CA VAL A 26 -4.19 -3.77 -10.75
C VAL A 26 -5.31 -4.29 -9.86
N SER A 27 -5.18 -5.54 -9.43
CA SER A 27 -6.03 -6.13 -8.41
C SER A 27 -5.25 -6.05 -7.10
N PHE A 28 -5.65 -5.13 -6.23
CA PHE A 28 -5.07 -4.91 -4.91
C PHE A 28 -6.12 -5.24 -3.83
N GLN A 29 -5.77 -5.05 -2.57
CA GLN A 29 -6.64 -5.26 -1.43
C GLN A 29 -6.42 -4.09 -0.49
N GLU A 30 -7.38 -3.18 -0.43
CA GLU A 30 -7.39 -2.14 0.57
C GLU A 30 -7.55 -2.79 1.95
N LEU A 31 -6.85 -2.25 2.97
CA LEU A 31 -6.80 -2.79 4.32
C LEU A 31 -7.01 -1.65 5.33
N PRO A 32 -8.22 -1.45 5.85
CA PRO A 32 -8.52 -0.41 6.83
C PRO A 32 -7.77 -0.62 8.15
N ILE A 33 -6.81 0.24 8.49
CA ILE A 33 -6.25 0.22 9.84
C ILE A 33 -7.20 0.87 10.85
N ASP A 34 -8.02 1.83 10.42
CA ASP A 34 -8.80 2.69 11.32
C ASP A 34 -9.72 1.93 12.27
N GLY A 35 -10.42 0.91 11.76
CA GLY A 35 -11.40 0.17 12.55
C GLY A 35 -10.75 -0.69 13.63
N ASN A 36 -9.44 -0.96 13.56
CA ASN A 36 -8.76 -1.91 14.41
C ASN A 36 -7.41 -1.30 14.80
N ALA A 37 -7.40 -0.54 15.89
CA ALA A 37 -6.19 -0.02 16.52
C ALA A 37 -5.19 -1.14 16.83
N ALA A 38 -5.66 -2.38 17.02
CA ALA A 38 -4.82 -3.56 17.17
C ALA A 38 -3.95 -3.74 15.93
N LYS A 39 -4.56 -3.93 14.76
CA LYS A 39 -3.79 -4.14 13.53
C LYS A 39 -3.07 -2.86 13.11
N ARG A 40 -3.50 -1.67 13.56
CA ARG A 40 -2.74 -0.44 13.39
C ARG A 40 -1.36 -0.59 14.05
N GLU A 41 -1.29 -1.17 15.25
CA GLU A 41 -0.03 -1.50 15.90
C GLU A 41 0.72 -2.57 15.10
N GLU A 42 0.05 -3.65 14.69
CA GLU A 42 0.67 -4.77 13.97
C GLU A 42 1.39 -4.24 12.72
N MET A 43 0.75 -3.33 12.00
CA MET A 43 1.25 -2.71 10.78
C MET A 43 2.55 -1.94 11.01
N ILE A 44 2.84 -1.48 12.24
CA ILE A 44 4.13 -0.90 12.57
C ILE A 44 5.22 -1.94 12.34
N LYS A 45 5.03 -3.18 12.83
CA LYS A 45 6.00 -4.23 12.63
C LYS A 45 6.07 -4.64 11.16
N ARG A 46 4.95 -4.58 10.43
CA ARG A 46 4.94 -4.81 8.99
C ARG A 46 5.74 -3.76 8.21
N SER A 47 6.07 -2.59 8.78
CA SER A 47 6.60 -1.51 7.96
C SER A 47 7.76 -0.68 8.51
N GLY A 48 8.13 -0.79 9.79
CA GLY A 48 9.08 0.15 10.40
C GLY A 48 8.54 1.58 10.39
N ARG A 49 7.23 1.78 10.23
CA ARG A 49 6.56 3.05 9.99
C ARG A 49 5.22 3.04 10.72
N THR A 50 4.47 4.11 10.57
CA THR A 50 3.19 4.32 11.22
C THR A 50 2.19 4.90 10.22
N THR A 51 2.63 5.83 9.37
CA THR A 51 1.71 6.58 8.54
C THR A 51 1.22 5.76 7.36
N VAL A 52 -0.04 5.94 7.00
CA VAL A 52 -0.65 5.40 5.79
C VAL A 52 -0.60 6.40 4.62
N PRO A 53 -0.79 5.92 3.36
CA PRO A 53 -0.90 4.51 2.99
C PRO A 53 0.50 3.88 2.90
N GLN A 54 0.54 2.55 2.90
CA GLN A 54 1.73 1.77 2.63
C GLN A 54 1.28 0.55 1.85
N ILE A 55 2.12 0.04 0.95
CA ILE A 55 1.72 -0.97 0.00
C ILE A 55 2.63 -2.17 0.24
N PHE A 56 2.14 -3.35 -0.16
CA PHE A 56 2.76 -4.64 0.01
C PHE A 56 2.47 -5.42 -1.27
N ILE A 57 3.38 -6.30 -1.67
CA ILE A 57 3.16 -7.28 -2.73
C ILE A 57 3.62 -8.60 -2.14
N ASP A 58 2.70 -9.55 -2.00
CA ASP A 58 2.96 -10.89 -1.46
C ASP A 58 3.50 -10.78 -0.03
N ALA A 59 2.96 -9.80 0.70
CA ALA A 59 3.36 -9.32 2.03
C ALA A 59 4.76 -8.71 2.08
N GLN A 60 5.50 -8.62 0.98
CA GLN A 60 6.77 -7.90 0.92
C GLN A 60 6.43 -6.42 0.81
N HIS A 61 6.66 -5.68 1.90
CA HIS A 61 6.41 -4.25 2.05
C HIS A 61 7.18 -3.45 1.00
N ILE A 62 6.51 -2.54 0.30
CA ILE A 62 7.18 -1.67 -0.66
C ILE A 62 7.88 -0.55 0.12
N GLY A 63 7.07 0.29 0.78
CA GLY A 63 7.43 1.54 1.40
C GLY A 63 6.14 2.36 1.51
N GLY A 64 6.23 3.68 1.44
CA GLY A 64 5.10 4.59 1.32
C GLY A 64 4.56 4.68 -0.12
N TYR A 65 3.72 5.67 -0.39
CA TYR A 65 3.12 5.89 -1.72
C TYR A 65 4.16 6.39 -2.70
N ASP A 66 4.91 7.44 -2.37
CA ASP A 66 5.89 8.00 -3.29
C ASP A 66 7.00 6.99 -3.56
N ASP A 67 7.22 6.09 -2.60
CA ASP A 67 8.11 4.96 -2.72
C ASP A 67 7.52 4.00 -3.73
N LEU A 68 6.24 3.61 -3.61
CA LEU A 68 5.57 2.73 -4.59
C LEU A 68 5.63 3.35 -5.98
N TYR A 69 5.30 4.63 -6.10
CA TYR A 69 5.26 5.38 -7.35
C TYR A 69 6.64 5.24 -7.98
N ALA A 70 7.70 5.56 -7.23
CA ALA A 70 9.07 5.48 -7.74
C ALA A 70 9.45 4.04 -8.08
N LEU A 71 8.91 3.05 -7.36
CA LEU A 71 9.13 1.63 -7.60
C LEU A 71 8.42 1.21 -8.89
N ASP A 72 7.22 1.72 -9.14
CA ASP A 72 6.51 1.54 -10.39
C ASP A 72 7.30 2.13 -11.54
N ALA A 73 7.67 3.41 -11.42
CA ALA A 73 8.44 4.16 -12.40
C ALA A 73 9.81 3.55 -12.71
N ARG A 74 10.39 2.76 -11.78
CA ARG A 74 11.63 2.01 -12.00
C ARG A 74 11.40 0.74 -12.80
N GLY A 75 10.16 0.28 -12.87
CA GLY A 75 9.77 -1.00 -13.38
C GLY A 75 10.09 -2.08 -12.36
N GLY A 76 9.50 -2.02 -11.15
CA GLY A 76 9.55 -3.11 -10.19
C GLY A 76 8.18 -3.51 -9.67
N LEU A 77 7.19 -2.60 -9.67
CA LEU A 77 5.85 -2.94 -9.20
C LEU A 77 5.26 -3.81 -10.30
N ASP A 78 5.37 -3.32 -11.53
CA ASP A 78 4.74 -3.95 -12.69
C ASP A 78 5.25 -5.39 -12.90
N PRO A 79 6.58 -5.67 -12.96
CA PRO A 79 7.07 -7.05 -13.07
C PRO A 79 6.93 -7.89 -11.79
N LEU A 80 6.57 -7.32 -10.63
CA LEU A 80 6.22 -8.10 -9.44
C LEU A 80 4.73 -8.47 -9.42
N LEU A 81 3.92 -7.97 -10.36
CA LEU A 81 2.50 -8.29 -10.40
C LEU A 81 2.29 -9.77 -10.81
N LYS A 82 3.31 -10.44 -11.37
CA LYS A 82 3.26 -11.79 -11.92
C LYS A 82 3.23 -12.84 -10.82
N ALA A 1 2.95 -11.20 -6.77
CA ALA A 1 1.72 -11.58 -6.07
C ALA A 1 1.56 -10.73 -4.81
N ASN A 2 0.57 -11.06 -3.98
CA ASN A 2 0.19 -10.54 -2.66
C ASN A 2 0.42 -9.03 -2.57
N VAL A 3 -0.34 -8.28 -3.36
CA VAL A 3 -0.30 -6.82 -3.37
C VAL A 3 -1.37 -6.37 -2.39
N GLU A 4 -1.00 -5.98 -1.17
CA GLU A 4 -1.94 -5.43 -0.19
C GLU A 4 -1.53 -3.99 0.12
N ILE A 5 -2.49 -3.09 0.33
CA ILE A 5 -2.27 -1.69 0.64
C ILE A 5 -3.08 -1.32 1.88
N TYR A 6 -2.40 -0.92 2.94
CA TYR A 6 -3.00 -0.38 4.14
C TYR A 6 -3.48 1.04 3.82
N THR A 7 -4.71 1.34 4.21
CA THR A 7 -5.46 2.52 3.86
C THR A 7 -6.26 2.96 5.09
N LYS A 8 -6.67 4.22 5.15
CA LYS A 8 -7.46 4.76 6.24
C LYS A 8 -8.37 5.85 5.66
N GLU A 9 -9.56 6.03 6.21
CA GLU A 9 -10.47 7.15 5.94
C GLU A 9 -9.97 8.52 6.41
N THR A 10 -10.66 9.59 5.96
CA THR A 10 -10.34 11.02 6.13
C THR A 10 -8.84 11.30 5.90
N CYS A 11 -8.29 10.67 4.87
CA CYS A 11 -6.87 10.61 4.62
C CYS A 11 -6.68 10.52 3.10
N PRO A 12 -6.48 11.66 2.41
CA PRO A 12 -6.36 11.64 0.97
C PRO A 12 -5.09 10.95 0.48
N TYR A 13 -3.93 11.03 1.17
CA TYR A 13 -2.69 10.35 0.77
C TYR A 13 -2.89 8.83 0.73
N SER A 14 -3.79 8.29 1.57
CA SER A 14 -4.24 6.91 1.47
C SER A 14 -4.96 6.73 0.13
N HIS A 15 -6.01 7.52 -0.12
CA HIS A 15 -6.86 7.31 -1.30
C HIS A 15 -6.11 7.52 -2.61
N ARG A 16 -5.28 8.56 -2.68
CA ARG A 16 -4.39 8.86 -3.78
C ARG A 16 -3.52 7.68 -4.16
N ALA A 17 -3.06 6.86 -3.21
CA ALA A 17 -2.27 5.71 -3.59
C ALA A 17 -3.07 4.64 -4.33
N LYS A 18 -4.38 4.54 -4.09
CA LYS A 18 -5.25 3.69 -4.91
C LYS A 18 -5.55 4.35 -6.24
N ALA A 19 -5.61 5.68 -6.32
CA ALA A 19 -5.79 6.35 -7.61
C ALA A 19 -4.69 5.94 -8.59
N LEU A 20 -3.46 5.70 -8.11
CA LEU A 20 -2.39 5.14 -8.93
C LEU A 20 -2.77 3.74 -9.37
N LEU A 21 -2.94 2.82 -8.43
CA LEU A 21 -3.12 1.41 -8.75
C LEU A 21 -4.39 1.17 -9.58
N SER A 22 -5.42 1.98 -9.39
CA SER A 22 -6.65 2.00 -10.16
C SER A 22 -6.38 2.61 -11.55
N SER A 23 -5.59 3.68 -11.65
CA SER A 23 -5.09 4.18 -12.95
C SER A 23 -4.33 3.10 -13.71
N LYS A 24 -3.77 2.12 -13.00
CA LYS A 24 -3.01 1.00 -13.54
C LYS A 24 -3.80 -0.30 -13.58
N GLY A 25 -5.08 -0.27 -13.21
CA GLY A 25 -6.00 -1.39 -13.34
C GLY A 25 -5.57 -2.62 -12.52
N VAL A 26 -4.87 -2.42 -11.41
CA VAL A 26 -4.22 -3.50 -10.69
C VAL A 26 -5.22 -4.19 -9.74
N SER A 27 -4.95 -5.46 -9.44
CA SER A 27 -5.60 -6.24 -8.40
C SER A 27 -4.73 -6.10 -7.17
N PHE A 28 -5.16 -5.26 -6.24
CA PHE A 28 -4.54 -5.02 -4.94
C PHE A 28 -5.62 -5.25 -3.89
N GLN A 29 -5.26 -5.79 -2.73
CA GLN A 29 -6.12 -5.95 -1.59
C GLN A 29 -6.00 -4.68 -0.79
N GLU A 30 -6.97 -3.81 -1.00
CA GLU A 30 -7.15 -2.64 -0.14
C GLU A 30 -7.44 -3.17 1.28
N LEU A 31 -6.86 -2.52 2.29
CA LEU A 31 -6.91 -2.90 3.71
C LEU A 31 -7.22 -1.66 4.54
N PRO A 32 -8.48 -1.40 4.90
CA PRO A 32 -8.90 -0.27 5.71
C PRO A 32 -8.56 -0.55 7.17
N ILE A 33 -7.52 0.08 7.67
CA ILE A 33 -7.20 0.10 9.09
C ILE A 33 -7.99 1.19 9.81
N ASP A 34 -8.88 1.93 9.16
CA ASP A 34 -9.69 2.90 9.89
C ASP A 34 -10.77 2.20 10.73
N GLY A 35 -11.36 2.90 11.70
CA GLY A 35 -12.31 2.32 12.66
C GLY A 35 -11.66 1.24 13.53
N ASN A 36 -10.33 1.21 13.59
CA ASN A 36 -9.49 0.17 14.17
C ASN A 36 -8.15 0.78 14.55
N ALA A 37 -7.48 0.12 15.48
CA ALA A 37 -6.09 0.39 15.83
C ALA A 37 -5.29 -0.91 15.86
N ALA A 38 -5.93 -2.05 16.11
CA ALA A 38 -5.35 -3.39 16.18
C ALA A 38 -4.49 -3.66 14.95
N LYS A 39 -5.09 -3.64 13.76
CA LYS A 39 -4.37 -3.92 12.53
C LYS A 39 -3.38 -2.79 12.20
N ARG A 40 -3.62 -1.54 12.62
CA ARG A 40 -2.57 -0.51 12.52
C ARG A 40 -1.36 -0.89 13.36
N GLU A 41 -1.54 -1.42 14.57
CA GLU A 41 -0.44 -1.87 15.41
C GLU A 41 0.30 -3.04 14.77
N GLU A 42 -0.34 -3.86 13.94
CA GLU A 42 0.37 -4.85 13.13
C GLU A 42 1.14 -4.17 11.99
N MET A 43 0.56 -3.13 11.37
CA MET A 43 1.20 -2.34 10.33
C MET A 43 2.55 -1.80 10.80
N ILE A 44 2.71 -1.53 12.10
CA ILE A 44 3.95 -1.03 12.69
C ILE A 44 5.11 -1.96 12.32
N LYS A 45 5.19 -3.18 12.86
CA LYS A 45 6.33 -4.04 12.56
C LYS A 45 6.34 -4.51 11.10
N ARG A 46 5.18 -4.62 10.45
CA ARG A 46 5.08 -4.90 9.01
C ARG A 46 5.91 -3.87 8.24
N SER A 47 5.67 -2.58 8.48
CA SER A 47 6.23 -1.50 7.68
C SER A 47 7.49 -0.90 8.28
N GLY A 48 7.81 -1.19 9.54
CA GLY A 48 8.85 -0.51 10.29
C GLY A 48 8.63 1.01 10.32
N ARG A 49 7.38 1.47 10.20
CA ARG A 49 6.95 2.87 10.05
C ARG A 49 5.59 3.02 10.72
N THR A 50 5.07 4.25 10.85
CA THR A 50 3.89 4.51 11.68
C THR A 50 2.65 4.93 10.89
N THR A 51 2.80 5.42 9.66
CA THR A 51 1.72 6.07 8.93
C THR A 51 1.37 5.34 7.64
N VAL A 52 0.15 5.52 7.15
CA VAL A 52 -0.34 4.98 5.87
C VAL A 52 0.06 5.90 4.69
N PRO A 53 -0.11 5.45 3.43
CA PRO A 53 -0.41 4.06 3.06
C PRO A 53 0.87 3.24 3.15
N GLN A 54 0.72 1.92 3.30
CA GLN A 54 1.84 1.01 3.36
C GLN A 54 1.49 -0.17 2.47
N ILE A 55 2.34 -0.46 1.50
CA ILE A 55 2.06 -1.47 0.49
C ILE A 55 3.03 -2.61 0.77
N PHE A 56 2.58 -3.81 0.45
CA PHE A 56 3.27 -5.07 0.59
C PHE A 56 3.04 -5.78 -0.74
N ILE A 57 4.07 -6.34 -1.34
CA ILE A 57 4.01 -7.05 -2.61
C ILE A 57 4.78 -8.34 -2.38
N ASP A 58 4.15 -9.49 -2.64
CA ASP A 58 4.63 -10.81 -2.27
C ASP A 58 5.04 -10.79 -0.79
N ALA A 59 4.20 -10.11 0.00
CA ALA A 59 4.32 -9.72 1.41
C ALA A 59 5.54 -8.86 1.76
N GLN A 60 6.47 -8.60 0.83
CA GLN A 60 7.63 -7.74 1.07
C GLN A 60 7.15 -6.30 1.11
N HIS A 61 7.50 -5.58 2.17
CA HIS A 61 7.11 -4.19 2.34
C HIS A 61 7.77 -3.31 1.29
N ILE A 62 7.04 -2.30 0.83
CA ILE A 62 7.60 -1.24 0.00
C ILE A 62 8.19 -0.19 0.95
N GLY A 63 7.39 0.79 1.38
CA GLY A 63 7.88 1.97 2.09
C GLY A 63 6.80 3.02 2.34
N GLY A 64 5.98 3.31 1.33
CA GLY A 64 4.98 4.37 1.36
C GLY A 64 4.39 4.54 -0.04
N TYR A 65 3.59 5.59 -0.26
CA TYR A 65 3.00 5.86 -1.57
C TYR A 65 4.05 6.30 -2.56
N ASP A 66 4.81 7.34 -2.25
CA ASP A 66 5.75 7.95 -3.19
C ASP A 66 6.84 6.94 -3.55
N ASP A 67 7.13 6.06 -2.59
CA ASP A 67 7.96 4.89 -2.71
C ASP A 67 7.33 3.92 -3.71
N LEU A 68 6.06 3.53 -3.52
CA LEU A 68 5.36 2.65 -4.45
C LEU A 68 5.35 3.23 -5.85
N TYR A 69 5.03 4.51 -5.98
CA TYR A 69 5.01 5.29 -7.20
C TYR A 69 6.35 5.11 -7.91
N ALA A 70 7.46 5.35 -7.22
CA ALA A 70 8.77 5.22 -7.84
C ALA A 70 9.01 3.76 -8.26
N LEU A 71 8.68 2.81 -7.39
CA LEU A 71 8.80 1.36 -7.63
C LEU A 71 7.98 0.95 -8.86
N ASP A 72 6.79 1.51 -8.98
CA ASP A 72 5.90 1.35 -10.10
C ASP A 72 6.52 1.97 -11.35
N ALA A 73 6.95 3.22 -11.29
CA ALA A 73 7.39 3.99 -12.45
C ALA A 73 8.67 3.47 -13.08
N ARG A 74 9.53 2.79 -12.31
CA ARG A 74 10.67 2.04 -12.82
C ARG A 74 10.27 0.70 -13.42
N GLY A 75 9.07 0.21 -13.08
CA GLY A 75 8.54 -1.05 -13.55
C GLY A 75 8.93 -2.20 -12.64
N GLY A 76 9.10 -2.01 -11.33
CA GLY A 76 9.32 -3.13 -10.42
C GLY A 76 7.98 -3.62 -9.87
N LEU A 77 6.95 -2.76 -9.79
CA LEU A 77 5.64 -3.14 -9.26
C LEU A 77 4.95 -3.99 -10.32
N ASP A 78 4.84 -3.44 -11.52
CA ASP A 78 4.02 -4.00 -12.59
C ASP A 78 4.27 -5.51 -12.83
N PRO A 79 5.51 -6.01 -12.98
CA PRO A 79 5.73 -7.43 -13.17
C PRO A 79 5.63 -8.23 -11.87
N LEU A 80 5.85 -7.60 -10.70
CA LEU A 80 5.71 -8.24 -9.39
C LEU A 80 4.24 -8.40 -9.00
N LEU A 81 3.29 -7.83 -9.75
CA LEU A 81 1.87 -8.08 -9.54
C LEU A 81 1.57 -9.58 -9.63
N LYS A 82 2.20 -10.28 -10.57
CA LYS A 82 2.03 -11.69 -10.87
C LYS A 82 2.36 -12.49 -9.63
N ALA A 1 2.14 -12.98 -6.05
CA ALA A 1 0.87 -12.33 -5.72
C ALA A 1 0.69 -12.12 -4.22
N ASN A 2 0.83 -10.86 -3.75
CA ASN A 2 0.36 -10.44 -2.44
C ASN A 2 0.24 -8.92 -2.35
N VAL A 3 -0.49 -8.25 -3.25
CA VAL A 3 -0.57 -6.79 -3.23
C VAL A 3 -1.56 -6.44 -2.11
N GLU A 4 -1.09 -5.74 -1.07
CA GLU A 4 -1.86 -5.25 0.05
C GLU A 4 -1.51 -3.78 0.23
N ILE A 5 -2.49 -2.91 0.53
CA ILE A 5 -2.31 -1.47 0.67
C ILE A 5 -3.15 -1.02 1.86
N TYR A 6 -2.49 -0.59 2.93
CA TYR A 6 -3.14 -0.10 4.13
C TYR A 6 -3.61 1.33 3.92
N THR A 7 -4.83 1.63 4.34
CA THR A 7 -5.53 2.87 4.09
C THR A 7 -6.29 3.30 5.33
N LYS A 8 -6.63 4.58 5.46
CA LYS A 8 -7.51 5.05 6.52
C LYS A 8 -8.39 6.16 5.96
N GLU A 9 -9.52 6.40 6.61
CA GLU A 9 -10.55 7.37 6.23
C GLU A 9 -9.98 8.78 6.02
N THR A 10 -9.56 9.45 7.10
CA THR A 10 -9.10 10.84 7.09
C THR A 10 -7.66 10.91 6.53
N CYS A 11 -7.51 10.66 5.22
CA CYS A 11 -6.21 10.57 4.57
C CYS A 11 -6.34 10.60 3.04
N PRO A 12 -6.19 11.76 2.37
CA PRO A 12 -6.18 11.79 0.91
C PRO A 12 -4.91 11.13 0.35
N TYR A 13 -3.77 11.18 1.05
CA TYR A 13 -2.55 10.48 0.65
C TYR A 13 -2.77 8.95 0.59
N SER A 14 -3.76 8.42 1.34
CA SER A 14 -4.23 7.05 1.20
C SER A 14 -4.95 6.93 -0.14
N HIS A 15 -5.97 7.76 -0.41
CA HIS A 15 -6.74 7.71 -1.66
C HIS A 15 -5.85 7.79 -2.88
N ARG A 16 -4.88 8.69 -2.86
CA ARG A 16 -3.83 8.83 -3.86
C ARG A 16 -3.22 7.48 -4.23
N ALA A 17 -2.85 6.64 -3.26
CA ALA A 17 -2.19 5.39 -3.61
C ALA A 17 -3.10 4.40 -4.31
N LYS A 18 -4.42 4.45 -4.09
CA LYS A 18 -5.35 3.68 -4.89
C LYS A 18 -5.55 4.31 -6.26
N ALA A 19 -5.58 5.64 -6.35
CA ALA A 19 -5.61 6.33 -7.63
C ALA A 19 -4.42 5.92 -8.49
N LEU A 20 -3.25 5.69 -7.88
CA LEU A 20 -2.10 5.13 -8.57
C LEU A 20 -2.43 3.73 -9.05
N LEU A 21 -2.70 2.81 -8.12
CA LEU A 21 -2.92 1.42 -8.49
C LEU A 21 -4.01 1.26 -9.55
N SER A 22 -5.14 1.94 -9.42
CA SER A 22 -6.21 1.94 -10.40
C SER A 22 -5.81 2.66 -11.70
N SER A 23 -5.03 3.73 -11.66
CA SER A 23 -4.46 4.31 -12.88
C SER A 23 -3.59 3.29 -13.62
N LYS A 24 -2.87 2.42 -12.89
CA LYS A 24 -2.08 1.31 -13.45
C LYS A 24 -2.93 0.06 -13.70
N GLY A 25 -4.23 0.09 -13.40
CA GLY A 25 -5.15 -1.02 -13.53
C GLY A 25 -4.75 -2.24 -12.69
N VAL A 26 -4.01 -2.06 -11.60
CA VAL A 26 -3.51 -3.15 -10.77
C VAL A 26 -4.59 -3.58 -9.78
N SER A 27 -4.50 -4.84 -9.40
CA SER A 27 -5.31 -5.53 -8.40
C SER A 27 -4.59 -5.49 -7.06
N PHE A 28 -5.30 -5.17 -5.99
CA PHE A 28 -4.76 -5.04 -4.64
C PHE A 28 -5.84 -5.39 -3.62
N GLN A 29 -5.45 -5.55 -2.36
CA GLN A 29 -6.32 -5.71 -1.21
C GLN A 29 -6.08 -4.48 -0.37
N GLU A 30 -7.06 -3.59 -0.39
CA GLU A 30 -7.08 -2.46 0.51
C GLU A 30 -7.38 -2.97 1.93
N LEU A 31 -6.70 -2.43 2.94
CA LEU A 31 -6.84 -2.77 4.34
C LEU A 31 -7.13 -1.48 5.13
N PRO A 32 -8.41 -1.14 5.39
CA PRO A 32 -8.74 -0.05 6.29
C PRO A 32 -8.20 -0.32 7.70
N ILE A 33 -7.80 0.76 8.36
CA ILE A 33 -7.29 0.77 9.73
C ILE A 33 -7.85 1.94 10.54
N ASP A 34 -8.68 2.83 9.97
CA ASP A 34 -9.32 3.87 10.76
C ASP A 34 -10.32 3.28 11.75
N GLY A 35 -11.00 2.19 11.36
CA GLY A 35 -11.93 1.46 12.22
C GLY A 35 -11.30 0.20 12.81
N ASN A 36 -9.98 0.02 12.68
CA ASN A 36 -9.29 -1.22 12.98
C ASN A 36 -7.88 -0.91 13.48
N ALA A 37 -7.72 -0.81 14.80
CA ALA A 37 -6.40 -0.63 15.40
C ALA A 37 -5.58 -1.92 15.38
N ALA A 38 -6.23 -3.09 15.35
CA ALA A 38 -5.62 -4.41 15.43
C ALA A 38 -4.64 -4.65 14.28
N LYS A 39 -5.14 -4.69 13.05
CA LYS A 39 -4.28 -4.84 11.88
C LYS A 39 -3.40 -3.60 11.68
N ARG A 40 -3.72 -2.45 12.28
CA ARG A 40 -2.76 -1.36 12.26
C ARG A 40 -1.55 -1.73 13.08
N GLU A 41 -1.72 -2.33 14.26
CA GLU A 41 -0.64 -2.76 15.13
C GLU A 41 0.29 -3.67 14.33
N GLU A 42 -0.29 -4.63 13.60
CA GLU A 42 0.42 -5.51 12.69
C GLU A 42 1.18 -4.71 11.62
N MET A 43 0.50 -3.79 10.90
CA MET A 43 1.11 -2.96 9.87
C MET A 43 2.24 -2.09 10.42
N ILE A 44 2.10 -1.55 11.63
CA ILE A 44 3.14 -0.78 12.29
C ILE A 44 4.35 -1.70 12.44
N LYS A 45 4.17 -2.91 12.99
CA LYS A 45 5.26 -3.85 13.17
C LYS A 45 5.82 -4.36 11.83
N ARG A 46 5.05 -4.35 10.75
CA ARG A 46 5.49 -4.69 9.40
C ARG A 46 6.01 -3.48 8.62
N SER A 47 6.08 -2.28 9.19
CA SER A 47 6.62 -1.11 8.49
C SER A 47 7.65 -0.32 9.29
N GLY A 48 7.68 -0.46 10.62
CA GLY A 48 8.45 0.38 11.53
C GLY A 48 8.23 1.87 11.26
N ARG A 49 7.06 2.28 10.77
CA ARG A 49 6.83 3.65 10.25
C ARG A 49 5.62 4.34 10.84
N THR A 50 4.53 3.60 11.06
CA THR A 50 3.35 4.07 11.78
C THR A 50 2.46 5.01 10.97
N THR A 51 2.96 5.55 9.86
CA THR A 51 2.17 6.36 8.97
C THR A 51 1.46 5.49 7.92
N VAL A 52 0.43 6.01 7.26
CA VAL A 52 -0.18 5.38 6.08
C VAL A 52 -0.19 6.31 4.85
N PRO A 53 -0.33 5.76 3.62
CA PRO A 53 -0.44 4.34 3.31
C PRO A 53 0.91 3.62 3.48
N GLN A 54 0.85 2.28 3.48
CA GLN A 54 1.98 1.37 3.40
C GLN A 54 1.52 0.30 2.43
N ILE A 55 2.39 -0.21 1.56
CA ILE A 55 2.02 -1.25 0.62
C ILE A 55 2.99 -2.39 0.86
N PHE A 56 2.53 -3.60 0.57
CA PHE A 56 3.29 -4.83 0.58
C PHE A 56 3.00 -5.52 -0.74
N ILE A 57 4.01 -6.13 -1.35
CA ILE A 57 3.83 -7.01 -2.49
C ILE A 57 4.79 -8.16 -2.29
N ASP A 58 4.33 -9.41 -2.44
CA ASP A 58 5.11 -10.62 -2.19
C ASP A 58 5.85 -10.52 -0.84
N ALA A 59 5.09 -10.05 0.16
CA ALA A 59 5.44 -9.72 1.54
C ALA A 59 6.49 -8.61 1.70
N GLN A 60 7.15 -8.17 0.62
CA GLN A 60 8.16 -7.14 0.65
C GLN A 60 7.44 -5.81 0.87
N HIS A 61 7.82 -5.12 1.94
CA HIS A 61 7.25 -3.84 2.29
C HIS A 61 7.83 -2.80 1.33
N ILE A 62 6.97 -2.13 0.56
CA ILE A 62 7.40 -1.20 -0.49
C ILE A 62 7.92 0.08 0.16
N GLY A 63 7.07 0.68 0.99
CA GLY A 63 7.21 2.00 1.54
C GLY A 63 5.83 2.62 1.44
N GLY A 64 5.76 3.92 1.15
CA GLY A 64 4.53 4.68 1.01
C GLY A 64 4.04 4.79 -0.43
N TYR A 65 3.29 5.85 -0.69
CA TYR A 65 2.65 6.17 -1.95
C TYR A 65 3.69 6.50 -3.00
N ASP A 66 4.53 7.50 -2.72
CA ASP A 66 5.51 7.98 -3.67
C ASP A 66 6.50 6.88 -3.98
N ASP A 67 6.80 6.03 -2.98
CA ASP A 67 7.56 4.80 -3.17
C ASP A 67 6.84 3.94 -4.18
N LEU A 68 5.59 3.53 -3.93
CA LEU A 68 4.92 2.59 -4.82
C LEU A 68 4.78 3.14 -6.23
N TYR A 69 4.42 4.41 -6.36
CA TYR A 69 4.24 5.11 -7.62
C TYR A 69 5.54 4.98 -8.42
N ALA A 70 6.68 5.34 -7.82
CA ALA A 70 7.98 5.22 -8.46
C ALA A 70 8.32 3.76 -8.73
N LEU A 71 7.97 2.84 -7.83
CA LEU A 71 8.18 1.40 -7.97
C LEU A 71 7.36 0.85 -9.13
N ASP A 72 6.19 1.43 -9.42
CA ASP A 72 5.47 1.11 -10.65
C ASP A 72 6.25 1.67 -11.83
N ALA A 73 6.59 2.96 -11.77
CA ALA A 73 7.15 3.68 -12.90
C ALA A 73 8.52 3.17 -13.34
N ARG A 74 9.28 2.55 -12.43
CA ARG A 74 10.53 1.86 -12.71
C ARG A 74 10.31 0.45 -13.27
N GLY A 75 9.09 -0.06 -13.19
CA GLY A 75 8.71 -1.41 -13.58
C GLY A 75 9.15 -2.45 -12.56
N GLY A 76 8.97 -2.22 -11.25
CA GLY A 76 9.16 -3.25 -10.24
C GLY A 76 7.85 -3.69 -9.58
N LEU A 77 6.80 -2.86 -9.63
CA LEU A 77 5.47 -3.25 -9.13
C LEU A 77 4.92 -4.24 -10.15
N ASP A 78 4.89 -3.81 -11.41
CA ASP A 78 4.32 -4.54 -12.53
C ASP A 78 4.75 -6.02 -12.58
N PRO A 79 6.06 -6.37 -12.54
CA PRO A 79 6.52 -7.76 -12.52
C PRO A 79 6.18 -8.59 -11.28
N LEU A 80 5.51 -8.00 -10.28
CA LEU A 80 5.06 -8.67 -9.07
C LEU A 80 3.54 -8.76 -9.01
N LEU A 81 2.83 -8.19 -10.00
CA LEU A 81 1.38 -8.36 -10.17
C LEU A 81 1.02 -9.80 -10.56
N LYS A 82 1.99 -10.66 -10.85
CA LYS A 82 1.81 -12.10 -11.00
C LYS A 82 1.36 -12.74 -9.69
N ALA A 1 1.75 -12.97 -6.50
CA ALA A 1 0.92 -11.78 -6.27
C ALA A 1 0.22 -11.89 -4.93
N ASN A 2 0.53 -10.98 -4.00
CA ASN A 2 -0.11 -10.77 -2.72
C ASN A 2 0.00 -9.27 -2.51
N VAL A 3 -0.89 -8.52 -3.16
CA VAL A 3 -0.83 -7.08 -3.30
C VAL A 3 -1.71 -6.52 -2.20
N GLU A 4 -1.13 -5.83 -1.23
CA GLU A 4 -1.79 -5.30 -0.04
C GLU A 4 -1.44 -3.83 0.07
N ILE A 5 -2.35 -3.00 0.58
CA ILE A 5 -2.08 -1.62 0.93
C ILE A 5 -2.91 -1.24 2.15
N TYR A 6 -2.27 -0.88 3.25
CA TYR A 6 -2.93 -0.31 4.40
C TYR A 6 -3.32 1.12 4.08
N THR A 7 -4.54 1.50 4.46
CA THR A 7 -5.11 2.81 4.17
C THR A 7 -5.96 3.28 5.34
N LYS A 8 -6.35 4.56 5.35
CA LYS A 8 -7.37 5.07 6.27
C LYS A 8 -8.29 6.01 5.50
N GLU A 9 -9.35 6.49 6.15
CA GLU A 9 -10.36 7.38 5.59
C GLU A 9 -9.69 8.72 5.27
N THR A 10 -9.36 9.48 6.32
CA THR A 10 -8.78 10.80 6.21
C THR A 10 -7.29 10.63 5.92
N CYS A 11 -6.91 10.47 4.64
CA CYS A 11 -5.52 10.50 4.22
C CYS A 11 -5.46 10.64 2.70
N PRO A 12 -5.36 11.85 2.13
CA PRO A 12 -5.38 12.02 0.70
C PRO A 12 -4.15 11.38 0.03
N TYR A 13 -3.00 11.30 0.71
CA TYR A 13 -1.83 10.57 0.21
C TYR A 13 -2.13 9.08 0.10
N SER A 14 -2.83 8.49 1.08
CA SER A 14 -3.30 7.13 0.98
C SER A 14 -4.32 7.00 -0.14
N HIS A 15 -5.20 7.99 -0.35
CA HIS A 15 -6.21 7.90 -1.41
C HIS A 15 -5.58 7.99 -2.80
N ARG A 16 -4.54 8.82 -2.94
CA ARG A 16 -3.71 8.93 -4.12
C ARG A 16 -3.21 7.55 -4.55
N ALA A 17 -2.82 6.69 -3.60
CA ALA A 17 -2.33 5.36 -3.96
C ALA A 17 -3.35 4.48 -4.67
N LYS A 18 -4.65 4.68 -4.44
CA LYS A 18 -5.69 3.99 -5.18
C LYS A 18 -5.84 4.60 -6.56
N ALA A 19 -5.80 5.92 -6.69
CA ALA A 19 -5.84 6.54 -8.01
C ALA A 19 -4.68 6.06 -8.88
N LEU A 20 -3.53 5.72 -8.31
CA LEU A 20 -2.42 5.12 -9.05
C LEU A 20 -2.78 3.71 -9.47
N LEU A 21 -3.01 2.82 -8.51
CA LEU A 21 -3.24 1.40 -8.80
C LEU A 21 -4.45 1.21 -9.72
N SER A 22 -5.54 1.93 -9.48
CA SER A 22 -6.71 1.87 -10.33
C SER A 22 -6.48 2.56 -11.68
N SER A 23 -5.66 3.61 -11.78
CA SER A 23 -5.29 4.12 -13.11
C SER A 23 -4.58 3.01 -13.90
N LYS A 24 -3.73 2.20 -13.25
CA LYS A 24 -3.03 1.08 -13.91
C LYS A 24 -3.86 -0.20 -13.87
N GLY A 25 -5.10 -0.13 -13.41
CA GLY A 25 -6.08 -1.22 -13.37
C GLY A 25 -5.57 -2.44 -12.62
N VAL A 26 -4.90 -2.28 -11.47
CA VAL A 26 -4.37 -3.38 -10.67
C VAL A 26 -5.35 -3.70 -9.53
N SER A 27 -5.41 -4.98 -9.14
CA SER A 27 -6.06 -5.48 -7.95
C SER A 27 -5.17 -5.24 -6.73
N PHE A 28 -5.76 -5.13 -5.54
CA PHE A 28 -5.03 -5.02 -4.27
C PHE A 28 -6.02 -5.23 -3.12
N GLN A 29 -5.53 -5.82 -2.04
CA GLN A 29 -6.16 -5.99 -0.76
C GLN A 29 -5.91 -4.69 0.00
N GLU A 30 -6.86 -3.79 -0.10
CA GLU A 30 -6.86 -2.61 0.76
C GLU A 30 -7.14 -3.08 2.19
N LEU A 31 -6.42 -2.57 3.19
CA LEU A 31 -6.59 -2.85 4.61
C LEU A 31 -6.96 -1.55 5.33
N PRO A 32 -8.24 -1.17 5.41
CA PRO A 32 -8.69 -0.05 6.22
C PRO A 32 -8.29 -0.21 7.70
N ILE A 33 -7.44 0.69 8.19
CA ILE A 33 -7.13 0.87 9.61
C ILE A 33 -7.94 2.03 10.20
N ASP A 34 -8.79 2.65 9.38
CA ASP A 34 -9.58 3.80 9.79
C ASP A 34 -10.45 3.53 11.01
N GLY A 35 -11.01 2.33 11.12
CA GLY A 35 -11.78 1.83 12.25
C GLY A 35 -11.17 0.56 12.83
N ASN A 36 -9.87 0.32 12.63
CA ASN A 36 -9.17 -0.89 13.05
C ASN A 36 -7.87 -0.53 13.76
N ALA A 37 -7.70 -1.07 14.96
CA ALA A 37 -6.51 -0.87 15.77
C ALA A 37 -5.66 -2.13 15.93
N ALA A 38 -6.27 -3.31 15.85
CA ALA A 38 -5.56 -4.55 16.15
C ALA A 38 -4.61 -4.92 15.01
N LYS A 39 -5.11 -4.90 13.78
CA LYS A 39 -4.29 -5.08 12.60
C LYS A 39 -3.39 -3.85 12.40
N ARG A 40 -3.83 -2.65 12.78
CA ARG A 40 -2.91 -1.51 12.83
C ARG A 40 -1.70 -1.81 13.71
N GLU A 41 -1.89 -2.49 14.84
CA GLU A 41 -0.80 -2.83 15.74
C GLU A 41 0.19 -3.79 15.04
N GLU A 42 -0.30 -4.74 14.25
CA GLU A 42 0.56 -5.56 13.40
C GLU A 42 1.29 -4.69 12.37
N MET A 43 0.59 -3.69 11.80
CA MET A 43 1.19 -2.77 10.85
C MET A 43 2.39 -2.04 11.44
N ILE A 44 2.50 -1.86 12.77
CA ILE A 44 3.67 -1.26 13.40
C ILE A 44 4.89 -2.11 13.02
N LYS A 45 4.84 -3.42 13.28
CA LYS A 45 5.90 -4.35 12.91
C LYS A 45 6.08 -4.36 11.40
N ARG A 46 5.01 -4.61 10.63
CA ARG A 46 5.13 -4.83 9.19
C ARG A 46 5.73 -3.60 8.51
N SER A 47 5.30 -2.40 8.88
CA SER A 47 5.74 -1.18 8.20
C SER A 47 7.01 -0.60 8.78
N GLY A 48 7.30 -0.84 10.07
CA GLY A 48 8.34 -0.13 10.80
C GLY A 48 8.10 1.39 10.75
N ARG A 49 6.84 1.83 10.62
CA ARG A 49 6.51 3.23 10.34
C ARG A 49 5.26 3.73 11.05
N THR A 50 4.15 2.99 11.04
CA THR A 50 2.86 3.29 11.70
C THR A 50 1.99 4.32 10.97
N THR A 51 2.57 5.12 10.08
CA THR A 51 1.82 6.01 9.21
C THR A 51 1.29 5.19 8.02
N VAL A 52 0.22 5.64 7.35
CA VAL A 52 -0.24 5.10 6.07
C VAL A 52 -0.02 6.12 4.95
N PRO A 53 -0.02 5.71 3.66
CA PRO A 53 -0.13 4.33 3.16
C PRO A 53 1.11 3.49 3.45
N GLN A 54 0.95 2.18 3.42
CA GLN A 54 2.01 1.18 3.48
C GLN A 54 1.60 0.09 2.50
N ILE A 55 2.37 -0.15 1.44
CA ILE A 55 2.03 -1.13 0.43
C ILE A 55 2.93 -2.33 0.75
N PHE A 56 2.44 -3.52 0.45
CA PHE A 56 3.18 -4.77 0.54
C PHE A 56 2.85 -5.55 -0.72
N ILE A 57 3.85 -6.10 -1.41
CA ILE A 57 3.67 -6.88 -2.62
C ILE A 57 4.51 -8.13 -2.44
N ASP A 58 3.87 -9.31 -2.47
CA ASP A 58 4.54 -10.61 -2.25
C ASP A 58 5.37 -10.53 -0.96
N ALA A 59 4.67 -10.00 0.05
CA ALA A 59 5.11 -9.70 1.41
C ALA A 59 6.19 -8.61 1.52
N GLN A 60 6.80 -8.16 0.42
CA GLN A 60 7.81 -7.13 0.44
C GLN A 60 7.13 -5.79 0.69
N HIS A 61 7.46 -5.18 1.81
CA HIS A 61 7.01 -3.84 2.18
C HIS A 61 7.63 -2.84 1.21
N ILE A 62 6.82 -1.99 0.58
CA ILE A 62 7.30 -1.01 -0.39
C ILE A 62 7.71 0.25 0.36
N GLY A 63 6.74 0.92 0.99
CA GLY A 63 6.87 2.24 1.57
C GLY A 63 5.58 3.00 1.33
N GLY A 64 5.69 4.31 1.10
CA GLY A 64 4.60 5.25 0.93
C GLY A 64 4.08 5.33 -0.51
N TYR A 65 3.31 6.37 -0.79
CA TYR A 65 2.63 6.55 -2.07
C TYR A 65 3.60 6.92 -3.18
N ASP A 66 4.41 7.97 -2.99
CA ASP A 66 5.37 8.35 -4.03
C ASP A 66 6.33 7.20 -4.27
N ASP A 67 6.62 6.44 -3.21
CA ASP A 67 7.41 5.23 -3.30
C ASP A 67 6.72 4.25 -4.21
N LEU A 68 5.42 3.93 -4.03
CA LEU A 68 4.76 2.94 -4.89
C LEU A 68 4.68 3.44 -6.33
N TYR A 69 4.28 4.68 -6.53
CA TYR A 69 4.14 5.33 -7.83
C TYR A 69 5.46 5.19 -8.59
N ALA A 70 6.56 5.60 -7.96
CA ALA A 70 7.90 5.46 -8.53
C ALA A 70 8.26 3.99 -8.70
N LEU A 71 7.86 3.11 -7.78
CA LEU A 71 8.11 1.66 -7.87
C LEU A 71 7.36 1.08 -9.07
N ASP A 72 6.20 1.63 -9.43
CA ASP A 72 5.59 1.26 -10.70
C ASP A 72 6.44 1.80 -11.85
N ALA A 73 6.70 3.11 -11.84
CA ALA A 73 7.39 3.78 -12.93
C ALA A 73 8.81 3.26 -13.19
N ARG A 74 9.45 2.60 -12.22
CA ARG A 74 10.76 1.96 -12.36
C ARG A 74 10.67 0.58 -12.99
N GLY A 75 9.48 0.00 -13.05
CA GLY A 75 9.29 -1.39 -13.41
C GLY A 75 9.68 -2.33 -12.28
N GLY A 76 9.13 -2.14 -11.07
CA GLY A 76 9.25 -3.13 -10.01
C GLY A 76 7.87 -3.56 -9.53
N LEU A 77 6.85 -2.69 -9.61
CA LEU A 77 5.53 -3.02 -9.07
C LEU A 77 4.91 -4.04 -10.00
N ASP A 78 4.82 -3.69 -11.29
CA ASP A 78 4.10 -4.56 -12.22
C ASP A 78 4.75 -5.94 -12.35
N PRO A 79 6.09 -6.08 -12.48
CA PRO A 79 6.70 -7.41 -12.49
C PRO A 79 6.61 -8.16 -11.16
N LEU A 80 6.55 -7.48 -9.99
CA LEU A 80 6.32 -8.17 -8.72
C LEU A 80 4.85 -8.61 -8.57
N LEU A 81 3.96 -8.17 -9.46
CA LEU A 81 2.56 -8.56 -9.46
C LEU A 81 2.42 -9.98 -10.08
N LYS A 82 3.52 -10.68 -10.41
CA LYS A 82 3.46 -12.00 -11.06
C LYS A 82 2.78 -13.00 -10.15
N ALA A 1 1.84 -12.43 -6.13
CA ALA A 1 0.62 -11.70 -5.77
C ALA A 1 0.21 -11.87 -4.30
N ASN A 2 0.71 -11.00 -3.42
CA ASN A 2 0.09 -10.58 -2.17
C ASN A 2 0.18 -9.07 -2.20
N VAL A 3 -0.67 -8.41 -3.00
CA VAL A 3 -0.62 -6.97 -3.19
C VAL A 3 -1.67 -6.37 -2.26
N GLU A 4 -1.23 -5.63 -1.26
CA GLU A 4 -2.10 -5.04 -0.26
C GLU A 4 -1.67 -3.59 -0.07
N ILE A 5 -2.61 -2.71 0.23
CA ILE A 5 -2.39 -1.28 0.40
C ILE A 5 -3.17 -0.85 1.64
N TYR A 6 -2.45 -0.51 2.70
CA TYR A 6 -3.06 -0.04 3.93
C TYR A 6 -3.56 1.37 3.71
N THR A 7 -4.72 1.65 4.27
CA THR A 7 -5.42 2.91 4.11
C THR A 7 -6.07 3.28 5.44
N LYS A 8 -6.52 4.52 5.60
CA LYS A 8 -7.37 4.92 6.72
C LYS A 8 -8.34 5.98 6.21
N GLU A 9 -9.37 6.29 6.98
CA GLU A 9 -10.28 7.40 6.72
C GLU A 9 -9.54 8.73 6.85
N THR A 10 -10.16 9.82 6.39
CA THR A 10 -9.72 11.21 6.58
C THR A 10 -8.28 11.43 6.06
N CYS A 11 -7.89 10.71 5.00
CA CYS A 11 -6.51 10.63 4.53
C CYS A 11 -6.44 10.67 3.00
N PRO A 12 -6.18 11.84 2.37
CA PRO A 12 -6.22 11.93 0.93
C PRO A 12 -5.02 11.25 0.28
N TYR A 13 -3.84 11.29 0.90
CA TYR A 13 -2.64 10.56 0.49
C TYR A 13 -2.98 9.07 0.34
N SER A 14 -3.74 8.50 1.29
CA SER A 14 -4.25 7.14 1.18
C SER A 14 -5.10 7.01 -0.06
N HIS A 15 -6.10 7.88 -0.27
CA HIS A 15 -7.00 7.73 -1.43
C HIS A 15 -6.23 7.86 -2.75
N ARG A 16 -5.22 8.71 -2.80
CA ARG A 16 -4.30 8.87 -3.91
C ARG A 16 -3.58 7.57 -4.22
N ALA A 17 -3.02 6.88 -3.23
CA ALA A 17 -2.13 5.78 -3.54
C ALA A 17 -2.81 4.59 -4.21
N LYS A 18 -4.11 4.37 -4.00
CA LYS A 18 -4.84 3.33 -4.77
C LYS A 18 -5.16 3.81 -6.17
N ALA A 19 -5.39 5.12 -6.38
CA ALA A 19 -5.71 5.64 -7.70
C ALA A 19 -4.57 5.34 -8.67
N LEU A 20 -3.32 5.24 -8.17
CA LEU A 20 -2.21 4.79 -9.03
C LEU A 20 -2.44 3.35 -9.47
N LEU A 21 -2.62 2.44 -8.50
CA LEU A 21 -2.82 1.03 -8.79
C LEU A 21 -4.03 0.82 -9.70
N SER A 22 -5.12 1.56 -9.47
CA SER A 22 -6.31 1.53 -10.29
C SER A 22 -6.03 2.06 -11.70
N SER A 23 -5.31 3.18 -11.84
CA SER A 23 -4.87 3.72 -13.13
C SER A 23 -4.11 2.64 -13.91
N LYS A 24 -3.17 1.95 -13.25
CA LYS A 24 -2.41 0.86 -13.83
C LYS A 24 -3.22 -0.44 -14.00
N GLY A 25 -4.51 -0.46 -13.68
CA GLY A 25 -5.39 -1.60 -13.91
C GLY A 25 -5.05 -2.79 -13.01
N VAL A 26 -4.39 -2.54 -11.88
CA VAL A 26 -3.92 -3.58 -10.96
C VAL A 26 -5.08 -3.96 -10.03
N SER A 27 -5.01 -5.15 -9.44
CA SER A 27 -5.88 -5.60 -8.37
C SER A 27 -5.04 -5.82 -7.11
N PHE A 28 -5.61 -5.46 -5.98
CA PHE A 28 -4.96 -5.35 -4.69
C PHE A 28 -6.02 -5.45 -3.60
N GLN A 29 -5.58 -5.52 -2.35
CA GLN A 29 -6.38 -5.65 -1.16
C GLN A 29 -6.15 -4.37 -0.38
N GLU A 30 -7.09 -3.46 -0.48
CA GLU A 30 -7.10 -2.30 0.40
C GLU A 30 -7.27 -2.82 1.83
N LEU A 31 -6.56 -2.26 2.80
CA LEU A 31 -6.54 -2.69 4.20
C LEU A 31 -6.85 -1.47 5.07
N PRO A 32 -8.14 -1.20 5.32
CA PRO A 32 -8.60 -0.02 6.04
C PRO A 32 -8.31 -0.21 7.51
N ILE A 33 -7.21 0.37 7.97
CA ILE A 33 -6.88 0.47 9.38
C ILE A 33 -7.57 1.63 10.05
N ASP A 34 -8.72 2.05 9.51
CA ASP A 34 -9.57 3.00 10.21
C ASP A 34 -10.41 2.30 11.27
N GLY A 35 -10.66 2.95 12.41
CA GLY A 35 -11.62 2.51 13.44
C GLY A 35 -11.08 1.40 14.33
N ASN A 36 -10.48 0.39 13.69
CA ASN A 36 -9.71 -0.68 14.31
C ASN A 36 -8.31 -0.15 14.55
N ALA A 37 -7.59 -0.76 15.48
CA ALA A 37 -6.18 -0.51 15.68
C ALA A 37 -5.37 -1.80 15.78
N ALA A 38 -6.01 -2.97 15.90
CA ALA A 38 -5.34 -4.26 15.88
C ALA A 38 -4.49 -4.38 14.62
N LYS A 39 -5.13 -4.24 13.46
CA LYS A 39 -4.41 -4.37 12.20
C LYS A 39 -3.47 -3.18 11.96
N ARG A 40 -3.73 -2.02 12.58
CA ARG A 40 -2.78 -0.90 12.53
C ARG A 40 -1.51 -1.28 13.28
N GLU A 41 -1.62 -1.84 14.47
CA GLU A 41 -0.48 -2.28 15.26
C GLU A 41 0.21 -3.45 14.56
N GLU A 42 -0.53 -4.33 13.89
CA GLU A 42 0.10 -5.39 13.11
C GLU A 42 0.87 -4.76 11.94
N MET A 43 0.34 -3.74 11.26
CA MET A 43 1.05 -3.03 10.18
C MET A 43 2.32 -2.39 10.73
N ILE A 44 2.25 -1.82 11.93
CA ILE A 44 3.39 -1.24 12.61
C ILE A 44 4.48 -2.29 12.75
N LYS A 45 4.18 -3.52 13.19
CA LYS A 45 5.20 -4.57 13.20
C LYS A 45 5.63 -4.95 11.78
N ARG A 46 4.73 -4.96 10.78
CA ARG A 46 5.08 -5.34 9.42
C ARG A 46 6.11 -4.39 8.80
N SER A 47 6.28 -3.14 9.26
CA SER A 47 7.19 -2.19 8.62
C SER A 47 7.96 -1.26 9.57
N GLY A 48 7.76 -1.40 10.87
CA GLY A 48 8.25 -0.47 11.88
C GLY A 48 7.51 0.88 11.88
N ARG A 49 6.56 1.15 10.97
CA ARG A 49 6.02 2.50 10.78
C ARG A 49 4.54 2.54 11.09
N THR A 50 4.09 3.65 11.67
CA THR A 50 2.70 3.91 12.02
C THR A 50 1.94 4.52 10.85
N THR A 51 2.63 5.17 9.91
CA THR A 51 1.98 5.98 8.90
C THR A 51 1.29 5.14 7.85
N VAL A 52 0.28 5.71 7.20
CA VAL A 52 -0.39 5.16 6.04
C VAL A 52 -0.36 6.18 4.90
N PRO A 53 -0.56 5.78 3.64
CA PRO A 53 -0.70 4.40 3.20
C PRO A 53 0.63 3.66 3.32
N GLN A 54 0.60 2.34 3.15
CA GLN A 54 1.76 1.48 3.00
C GLN A 54 1.36 0.43 1.98
N ILE A 55 2.14 0.19 0.92
CA ILE A 55 1.88 -0.92 0.05
C ILE A 55 2.83 -2.03 0.52
N PHE A 56 2.42 -3.27 0.32
CA PHE A 56 3.24 -4.46 0.47
C PHE A 56 2.95 -5.32 -0.77
N ILE A 57 3.97 -6.03 -1.26
CA ILE A 57 3.83 -6.98 -2.36
C ILE A 57 4.62 -8.21 -1.94
N ASP A 58 3.99 -9.40 -2.00
CA ASP A 58 4.62 -10.72 -1.84
C ASP A 58 5.47 -10.77 -0.58
N ALA A 59 4.86 -10.25 0.49
CA ALA A 59 5.33 -10.13 1.87
C ALA A 59 6.55 -9.21 2.04
N GLN A 60 6.95 -8.45 1.02
CA GLN A 60 7.94 -7.38 1.13
C GLN A 60 7.20 -6.06 1.32
N HIS A 61 7.80 -5.11 2.02
CA HIS A 61 7.27 -3.76 2.19
C HIS A 61 7.70 -2.90 1.00
N ILE A 62 6.81 -2.06 0.48
CA ILE A 62 7.22 -1.05 -0.48
C ILE A 62 7.83 0.10 0.31
N GLY A 63 6.96 0.89 0.92
CA GLY A 63 7.29 2.15 1.52
C GLY A 63 6.07 3.05 1.37
N GLY A 64 6.31 4.32 1.10
CA GLY A 64 5.30 5.31 0.82
C GLY A 64 4.72 5.19 -0.59
N TYR A 65 3.78 6.08 -0.89
CA TYR A 65 3.14 6.21 -2.19
C TYR A 65 4.14 6.74 -3.21
N ASP A 66 4.98 7.69 -2.83
CA ASP A 66 6.01 8.24 -3.72
C ASP A 66 7.04 7.16 -4.04
N ASP A 67 7.32 6.31 -3.05
CA ASP A 67 8.17 5.13 -3.18
C ASP A 67 7.53 4.14 -4.15
N LEU A 68 6.20 3.88 -4.03
CA LEU A 68 5.47 3.04 -4.96
C LEU A 68 5.48 3.64 -6.36
N TYR A 69 5.21 4.94 -6.52
CA TYR A 69 5.27 5.63 -7.80
C TYR A 69 6.57 5.31 -8.51
N ALA A 70 7.69 5.52 -7.82
CA ALA A 70 9.00 5.33 -8.43
C ALA A 70 9.20 3.86 -8.82
N LEU A 71 8.71 2.95 -7.97
CA LEU A 71 8.62 1.51 -8.18
C LEU A 71 7.78 1.18 -9.41
N ASP A 72 6.64 1.84 -9.58
CA ASP A 72 5.69 1.61 -10.64
C ASP A 72 6.17 2.19 -11.96
N ALA A 73 6.55 3.45 -11.98
CA ALA A 73 6.92 4.16 -13.19
C ALA A 73 8.20 3.61 -13.81
N ARG A 74 9.04 2.92 -13.04
CA ARG A 74 10.20 2.18 -13.56
C ARG A 74 9.83 0.80 -14.09
N GLY A 75 8.59 0.37 -13.89
CA GLY A 75 8.11 -0.94 -14.28
C GLY A 75 8.59 -2.02 -13.31
N GLY A 76 8.72 -1.72 -12.01
CA GLY A 76 9.06 -2.70 -10.99
C GLY A 76 7.83 -3.24 -10.28
N LEU A 77 6.70 -2.52 -10.27
CA LEU A 77 5.46 -2.99 -9.64
C LEU A 77 4.91 -4.06 -10.56
N ASP A 78 4.87 -3.76 -11.85
CA ASP A 78 4.21 -4.60 -12.85
C ASP A 78 4.68 -6.06 -12.77
N PRO A 79 5.98 -6.39 -12.84
CA PRO A 79 6.43 -7.77 -12.70
C PRO A 79 6.39 -8.27 -11.25
N LEU A 80 6.37 -7.40 -10.23
CA LEU A 80 6.22 -7.86 -8.84
C LEU A 80 4.78 -8.34 -8.58
N LEU A 81 3.79 -7.82 -9.31
CA LEU A 81 2.37 -8.08 -9.13
C LEU A 81 2.04 -9.57 -9.16
N LYS A 82 2.44 -10.24 -10.24
CA LYS A 82 2.06 -11.58 -10.63
C LYS A 82 2.08 -12.57 -9.47
N ALA A 1 2.06 -12.35 -6.98
CA ALA A 1 1.25 -11.14 -6.84
C ALA A 1 0.42 -11.24 -5.58
N ASN A 2 0.74 -10.39 -4.59
CA ASN A 2 -0.01 -10.29 -3.33
C ASN A 2 -0.01 -8.82 -2.91
N VAL A 3 -0.65 -7.94 -3.69
CA VAL A 3 -0.70 -6.51 -3.40
C VAL A 3 -1.68 -6.32 -2.24
N GLU A 4 -1.22 -5.75 -1.12
CA GLU A 4 -2.09 -5.31 -0.04
C GLU A 4 -1.68 -3.89 0.34
N ILE A 5 -2.64 -3.06 0.73
CA ILE A 5 -2.47 -1.63 0.98
C ILE A 5 -3.32 -1.25 2.19
N TYR A 6 -2.65 -0.89 3.27
CA TYR A 6 -3.30 -0.37 4.46
C TYR A 6 -3.66 1.09 4.26
N THR A 7 -4.89 1.50 4.61
CA THR A 7 -5.35 2.88 4.53
C THR A 7 -6.37 3.17 5.62
N LYS A 8 -6.61 4.44 5.96
CA LYS A 8 -7.73 4.85 6.82
C LYS A 8 -8.54 5.94 6.13
N GLU A 9 -9.71 6.25 6.68
CA GLU A 9 -10.64 7.22 6.11
C GLU A 9 -10.07 8.64 6.11
N THR A 10 -10.69 9.53 5.31
CA THR A 10 -10.48 10.97 5.13
C THR A 10 -9.06 11.40 4.71
N CYS A 11 -8.09 10.50 4.70
CA CYS A 11 -6.72 10.72 4.27
C CYS A 11 -6.65 10.71 2.75
N PRO A 12 -6.49 11.84 2.03
CA PRO A 12 -6.43 11.80 0.57
C PRO A 12 -5.21 11.03 0.09
N TYR A 13 -4.08 11.07 0.82
CA TYR A 13 -2.86 10.30 0.58
C TYR A 13 -3.17 8.80 0.42
N SER A 14 -4.16 8.27 1.15
CA SER A 14 -4.64 6.92 0.91
C SER A 14 -5.23 6.83 -0.50
N HIS A 15 -6.24 7.66 -0.79
CA HIS A 15 -6.98 7.55 -2.04
C HIS A 15 -6.08 7.79 -3.25
N ARG A 16 -5.09 8.69 -3.13
CA ARG A 16 -4.01 8.92 -4.08
C ARG A 16 -3.33 7.60 -4.47
N ALA A 17 -2.95 6.76 -3.49
CA ALA A 17 -2.33 5.48 -3.79
C ALA A 17 -3.28 4.49 -4.49
N LYS A 18 -4.59 4.63 -4.30
CA LYS A 18 -5.56 3.84 -5.05
C LYS A 18 -5.65 4.34 -6.48
N ALA A 19 -5.78 5.64 -6.70
CA ALA A 19 -5.80 6.21 -8.03
C ALA A 19 -4.56 5.81 -8.81
N LEU A 20 -3.42 5.60 -8.14
CA LEU A 20 -2.18 5.10 -8.76
C LEU A 20 -2.40 3.68 -9.26
N LEU A 21 -2.70 2.75 -8.35
CA LEU A 21 -2.90 1.34 -8.70
C LEU A 21 -4.04 1.16 -9.71
N SER A 22 -5.11 1.93 -9.56
CA SER A 22 -6.23 2.01 -10.49
C SER A 22 -5.75 2.52 -11.86
N SER A 23 -4.88 3.54 -11.92
CA SER A 23 -4.26 4.00 -13.16
C SER A 23 -3.55 2.87 -13.89
N LYS A 24 -2.96 1.92 -13.16
CA LYS A 24 -2.23 0.78 -13.71
C LYS A 24 -3.14 -0.43 -13.88
N GLY A 25 -4.42 -0.32 -13.55
CA GLY A 25 -5.42 -1.36 -13.71
C GLY A 25 -5.16 -2.57 -12.83
N VAL A 26 -4.60 -2.38 -11.63
CA VAL A 26 -4.20 -3.50 -10.79
C VAL A 26 -5.18 -3.67 -9.62
N SER A 27 -5.44 -4.92 -9.25
CA SER A 27 -6.15 -5.26 -8.02
C SER A 27 -5.20 -5.06 -6.83
N PHE A 28 -5.77 -4.93 -5.64
CA PHE A 28 -5.05 -4.77 -4.39
C PHE A 28 -6.03 -5.03 -3.25
N GLN A 29 -5.55 -5.54 -2.13
CA GLN A 29 -6.31 -5.85 -0.94
C GLN A 29 -6.18 -4.61 -0.06
N GLU A 30 -7.15 -3.74 -0.19
CA GLU A 30 -7.29 -2.59 0.73
C GLU A 30 -7.55 -3.11 2.14
N LEU A 31 -6.93 -2.48 3.13
CA LEU A 31 -6.92 -2.90 4.54
C LEU A 31 -7.20 -1.68 5.42
N PRO A 32 -8.47 -1.44 5.80
CA PRO A 32 -8.90 -0.31 6.62
C PRO A 32 -8.25 -0.32 8.00
N ILE A 33 -7.85 0.85 8.51
CA ILE A 33 -7.28 1.02 9.85
C ILE A 33 -7.83 2.24 10.59
N ASP A 34 -8.91 2.87 10.11
CA ASP A 34 -9.56 3.85 10.97
C ASP A 34 -10.18 3.11 12.13
N GLY A 35 -9.86 3.46 13.38
CA GLY A 35 -10.42 2.85 14.59
C GLY A 35 -9.96 1.41 14.86
N ASN A 36 -9.54 0.67 13.83
CA ASN A 36 -8.99 -0.67 13.93
C ASN A 36 -7.52 -0.46 14.28
N ALA A 37 -7.24 -0.37 15.57
CA ALA A 37 -5.89 -0.16 16.08
C ALA A 37 -5.09 -1.46 16.06
N ALA A 38 -5.76 -2.61 16.13
CA ALA A 38 -5.14 -3.92 16.21
C ALA A 38 -4.35 -4.21 14.94
N LYS A 39 -5.05 -4.35 13.80
CA LYS A 39 -4.37 -4.68 12.54
C LYS A 39 -3.54 -3.50 12.03
N ARG A 40 -3.77 -2.29 12.53
CA ARG A 40 -2.90 -1.15 12.31
C ARG A 40 -1.57 -1.37 13.01
N GLU A 41 -1.56 -1.77 14.28
CA GLU A 41 -0.32 -2.00 14.99
C GLU A 41 0.44 -3.17 14.34
N GLU A 42 -0.28 -4.14 13.77
CA GLU A 42 0.30 -5.19 12.93
C GLU A 42 0.97 -4.57 11.69
N MET A 43 0.32 -3.64 10.98
CA MET A 43 0.93 -2.91 9.86
C MET A 43 2.19 -2.19 10.31
N ILE A 44 2.15 -1.49 11.44
CA ILE A 44 3.26 -0.69 11.92
C ILE A 44 4.47 -1.61 12.08
N LYS A 45 4.30 -2.73 12.81
CA LYS A 45 5.33 -3.77 12.91
C LYS A 45 5.78 -4.22 11.52
N ARG A 46 4.83 -4.63 10.67
CA ARG A 46 5.16 -5.17 9.35
C ARG A 46 5.89 -4.14 8.47
N SER A 47 5.73 -2.85 8.72
CA SER A 47 6.24 -1.77 7.87
C SER A 47 7.49 -1.10 8.42
N GLY A 48 7.77 -1.21 9.72
CA GLY A 48 8.79 -0.41 10.36
C GLY A 48 8.50 1.09 10.26
N ARG A 49 7.23 1.46 10.08
CA ARG A 49 6.77 2.83 9.86
C ARG A 49 5.42 2.96 10.55
N THR A 50 5.15 4.13 11.13
CA THR A 50 3.98 4.32 11.95
C THR A 50 2.79 4.75 11.09
N THR A 51 3.00 5.43 9.96
CA THR A 51 1.93 6.08 9.22
C THR A 51 1.36 5.23 8.09
N VAL A 52 0.16 5.56 7.62
CA VAL A 52 -0.47 5.05 6.40
C VAL A 52 -0.25 6.06 5.28
N PRO A 53 -0.37 5.65 4.00
CA PRO A 53 -0.55 4.27 3.54
C PRO A 53 0.74 3.48 3.71
N GLN A 54 0.62 2.15 3.65
CA GLN A 54 1.72 1.19 3.57
C GLN A 54 1.28 0.17 2.56
N ILE A 55 2.17 -0.30 1.69
CA ILE A 55 1.87 -1.30 0.68
C ILE A 55 2.85 -2.44 0.91
N PHE A 56 2.41 -3.64 0.57
CA PHE A 56 3.18 -4.86 0.47
C PHE A 56 2.81 -5.47 -0.86
N ILE A 57 3.75 -6.11 -1.56
CA ILE A 57 3.47 -6.92 -2.73
C ILE A 57 4.33 -8.16 -2.55
N ASP A 58 3.72 -9.34 -2.70
CA ASP A 58 4.35 -10.64 -2.43
C ASP A 58 4.91 -10.64 -1.01
N ALA A 59 4.15 -9.99 -0.12
CA ALA A 59 4.39 -9.66 1.28
C ALA A 59 5.68 -8.86 1.56
N GLN A 60 6.52 -8.61 0.55
CA GLN A 60 7.69 -7.77 0.63
C GLN A 60 7.20 -6.33 0.68
N HIS A 61 7.66 -5.56 1.68
CA HIS A 61 7.18 -4.21 1.94
C HIS A 61 7.65 -3.24 0.84
N ILE A 62 6.93 -2.13 0.65
CA ILE A 62 7.29 -1.05 -0.26
C ILE A 62 7.99 0.06 0.53
N GLY A 63 7.23 0.81 1.32
CA GLY A 63 7.67 2.04 1.99
C GLY A 63 6.49 2.99 2.17
N GLY A 64 5.70 3.22 1.13
CA GLY A 64 4.67 4.24 1.12
C GLY A 64 4.13 4.42 -0.31
N TYR A 65 3.41 5.52 -0.53
CA TYR A 65 2.71 5.82 -1.77
C TYR A 65 3.68 6.28 -2.84
N ASP A 66 4.42 7.37 -2.62
CA ASP A 66 5.40 7.84 -3.61
C ASP A 66 6.46 6.77 -3.85
N ASP A 67 6.73 5.97 -2.81
CA ASP A 67 7.60 4.81 -2.91
C ASP A 67 7.00 3.82 -3.90
N LEU A 68 5.71 3.44 -3.79
CA LEU A 68 5.07 2.55 -4.75
C LEU A 68 5.00 3.15 -6.14
N TYR A 69 4.60 4.41 -6.27
CA TYR A 69 4.57 5.18 -7.51
C TYR A 69 5.91 5.06 -8.24
N ALA A 70 7.00 5.35 -7.55
CA ALA A 70 8.36 5.24 -8.07
C ALA A 70 8.70 3.79 -8.40
N LEU A 71 8.32 2.86 -7.52
CA LEU A 71 8.49 1.42 -7.68
C LEU A 71 7.72 0.91 -8.90
N ASP A 72 6.57 1.48 -9.21
CA ASP A 72 5.84 1.23 -10.44
C ASP A 72 6.59 1.83 -11.63
N ALA A 73 6.92 3.11 -11.54
CA ALA A 73 7.52 3.88 -12.63
C ALA A 73 8.88 3.32 -13.06
N ARG A 74 9.59 2.63 -12.18
CA ARG A 74 10.84 1.94 -12.48
C ARG A 74 10.65 0.62 -13.20
N GLY A 75 9.40 0.15 -13.29
CA GLY A 75 9.07 -1.19 -13.74
C GLY A 75 9.42 -2.20 -12.67
N GLY A 76 9.04 -1.96 -11.40
CA GLY A 76 9.25 -2.86 -10.28
C GLY A 76 7.94 -3.42 -9.73
N LEU A 77 6.84 -2.66 -9.79
CA LEU A 77 5.53 -3.13 -9.33
C LEU A 77 5.09 -4.14 -10.38
N ASP A 78 5.24 -3.76 -11.65
CA ASP A 78 4.74 -4.56 -12.76
C ASP A 78 5.30 -6.00 -12.74
N PRO A 79 6.62 -6.25 -12.62
CA PRO A 79 7.14 -7.61 -12.42
C PRO A 79 6.78 -8.23 -11.07
N LEU A 80 6.57 -7.43 -10.01
CA LEU A 80 6.07 -7.94 -8.73
C LEU A 80 4.64 -8.47 -8.88
N LEU A 81 3.89 -8.02 -9.89
CA LEU A 81 2.56 -8.50 -10.23
C LEU A 81 2.65 -9.79 -11.05
N LYS A 82 3.64 -10.62 -10.72
CA LYS A 82 3.78 -11.99 -11.21
C LYS A 82 2.52 -12.74 -10.83
N ALA A 1 1.66 -13.52 -5.96
CA ALA A 1 0.78 -12.35 -5.99
C ALA A 1 -0.13 -12.32 -4.77
N ASN A 2 0.03 -11.31 -3.91
CA ASN A 2 -0.89 -10.98 -2.84
C ASN A 2 -0.70 -9.49 -2.53
N VAL A 3 -1.38 -8.64 -3.29
CA VAL A 3 -1.20 -7.20 -3.23
C VAL A 3 -2.17 -6.66 -2.17
N GLU A 4 -1.65 -6.01 -1.14
CA GLU A 4 -2.45 -5.37 -0.09
C GLU A 4 -2.01 -3.92 0.01
N ILE A 5 -2.92 -3.03 0.42
CA ILE A 5 -2.64 -1.61 0.59
C ILE A 5 -3.35 -1.16 1.86
N TYR A 6 -2.59 -0.83 2.88
CA TYR A 6 -3.16 -0.29 4.10
C TYR A 6 -3.61 1.13 3.85
N THR A 7 -4.72 1.50 4.45
CA THR A 7 -5.40 2.77 4.26
C THR A 7 -6.06 3.15 5.56
N LYS A 8 -6.42 4.41 5.73
CA LYS A 8 -7.20 4.87 6.85
C LYS A 8 -8.07 6.01 6.31
N GLU A 9 -9.25 6.17 6.89
CA GLU A 9 -10.14 7.30 6.68
C GLU A 9 -9.47 8.62 7.08
N THR A 10 -9.98 9.73 6.56
CA THR A 10 -9.41 11.06 6.67
C THR A 10 -7.91 11.04 6.31
N CYS A 11 -7.59 10.49 5.13
CA CYS A 11 -6.26 10.55 4.59
C CYS A 11 -6.30 10.59 3.06
N PRO A 12 -5.95 11.72 2.41
CA PRO A 12 -5.99 11.80 0.96
C PRO A 12 -4.94 10.88 0.33
N TYR A 13 -3.70 10.86 0.82
CA TYR A 13 -2.57 10.07 0.33
C TYR A 13 -2.94 8.60 0.13
N SER A 14 -3.71 8.05 1.07
CA SER A 14 -4.33 6.72 1.00
C SER A 14 -5.20 6.56 -0.24
N HIS A 15 -6.08 7.52 -0.54
CA HIS A 15 -6.98 7.41 -1.69
C HIS A 15 -6.30 7.86 -2.99
N ARG A 16 -5.32 8.76 -2.94
CA ARG A 16 -4.44 9.11 -4.05
C ARG A 16 -3.71 7.87 -4.55
N ALA A 17 -3.23 7.01 -3.65
CA ALA A 17 -2.56 5.79 -4.07
C ALA A 17 -3.45 4.89 -4.94
N LYS A 18 -4.76 4.98 -4.78
CA LYS A 18 -5.69 4.26 -5.63
C LYS A 18 -5.85 4.87 -7.01
N ALA A 19 -5.71 6.19 -7.20
CA ALA A 19 -5.70 6.71 -8.57
C ALA A 19 -4.54 6.08 -9.34
N LEU A 20 -3.40 5.86 -8.69
CA LEU A 20 -2.27 5.19 -9.36
C LEU A 20 -2.66 3.76 -9.67
N LEU A 21 -2.91 2.96 -8.65
CA LEU A 21 -3.07 1.52 -8.85
C LEU A 21 -4.32 1.20 -9.67
N SER A 22 -5.36 2.03 -9.62
CA SER A 22 -6.53 1.90 -10.48
C SER A 22 -6.22 2.37 -11.90
N SER A 23 -5.40 3.42 -12.11
CA SER A 23 -4.90 3.74 -13.45
C SER A 23 -4.16 2.54 -14.06
N LYS A 24 -3.66 1.62 -13.22
CA LYS A 24 -2.89 0.45 -13.60
C LYS A 24 -3.68 -0.85 -13.37
N GLY A 25 -4.98 -0.76 -13.09
CA GLY A 25 -5.87 -1.90 -12.94
C GLY A 25 -5.34 -2.98 -12.00
N VAL A 26 -4.66 -2.61 -10.92
CA VAL A 26 -4.04 -3.61 -10.06
C VAL A 26 -5.11 -4.10 -9.09
N SER A 27 -5.01 -5.38 -8.79
CA SER A 27 -5.99 -6.18 -8.07
C SER A 27 -5.62 -6.22 -6.60
N PHE A 28 -5.47 -5.03 -5.99
CA PHE A 28 -5.08 -4.88 -4.59
C PHE A 28 -6.27 -5.20 -3.67
N GLN A 29 -5.99 -5.26 -2.38
CA GLN A 29 -6.92 -5.46 -1.29
C GLN A 29 -6.65 -4.34 -0.30
N GLU A 30 -7.55 -3.37 -0.23
CA GLU A 30 -7.51 -2.38 0.84
C GLU A 30 -7.48 -3.09 2.21
N LEU A 31 -6.85 -2.43 3.18
CA LEU A 31 -6.69 -2.86 4.56
C LEU A 31 -6.86 -1.64 5.48
N PRO A 32 -8.11 -1.33 5.89
CA PRO A 32 -8.43 -0.21 6.76
C PRO A 32 -7.71 -0.31 8.11
N ILE A 33 -7.22 0.81 8.66
CA ILE A 33 -6.68 0.92 10.01
C ILE A 33 -7.31 2.04 10.82
N ASP A 34 -8.20 2.83 10.22
CA ASP A 34 -8.99 3.75 11.03
C ASP A 34 -9.89 2.91 11.93
N GLY A 35 -9.95 3.24 13.22
CA GLY A 35 -10.64 2.49 14.25
C GLY A 35 -9.96 1.15 14.59
N ASN A 36 -9.46 0.43 13.59
CA ASN A 36 -8.82 -0.87 13.71
C ASN A 36 -7.36 -0.64 14.10
N ALA A 37 -7.15 -0.14 15.32
CA ALA A 37 -5.83 0.03 15.90
C ALA A 37 -5.11 -1.31 16.10
N ALA A 38 -5.86 -2.42 16.16
CA ALA A 38 -5.34 -3.77 16.26
C ALA A 38 -4.47 -4.09 15.04
N LYS A 39 -5.05 -4.28 13.85
CA LYS A 39 -4.24 -4.57 12.66
C LYS A 39 -3.41 -3.35 12.26
N ARG A 40 -3.68 -2.15 12.79
CA ARG A 40 -2.76 -1.03 12.62
C ARG A 40 -1.43 -1.43 13.25
N GLU A 41 -1.42 -2.03 14.44
CA GLU A 41 -0.16 -2.39 15.05
C GLU A 41 0.55 -3.53 14.32
N GLU A 42 -0.20 -4.41 13.64
CA GLU A 42 0.40 -5.39 12.72
C GLU A 42 1.08 -4.61 11.59
N MET A 43 0.39 -3.65 10.96
CA MET A 43 0.95 -2.75 9.95
C MET A 43 2.21 -2.03 10.47
N ILE A 44 2.22 -1.58 11.73
CA ILE A 44 3.38 -0.96 12.35
C ILE A 44 4.55 -1.94 12.32
N LYS A 45 4.38 -3.14 12.87
CA LYS A 45 5.45 -4.14 12.86
C LYS A 45 5.88 -4.41 11.41
N ARG A 46 4.92 -4.53 10.50
CA ARG A 46 5.13 -4.79 9.08
C ARG A 46 5.80 -3.64 8.33
N SER A 47 5.94 -2.43 8.88
CA SER A 47 6.40 -1.30 8.05
C SER A 47 7.30 -0.26 8.72
N GLY A 48 7.46 -0.30 10.04
CA GLY A 48 8.22 0.71 10.77
C GLY A 48 7.54 2.08 10.76
N ARG A 49 6.24 2.15 10.46
CA ARG A 49 5.47 3.38 10.27
C ARG A 49 4.09 3.12 10.87
N THR A 50 3.42 4.14 11.37
CA THR A 50 2.02 4.04 11.80
C THR A 50 1.08 4.78 10.85
N THR A 51 1.59 5.40 9.79
CA THR A 51 0.81 6.27 8.92
C THR A 51 0.64 5.63 7.54
N VAL A 52 -0.52 5.83 6.93
CA VAL A 52 -0.91 5.18 5.68
C VAL A 52 -0.49 5.99 4.44
N PRO A 53 -0.49 5.38 3.24
CA PRO A 53 -0.63 3.96 2.99
C PRO A 53 0.72 3.26 3.06
N GLN A 54 0.68 1.92 3.06
CA GLN A 54 1.82 1.05 2.88
C GLN A 54 1.31 -0.04 1.97
N ILE A 55 2.03 -0.33 0.89
CA ILE A 55 1.67 -1.39 -0.02
C ILE A 55 2.54 -2.57 0.39
N PHE A 56 2.01 -3.76 0.18
CA PHE A 56 2.69 -5.02 0.33
C PHE A 56 2.36 -5.83 -0.91
N ILE A 57 3.34 -6.56 -1.43
CA ILE A 57 3.16 -7.48 -2.55
C ILE A 57 3.84 -8.75 -2.08
N ASP A 58 3.09 -9.82 -1.81
CA ASP A 58 3.66 -11.10 -1.32
C ASP A 58 4.65 -10.89 -0.19
N ALA A 59 4.24 -10.08 0.77
CA ALA A 59 4.95 -9.65 1.97
C ALA A 59 6.21 -8.81 1.70
N GLN A 60 6.51 -8.46 0.45
CA GLN A 60 7.54 -7.48 0.11
C GLN A 60 6.91 -6.13 0.48
N HIS A 61 7.34 -5.54 1.60
CA HIS A 61 6.83 -4.25 2.04
C HIS A 61 7.45 -3.19 1.13
N ILE A 62 6.64 -2.44 0.37
CA ILE A 62 7.18 -1.52 -0.61
C ILE A 62 7.77 -0.30 0.10
N GLY A 63 7.09 0.19 1.12
CA GLY A 63 7.39 1.45 1.79
C GLY A 63 6.06 2.16 2.01
N GLY A 64 5.97 3.41 1.57
CA GLY A 64 4.77 4.21 1.47
C GLY A 64 4.31 4.27 0.01
N TYR A 65 3.67 5.37 -0.36
CA TYR A 65 3.13 5.59 -1.70
C TYR A 65 4.19 6.15 -2.63
N ASP A 66 4.95 7.15 -2.19
CA ASP A 66 6.03 7.72 -3.02
C ASP A 66 7.05 6.62 -3.36
N ASP A 67 7.24 5.65 -2.45
CA ASP A 67 8.05 4.46 -2.70
C ASP A 67 7.46 3.67 -3.85
N LEU A 68 6.17 3.34 -3.76
CA LEU A 68 5.48 2.54 -4.77
C LEU A 68 5.50 3.23 -6.12
N TYR A 69 5.14 4.50 -6.17
CA TYR A 69 5.17 5.34 -7.36
C TYR A 69 6.51 5.21 -8.05
N ALA A 70 7.59 5.44 -7.31
CA ALA A 70 8.93 5.39 -7.86
C ALA A 70 9.25 3.99 -8.37
N LEU A 71 8.83 2.96 -7.63
CA LEU A 71 9.03 1.57 -8.02
C LEU A 71 8.24 1.26 -9.30
N ASP A 72 7.04 1.82 -9.41
CA ASP A 72 6.18 1.70 -10.57
C ASP A 72 6.84 2.35 -11.76
N ALA A 73 7.17 3.64 -11.64
CA ALA A 73 7.78 4.45 -12.66
C ALA A 73 9.19 4.01 -13.09
N ARG A 74 9.89 3.20 -12.30
CA ARG A 74 11.14 2.55 -12.74
C ARG A 74 10.85 1.33 -13.63
N GLY A 75 9.58 0.92 -13.70
CA GLY A 75 9.12 -0.29 -14.35
C GLY A 75 9.31 -1.52 -13.47
N GLY A 76 9.65 -1.37 -12.18
CA GLY A 76 10.02 -2.53 -11.38
C GLY A 76 8.78 -3.24 -10.89
N LEU A 77 7.71 -2.47 -10.61
CA LEU A 77 6.53 -2.95 -9.90
C LEU A 77 5.74 -3.85 -10.85
N ASP A 78 5.56 -3.43 -12.10
CA ASP A 78 4.66 -4.07 -13.05
C ASP A 78 4.87 -5.59 -13.19
N PRO A 79 6.09 -6.09 -13.45
CA PRO A 79 6.35 -7.53 -13.47
C PRO A 79 6.53 -8.13 -12.06
N LEU A 80 6.83 -7.32 -11.03
CA LEU A 80 6.89 -7.77 -9.63
C LEU A 80 5.51 -8.05 -9.07
N LEU A 81 4.44 -7.69 -9.80
CA LEU A 81 3.07 -8.04 -9.45
C LEU A 81 2.83 -9.55 -9.62
N LYS A 82 3.76 -10.30 -10.22
CA LYS A 82 3.66 -11.76 -10.19
C LYS A 82 4.01 -12.19 -8.79
N ALA A 1 1.31 -12.61 -7.21
CA ALA A 1 0.19 -11.73 -6.90
C ALA A 1 -0.31 -11.97 -5.48
N ASN A 2 -0.01 -11.06 -4.58
CA ASN A 2 -0.69 -10.81 -3.32
C ASN A 2 -0.46 -9.33 -3.00
N VAL A 3 -1.11 -8.43 -3.74
CA VAL A 3 -1.04 -6.99 -3.47
C VAL A 3 -1.88 -6.73 -2.23
N GLU A 4 -1.37 -5.91 -1.33
CA GLU A 4 -2.05 -5.36 -0.19
C GLU A 4 -1.71 -3.88 -0.14
N ILE A 5 -2.65 -3.03 0.27
CA ILE A 5 -2.44 -1.61 0.50
C ILE A 5 -3.24 -1.27 1.77
N TYR A 6 -2.52 -1.09 2.88
CA TYR A 6 -3.11 -0.76 4.17
C TYR A 6 -3.38 0.73 4.18
N THR A 7 -4.63 1.16 4.32
CA THR A 7 -4.96 2.58 4.44
C THR A 7 -6.03 2.83 5.51
N LYS A 8 -6.47 4.08 5.69
CA LYS A 8 -7.62 4.39 6.51
C LYS A 8 -8.48 5.41 5.75
N GLU A 9 -9.75 5.52 6.15
CA GLU A 9 -10.76 6.39 5.57
C GLU A 9 -10.25 7.83 5.45
N THR A 10 -9.93 8.46 6.57
CA THR A 10 -9.64 9.88 6.67
C THR A 10 -8.19 10.19 6.29
N CYS A 11 -7.81 9.89 5.03
CA CYS A 11 -6.46 10.11 4.57
C CYS A 11 -6.39 10.22 3.03
N PRO A 12 -6.36 11.42 2.45
CA PRO A 12 -6.24 11.58 1.00
C PRO A 12 -4.92 11.12 0.40
N TYR A 13 -3.80 11.12 1.16
CA TYR A 13 -2.53 10.52 0.76
C TYR A 13 -2.74 9.05 0.41
N SER A 14 -3.55 8.38 1.22
CA SER A 14 -4.01 7.03 0.99
C SER A 14 -4.83 6.94 -0.30
N HIS A 15 -5.85 7.79 -0.48
CA HIS A 15 -6.67 7.76 -1.70
C HIS A 15 -5.79 7.89 -2.95
N ARG A 16 -4.81 8.80 -2.92
CA ARG A 16 -3.75 8.93 -3.91
C ARG A 16 -3.12 7.57 -4.23
N ALA A 17 -2.65 6.82 -3.23
CA ALA A 17 -2.04 5.51 -3.50
C ALA A 17 -2.99 4.46 -4.09
N LYS A 18 -4.29 4.55 -3.83
CA LYS A 18 -5.25 3.66 -4.48
C LYS A 18 -5.50 4.09 -5.91
N ALA A 19 -5.66 5.39 -6.16
CA ALA A 19 -5.80 5.93 -7.50
C ALA A 19 -4.56 5.66 -8.35
N LEU A 20 -3.38 5.47 -7.74
CA LEU A 20 -2.17 5.04 -8.45
C LEU A 20 -2.37 3.60 -8.92
N LEU A 21 -2.67 2.68 -8.01
CA LEU A 21 -2.90 1.28 -8.35
C LEU A 21 -4.02 1.16 -9.40
N SER A 22 -5.12 1.88 -9.25
CA SER A 22 -6.17 1.96 -10.27
C SER A 22 -5.70 2.61 -11.58
N SER A 23 -4.82 3.62 -11.55
CA SER A 23 -4.18 4.17 -12.75
C SER A 23 -3.37 3.09 -13.48
N LYS A 24 -2.82 2.12 -12.75
CA LYS A 24 -2.08 0.96 -13.29
C LYS A 24 -3.02 -0.23 -13.52
N GLY A 25 -4.32 -0.06 -13.27
CA GLY A 25 -5.34 -1.08 -13.44
C GLY A 25 -5.17 -2.27 -12.49
N VAL A 26 -4.38 -2.15 -11.43
CA VAL A 26 -4.02 -3.32 -10.62
C VAL A 26 -5.15 -3.57 -9.63
N SER A 27 -5.46 -4.84 -9.41
CA SER A 27 -6.33 -5.29 -8.33
C SER A 27 -5.48 -5.39 -7.06
N PHE A 28 -6.12 -5.30 -5.90
CA PHE A 28 -5.46 -5.16 -4.62
C PHE A 28 -6.36 -5.68 -3.51
N GLN A 29 -5.77 -5.80 -2.32
CA GLN A 29 -6.46 -6.06 -1.09
C GLN A 29 -6.23 -4.79 -0.29
N GLU A 30 -7.23 -3.92 -0.24
CA GLU A 30 -7.17 -2.81 0.68
C GLU A 30 -7.47 -3.40 2.05
N LEU A 31 -6.72 -2.98 3.06
CA LEU A 31 -6.95 -3.32 4.45
C LEU A 31 -7.17 -2.03 5.21
N PRO A 32 -8.40 -1.49 5.23
CA PRO A 32 -8.78 -0.40 6.09
C PRO A 32 -8.37 -0.68 7.54
N ILE A 33 -7.46 0.14 8.04
CA ILE A 33 -7.01 0.14 9.42
C ILE A 33 -7.78 1.13 10.29
N ASP A 34 -8.77 1.81 9.70
CA ASP A 34 -9.71 2.58 10.48
C ASP A 34 -10.49 1.62 11.39
N GLY A 35 -11.03 2.13 12.49
CA GLY A 35 -11.86 1.40 13.44
C GLY A 35 -11.08 0.48 14.38
N ASN A 36 -9.99 -0.15 13.92
CA ASN A 36 -9.27 -1.17 14.69
C ASN A 36 -7.84 -0.66 14.93
N ALA A 37 -7.57 -0.09 16.10
CA ALA A 37 -6.21 0.31 16.45
C ALA A 37 -5.25 -0.88 16.50
N ALA A 38 -5.75 -2.09 16.75
CA ALA A 38 -4.96 -3.32 16.79
C ALA A 38 -4.28 -3.58 15.44
N LYS A 39 -5.03 -3.81 14.36
CA LYS A 39 -4.45 -3.99 13.02
C LYS A 39 -3.75 -2.72 12.54
N ARG A 40 -4.15 -1.55 13.03
CA ARG A 40 -3.43 -0.32 12.69
C ARG A 40 -2.01 -0.37 13.25
N GLU A 41 -1.86 -0.79 14.50
CA GLU A 41 -0.58 -0.93 15.17
C GLU A 41 0.23 -2.09 14.57
N GLU A 42 -0.42 -3.14 14.07
CA GLU A 42 0.23 -4.19 13.28
C GLU A 42 0.95 -3.56 12.09
N MET A 43 0.25 -2.72 11.32
CA MET A 43 0.81 -2.13 10.10
C MET A 43 2.11 -1.38 10.39
N ILE A 44 2.17 -0.64 11.50
CA ILE A 44 3.34 0.12 11.94
C ILE A 44 4.54 -0.83 11.98
N LYS A 45 4.47 -1.93 12.74
CA LYS A 45 5.56 -2.91 12.80
C LYS A 45 5.79 -3.58 11.45
N ARG A 46 4.72 -4.01 10.76
CA ARG A 46 4.83 -4.71 9.47
C ARG A 46 5.55 -3.86 8.43
N SER A 47 5.36 -2.55 8.45
CA SER A 47 6.02 -1.64 7.51
C SER A 47 7.33 -1.06 8.05
N GLY A 48 7.55 -1.09 9.37
CA GLY A 48 8.66 -0.36 9.98
C GLY A 48 8.51 1.14 9.69
N ARG A 49 7.27 1.63 9.60
CA ARG A 49 6.89 3.02 9.34
C ARG A 49 5.84 3.40 10.36
N THR A 50 5.25 4.59 10.25
CA THR A 50 4.43 5.10 11.33
C THR A 50 2.99 5.28 10.82
N THR A 51 2.78 5.67 9.55
CA THR A 51 1.42 5.97 9.08
C THR A 51 1.17 5.43 7.67
N VAL A 52 -0.09 5.50 7.22
CA VAL A 52 -0.53 4.92 5.95
C VAL A 52 -0.25 5.91 4.79
N PRO A 53 -0.38 5.51 3.51
CA PRO A 53 -0.56 4.15 3.01
C PRO A 53 0.75 3.38 3.19
N GLN A 54 0.67 2.06 3.21
CA GLN A 54 1.81 1.15 3.16
C GLN A 54 1.37 0.03 2.23
N ILE A 55 2.20 -0.36 1.25
CA ILE A 55 1.81 -1.32 0.23
C ILE A 55 2.74 -2.51 0.43
N PHE A 56 2.25 -3.70 0.14
CA PHE A 56 2.98 -4.95 0.23
C PHE A 56 2.57 -5.73 -1.02
N ILE A 57 3.49 -6.38 -1.72
CA ILE A 57 3.16 -7.19 -2.90
C ILE A 57 3.94 -8.49 -2.76
N ASP A 58 3.23 -9.63 -2.79
CA ASP A 58 3.80 -10.97 -2.63
C ASP A 58 4.62 -11.13 -1.35
N ALA A 59 4.31 -10.30 -0.34
CA ALA A 59 4.84 -10.14 1.01
C ALA A 59 5.83 -8.98 1.12
N GLN A 60 6.39 -8.52 0.01
CA GLN A 60 7.41 -7.49 -0.02
C GLN A 60 6.76 -6.16 0.24
N HIS A 61 6.98 -5.63 1.44
CA HIS A 61 6.63 -4.27 1.78
C HIS A 61 7.38 -3.35 0.83
N ILE A 62 6.66 -2.42 0.19
CA ILE A 62 7.24 -1.48 -0.77
C ILE A 62 7.81 -0.29 -0.01
N GLY A 63 7.00 0.29 0.88
CA GLY A 63 7.27 1.55 1.54
C GLY A 63 5.99 2.35 1.46
N GLY A 64 6.15 3.67 1.41
CA GLY A 64 5.09 4.66 1.30
C GLY A 64 4.57 4.79 -0.12
N TYR A 65 3.98 5.95 -0.41
CA TYR A 65 3.29 6.21 -1.66
C TYR A 65 4.24 6.65 -2.76
N ASP A 66 5.11 7.63 -2.50
CA ASP A 66 6.12 8.04 -3.49
C ASP A 66 7.05 6.88 -3.78
N ASP A 67 7.19 5.99 -2.79
CA ASP A 67 7.95 4.77 -2.90
C ASP A 67 7.28 3.92 -3.95
N LEU A 68 5.98 3.60 -3.80
CA LEU A 68 5.25 2.77 -4.76
C LEU A 68 5.24 3.40 -6.15
N TYR A 69 4.93 4.68 -6.26
CA TYR A 69 4.89 5.48 -7.50
C TYR A 69 6.23 5.30 -8.24
N ALA A 70 7.35 5.54 -7.57
CA ALA A 70 8.67 5.33 -8.17
C ALA A 70 8.89 3.85 -8.52
N LEU A 71 8.47 2.94 -7.64
CA LEU A 71 8.62 1.49 -7.84
C LEU A 71 7.79 1.04 -9.04
N ASP A 72 6.69 1.72 -9.34
CA ASP A 72 5.94 1.57 -10.57
C ASP A 72 6.76 2.11 -11.74
N ALA A 73 7.19 3.38 -11.68
CA ALA A 73 7.77 4.08 -12.81
C ALA A 73 9.11 3.49 -13.27
N ARG A 74 9.83 2.83 -12.36
CA ARG A 74 11.04 2.06 -12.65
C ARG A 74 10.73 0.67 -13.20
N GLY A 75 9.50 0.20 -13.06
CA GLY A 75 9.04 -1.10 -13.49
C GLY A 75 9.46 -2.20 -12.52
N GLY A 76 9.28 -2.01 -11.21
CA GLY A 76 9.44 -3.10 -10.22
C GLY A 76 8.11 -3.50 -9.59
N LEU A 77 7.10 -2.63 -9.57
CA LEU A 77 5.77 -2.97 -9.03
C LEU A 77 5.15 -3.89 -10.07
N ASP A 78 5.23 -3.49 -11.33
CA ASP A 78 4.61 -4.17 -12.45
C ASP A 78 5.03 -5.66 -12.53
N PRO A 79 6.32 -6.03 -12.46
CA PRO A 79 6.71 -7.42 -12.34
C PRO A 79 6.48 -8.02 -10.96
N LEU A 80 6.44 -7.23 -9.86
CA LEU A 80 6.12 -7.77 -8.54
C LEU A 80 4.69 -8.29 -8.50
N LEU A 81 3.79 -7.74 -9.32
CA LEU A 81 2.40 -8.18 -9.41
C LEU A 81 2.35 -9.70 -9.64
N LYS A 82 3.25 -10.21 -10.49
CA LYS A 82 3.56 -11.63 -10.70
C LYS A 82 2.30 -12.49 -10.67
N ALA A 1 -1.47 -12.06 -6.75
CA ALA A 1 -0.55 -10.97 -6.41
C ALA A 1 -1.01 -10.35 -5.10
N ASN A 2 -0.13 -10.28 -4.10
CA ASN A 2 -0.51 -10.02 -2.70
C ASN A 2 -0.16 -8.56 -2.48
N VAL A 3 -0.77 -7.70 -3.32
CA VAL A 3 -0.51 -6.28 -3.51
C VAL A 3 -1.37 -5.53 -2.49
N GLU A 4 -1.02 -5.60 -1.20
CA GLU A 4 -1.89 -5.12 -0.13
C GLU A 4 -1.51 -3.68 0.20
N ILE A 5 -2.49 -2.83 0.51
CA ILE A 5 -2.32 -1.41 0.79
C ILE A 5 -3.10 -1.08 2.06
N TYR A 6 -2.39 -0.72 3.13
CA TYR A 6 -2.97 -0.24 4.35
C TYR A 6 -3.48 1.17 4.15
N THR A 7 -4.69 1.43 4.62
CA THR A 7 -5.43 2.65 4.40
C THR A 7 -6.34 2.94 5.57
N LYS A 8 -6.80 4.18 5.70
CA LYS A 8 -7.85 4.60 6.58
C LYS A 8 -8.79 5.45 5.71
N GLU A 9 -10.00 5.72 6.20
CA GLU A 9 -10.99 6.56 5.53
C GLU A 9 -10.42 7.95 5.22
N THR A 10 -10.11 8.72 6.27
CA THR A 10 -9.73 10.11 6.18
C THR A 10 -8.23 10.20 5.90
N CYS A 11 -7.81 10.06 4.64
CA CYS A 11 -6.44 10.30 4.24
C CYS A 11 -6.38 10.59 2.74
N PRO A 12 -6.01 11.79 2.28
CA PRO A 12 -5.95 12.09 0.86
C PRO A 12 -4.81 11.33 0.17
N TYR A 13 -3.60 11.36 0.73
CA TYR A 13 -2.41 10.67 0.24
C TYR A 13 -2.67 9.17 -0.01
N SER A 14 -3.53 8.56 0.81
CA SER A 14 -4.03 7.22 0.64
C SER A 14 -4.95 7.14 -0.58
N HIS A 15 -5.95 8.02 -0.72
CA HIS A 15 -6.90 7.86 -1.82
C HIS A 15 -6.25 8.24 -3.16
N ARG A 16 -5.26 9.13 -3.17
CA ARG A 16 -4.41 9.41 -4.33
C ARG A 16 -3.76 8.14 -4.85
N ALA A 17 -3.31 7.24 -3.96
CA ALA A 17 -2.67 5.99 -4.38
C ALA A 17 -3.59 5.13 -5.25
N LYS A 18 -4.91 5.26 -5.12
CA LYS A 18 -5.86 4.52 -5.91
C LYS A 18 -5.94 5.08 -7.30
N ALA A 19 -5.98 6.41 -7.47
CA ALA A 19 -6.01 6.97 -8.82
C ALA A 19 -4.77 6.54 -9.61
N LEU A 20 -3.66 6.21 -8.93
CA LEU A 20 -2.50 5.59 -9.58
C LEU A 20 -2.80 4.13 -9.87
N LEU A 21 -2.97 3.29 -8.84
CA LEU A 21 -3.06 1.84 -9.01
C LEU A 21 -4.25 1.45 -9.89
N SER A 22 -5.38 2.13 -9.73
CA SER A 22 -6.57 1.97 -10.54
C SER A 22 -6.37 2.53 -11.95
N SER A 23 -5.57 3.60 -12.18
CA SER A 23 -5.20 3.97 -13.56
C SER A 23 -4.48 2.76 -14.20
N LYS A 24 -3.63 2.08 -13.43
CA LYS A 24 -2.89 0.89 -13.86
C LYS A 24 -3.74 -0.39 -13.80
N GLY A 25 -5.01 -0.32 -13.39
CA GLY A 25 -5.97 -1.42 -13.42
C GLY A 25 -5.55 -2.64 -12.60
N VAL A 26 -4.89 -2.46 -11.46
CA VAL A 26 -4.33 -3.53 -10.66
C VAL A 26 -5.34 -4.05 -9.62
N SER A 27 -5.27 -5.34 -9.29
CA SER A 27 -6.00 -5.89 -8.15
C SER A 27 -5.13 -5.69 -6.91
N PHE A 28 -5.34 -4.56 -6.23
CA PHE A 28 -4.76 -4.34 -4.90
C PHE A 28 -5.77 -4.81 -3.85
N GLN A 29 -5.28 -5.19 -2.67
CA GLN A 29 -6.05 -5.60 -1.52
C GLN A 29 -5.96 -4.46 -0.53
N GLU A 30 -7.01 -3.67 -0.48
CA GLU A 30 -7.17 -2.66 0.55
C GLU A 30 -7.25 -3.33 1.92
N LEU A 31 -6.64 -2.68 2.90
CA LEU A 31 -6.53 -3.09 4.28
C LEU A 31 -6.85 -1.86 5.15
N PRO A 32 -8.09 -1.72 5.61
CA PRO A 32 -8.50 -0.64 6.51
C PRO A 32 -7.75 -0.75 7.85
N ILE A 33 -7.53 0.38 8.51
CA ILE A 33 -7.00 0.46 9.88
C ILE A 33 -7.77 1.48 10.74
N ASP A 34 -8.69 2.27 10.19
CA ASP A 34 -9.59 3.04 11.06
C ASP A 34 -10.63 2.07 11.61
N GLY A 35 -11.14 2.34 12.81
CA GLY A 35 -11.99 1.42 13.56
C GLY A 35 -11.22 0.29 14.25
N ASN A 36 -9.88 0.26 14.15
CA ASN A 36 -9.06 -0.88 14.56
C ASN A 36 -7.67 -0.42 15.00
N ALA A 37 -7.32 -0.61 16.27
CA ALA A 37 -5.94 -0.41 16.71
C ALA A 37 -5.07 -1.63 16.44
N ALA A 38 -5.67 -2.81 16.38
CA ALA A 38 -4.97 -4.08 16.36
C ALA A 38 -4.17 -4.24 15.09
N LYS A 39 -4.86 -4.25 13.93
CA LYS A 39 -4.17 -4.43 12.66
C LYS A 39 -3.29 -3.23 12.30
N ARG A 40 -3.48 -2.07 12.94
CA ARG A 40 -2.49 -0.99 12.80
C ARG A 40 -1.22 -1.46 13.49
N GLU A 41 -1.27 -1.92 14.74
CA GLU A 41 -0.05 -2.38 15.41
C GLU A 41 0.61 -3.57 14.70
N GLU A 42 -0.17 -4.40 13.97
CA GLU A 42 0.35 -5.41 13.06
C GLU A 42 1.13 -4.70 11.95
N MET A 43 0.46 -3.81 11.20
CA MET A 43 1.06 -3.02 10.13
C MET A 43 2.34 -2.31 10.58
N ILE A 44 2.39 -1.77 11.78
CA ILE A 44 3.54 -1.09 12.35
C ILE A 44 4.72 -2.05 12.40
N LYS A 45 4.55 -3.25 12.98
CA LYS A 45 5.63 -4.23 13.04
C LYS A 45 5.95 -4.84 11.68
N ARG A 46 5.06 -4.73 10.71
CA ARG A 46 5.31 -5.15 9.33
C ARG A 46 6.05 -4.07 8.52
N SER A 47 5.91 -2.79 8.85
CA SER A 47 6.36 -1.68 8.01
C SER A 47 7.54 -0.89 8.58
N GLY A 48 7.73 -0.90 9.90
CA GLY A 48 8.66 -0.01 10.57
C GLY A 48 8.12 1.42 10.69
N ARG A 49 7.00 1.72 10.02
CA ARG A 49 6.35 3.04 9.94
C ARG A 49 4.97 2.91 10.59
N THR A 50 4.41 4.04 11.02
CA THR A 50 3.17 4.10 11.79
C THR A 50 2.12 4.91 11.00
N THR A 51 2.55 5.62 9.97
CA THR A 51 1.73 6.36 9.02
C THR A 51 1.04 5.40 8.04
N VAL A 52 0.29 5.96 7.10
CA VAL A 52 -0.27 5.31 5.93
C VAL A 52 0.02 6.14 4.66
N PRO A 53 -0.12 5.55 3.46
CA PRO A 53 -0.31 4.13 3.25
C PRO A 53 0.99 3.36 3.52
N GLN A 54 0.86 2.05 3.72
CA GLN A 54 1.95 1.09 3.76
C GLN A 54 1.56 0.05 2.74
N ILE A 55 2.45 -0.32 1.80
CA ILE A 55 2.07 -1.20 0.72
C ILE A 55 2.99 -2.40 0.85
N PHE A 56 2.48 -3.58 0.52
CA PHE A 56 3.20 -4.83 0.51
C PHE A 56 2.90 -5.48 -0.82
N ILE A 57 3.85 -6.18 -1.40
CA ILE A 57 3.63 -7.04 -2.55
C ILE A 57 4.34 -8.34 -2.20
N ASP A 58 3.58 -9.41 -1.99
CA ASP A 58 4.11 -10.74 -1.60
C ASP A 58 5.00 -10.61 -0.36
N ALA A 59 4.52 -9.80 0.58
CA ALA A 59 5.11 -9.42 1.87
C ALA A 59 6.34 -8.49 1.77
N GLN A 60 6.81 -8.17 0.57
CA GLN A 60 7.88 -7.21 0.36
C GLN A 60 7.26 -5.83 0.60
N HIS A 61 7.66 -5.15 1.68
CA HIS A 61 7.15 -3.83 2.00
C HIS A 61 7.76 -2.81 1.04
N ILE A 62 6.91 -2.09 0.33
CA ILE A 62 7.36 -1.11 -0.67
C ILE A 62 7.85 0.14 0.04
N GLY A 63 7.11 0.53 1.07
CA GLY A 63 7.19 1.79 1.76
C GLY A 63 5.76 2.29 1.72
N GLY A 64 5.53 3.45 1.12
CA GLY A 64 4.24 4.08 0.94
C GLY A 64 3.98 4.43 -0.52
N TYR A 65 3.27 5.52 -0.74
CA TYR A 65 2.75 5.94 -2.03
C TYR A 65 3.90 6.39 -2.92
N ASP A 66 4.74 7.33 -2.44
CA ASP A 66 5.82 7.87 -3.28
C ASP A 66 6.81 6.76 -3.60
N ASP A 67 7.00 5.86 -2.64
CA ASP A 67 7.87 4.70 -2.81
C ASP A 67 7.30 3.84 -3.92
N LEU A 68 6.00 3.48 -3.82
CA LEU A 68 5.32 2.69 -4.85
C LEU A 68 5.34 3.36 -6.20
N TYR A 69 5.05 4.64 -6.28
CA TYR A 69 5.03 5.39 -7.54
C TYR A 69 6.35 5.17 -8.26
N ALA A 70 7.44 5.44 -7.56
CA ALA A 70 8.77 5.34 -8.10
C ALA A 70 9.08 3.89 -8.47
N LEU A 71 8.73 2.95 -7.58
CA LEU A 71 8.90 1.51 -7.76
C LEU A 71 8.09 0.98 -8.94
N ASP A 72 6.88 1.49 -9.16
CA ASP A 72 6.08 1.16 -10.32
C ASP A 72 6.80 1.64 -11.56
N ALA A 73 7.09 2.94 -11.58
CA ALA A 73 7.67 3.64 -12.71
C ALA A 73 9.09 3.19 -13.05
N ARG A 74 9.78 2.49 -12.15
CA ARG A 74 11.05 1.80 -12.45
C ARG A 74 10.83 0.53 -13.26
N GLY A 75 9.58 0.08 -13.40
CA GLY A 75 9.22 -1.22 -13.94
C GLY A 75 9.32 -2.30 -12.86
N GLY A 76 9.22 -1.95 -11.57
CA GLY A 76 9.51 -2.84 -10.46
C GLY A 76 8.26 -3.34 -9.75
N LEU A 77 7.14 -2.62 -9.84
CA LEU A 77 5.88 -3.14 -9.31
C LEU A 77 5.43 -4.23 -10.27
N ASP A 78 5.48 -3.92 -11.57
CA ASP A 78 4.98 -4.79 -12.64
C ASP A 78 5.38 -6.28 -12.48
N PRO A 79 6.66 -6.66 -12.31
CA PRO A 79 7.06 -8.06 -12.15
C PRO A 79 6.73 -8.64 -10.76
N LEU A 80 6.50 -7.81 -9.75
CA LEU A 80 6.03 -8.27 -8.43
C LEU A 80 4.52 -8.44 -8.43
N LEU A 81 3.81 -7.92 -9.44
CA LEU A 81 2.35 -8.00 -9.58
C LEU A 81 1.95 -9.42 -10.08
N LYS A 82 2.84 -10.40 -9.93
CA LYS A 82 2.61 -11.82 -10.13
C LYS A 82 2.91 -12.44 -8.80
N ALA A 1 0.53 -14.11 -6.72
CA ALA A 1 0.57 -12.65 -6.51
C ALA A 1 -0.28 -12.27 -5.30
N ASN A 2 0.10 -11.21 -4.59
CA ASN A 2 -0.62 -10.70 -3.43
C ASN A 2 -0.24 -9.24 -3.18
N VAL A 3 -0.87 -8.30 -3.88
CA VAL A 3 -0.75 -6.87 -3.62
C VAL A 3 -1.78 -6.49 -2.55
N GLU A 4 -1.30 -5.97 -1.42
CA GLU A 4 -2.14 -5.41 -0.36
C GLU A 4 -1.80 -3.92 -0.22
N ILE A 5 -2.75 -3.12 0.28
CA ILE A 5 -2.53 -1.73 0.64
C ILE A 5 -3.38 -1.42 1.88
N TYR A 6 -2.70 -1.01 2.96
CA TYR A 6 -3.36 -0.46 4.13
C TYR A 6 -3.82 0.95 3.81
N THR A 7 -5.07 1.27 4.15
CA THR A 7 -5.69 2.55 3.90
C THR A 7 -6.38 3.03 5.17
N LYS A 8 -6.77 4.30 5.22
CA LYS A 8 -7.63 4.79 6.28
C LYS A 8 -8.54 5.87 5.67
N GLU A 9 -9.73 6.04 6.22
CA GLU A 9 -10.62 7.15 5.93
C GLU A 9 -10.00 8.48 6.44
N THR A 10 -10.50 9.59 5.91
CA THR A 10 -10.07 10.96 6.12
C THR A 10 -8.54 11.09 6.01
N CYS A 11 -8.01 10.73 4.83
CA CYS A 11 -6.60 10.83 4.48
C CYS A 11 -6.49 10.78 2.96
N PRO A 12 -6.24 11.90 2.26
CA PRO A 12 -6.19 11.88 0.81
C PRO A 12 -4.99 11.09 0.31
N TYR A 13 -3.84 11.14 1.00
CA TYR A 13 -2.65 10.38 0.66
C TYR A 13 -2.91 8.86 0.66
N SER A 14 -3.80 8.38 1.53
CA SER A 14 -4.31 7.01 1.45
C SER A 14 -5.07 6.85 0.14
N HIS A 15 -6.04 7.74 -0.14
CA HIS A 15 -6.86 7.64 -1.36
C HIS A 15 -6.01 7.64 -2.64
N ARG A 16 -5.08 8.57 -2.72
CA ARG A 16 -4.12 8.74 -3.80
C ARG A 16 -3.44 7.41 -4.14
N ALA A 17 -3.03 6.60 -3.16
CA ALA A 17 -2.34 5.37 -3.47
C ALA A 17 -3.23 4.27 -4.03
N LYS A 18 -4.52 4.25 -3.70
CA LYS A 18 -5.45 3.35 -4.40
C LYS A 18 -5.65 3.90 -5.80
N ALA A 19 -5.83 5.22 -5.95
CA ALA A 19 -5.97 5.85 -7.24
C ALA A 19 -4.79 5.53 -8.15
N LEU A 20 -3.57 5.39 -7.60
CA LEU A 20 -2.40 4.95 -8.35
C LEU A 20 -2.63 3.54 -8.84
N LEU A 21 -2.78 2.58 -7.93
CA LEU A 21 -2.98 1.17 -8.28
C LEU A 21 -4.21 0.94 -9.18
N SER A 22 -5.22 1.78 -9.09
CA SER A 22 -6.42 1.76 -9.92
C SER A 22 -6.14 2.38 -11.29
N SER A 23 -5.40 3.49 -11.37
CA SER A 23 -4.91 4.07 -12.62
C SER A 23 -3.98 3.08 -13.34
N LYS A 24 -3.24 2.28 -12.58
CA LYS A 24 -2.39 1.18 -13.05
C LYS A 24 -3.22 -0.07 -13.35
N GLY A 25 -4.52 -0.07 -13.05
CA GLY A 25 -5.44 -1.17 -13.23
C GLY A 25 -4.86 -2.47 -12.70
N VAL A 26 -4.59 -2.52 -11.39
CA VAL A 26 -4.07 -3.71 -10.72
C VAL A 26 -5.14 -4.21 -9.75
N SER A 27 -5.13 -5.52 -9.51
CA SER A 27 -5.90 -6.18 -8.46
C SER A 27 -5.15 -5.93 -7.15
N PHE A 28 -5.72 -5.15 -6.23
CA PHE A 28 -5.14 -4.91 -4.92
C PHE A 28 -6.19 -5.12 -3.83
N GLN A 29 -5.76 -5.74 -2.74
CA GLN A 29 -6.48 -6.04 -1.54
C GLN A 29 -6.27 -4.83 -0.65
N GLU A 30 -7.25 -3.96 -0.66
CA GLU A 30 -7.32 -2.88 0.31
C GLU A 30 -7.57 -3.46 1.71
N LEU A 31 -6.98 -2.85 2.74
CA LEU A 31 -7.19 -3.12 4.15
C LEU A 31 -7.45 -1.78 4.86
N PRO A 32 -8.72 -1.43 5.17
CA PRO A 32 -8.97 -0.29 6.05
C PRO A 32 -8.38 -0.58 7.43
N ILE A 33 -7.69 0.41 7.98
CA ILE A 33 -7.24 0.45 9.36
C ILE A 33 -7.92 1.58 10.12
N ASP A 34 -8.86 2.30 9.50
CA ASP A 34 -9.70 3.22 10.26
C ASP A 34 -10.77 2.33 10.94
N GLY A 35 -11.42 2.85 11.98
CA GLY A 35 -12.30 2.09 12.85
C GLY A 35 -11.58 1.06 13.71
N ASN A 36 -10.25 1.10 13.81
CA ASN A 36 -9.41 0.08 14.40
C ASN A 36 -8.13 0.68 14.99
N ALA A 37 -7.46 -0.06 15.88
CA ALA A 37 -6.11 0.25 16.35
C ALA A 37 -5.20 -0.97 16.37
N ALA A 38 -5.74 -2.18 16.51
CA ALA A 38 -4.96 -3.41 16.62
C ALA A 38 -4.17 -3.69 15.34
N LYS A 39 -4.85 -3.83 14.20
CA LYS A 39 -4.21 -4.06 12.90
C LYS A 39 -3.40 -2.85 12.46
N ARG A 40 -3.85 -1.63 12.80
CA ARG A 40 -3.03 -0.44 12.63
C ARG A 40 -1.66 -0.64 13.26
N GLU A 41 -1.62 -1.05 14.53
CA GLU A 41 -0.35 -1.23 15.23
C GLU A 41 0.42 -2.42 14.65
N GLU A 42 -0.26 -3.50 14.25
CA GLU A 42 0.37 -4.67 13.65
C GLU A 42 1.11 -4.28 12.35
N MET A 43 0.53 -3.37 11.58
CA MET A 43 1.13 -2.84 10.37
C MET A 43 2.45 -2.14 10.66
N ILE A 44 2.60 -1.39 11.74
CA ILE A 44 3.82 -0.64 12.05
C ILE A 44 4.96 -1.66 12.10
N LYS A 45 4.81 -2.68 12.96
CA LYS A 45 5.80 -3.72 13.12
C LYS A 45 5.93 -4.64 11.91
N ARG A 46 4.96 -4.67 10.98
CA ARG A 46 5.15 -5.41 9.72
C ARG A 46 5.69 -4.53 8.60
N SER A 47 5.84 -3.21 8.79
CA SER A 47 6.29 -2.29 7.75
C SER A 47 7.67 -1.72 8.07
N GLY A 48 7.78 -1.03 9.20
CA GLY A 48 8.94 -0.23 9.58
C GLY A 48 8.63 1.27 9.65
N ARG A 49 7.43 1.73 9.30
CA ARG A 49 7.06 3.15 9.33
C ARG A 49 5.65 3.29 9.84
N THR A 50 5.36 4.41 10.49
CA THR A 50 4.09 4.65 11.13
C THR A 50 3.07 5.18 10.10
N THR A 51 3.51 5.84 9.04
CA THR A 51 2.61 6.52 8.11
C THR A 51 1.87 5.54 7.21
N VAL A 52 0.61 5.85 6.89
CA VAL A 52 -0.20 5.19 5.87
C VAL A 52 -0.12 6.02 4.57
N PRO A 53 -0.47 5.43 3.41
CA PRO A 53 -0.74 4.01 3.19
C PRO A 53 0.57 3.21 3.25
N GLN A 54 0.45 1.90 3.41
CA GLN A 54 1.56 0.97 3.42
C GLN A 54 1.18 -0.14 2.46
N ILE A 55 1.98 -0.37 1.43
CA ILE A 55 1.70 -1.33 0.38
C ILE A 55 2.61 -2.51 0.67
N PHE A 56 2.11 -3.70 0.39
CA PHE A 56 2.82 -4.94 0.53
C PHE A 56 2.61 -5.70 -0.77
N ILE A 57 3.64 -6.36 -1.26
CA ILE A 57 3.56 -7.21 -2.44
C ILE A 57 4.28 -8.49 -2.07
N ASP A 58 3.57 -9.63 -2.10
CA ASP A 58 4.09 -10.93 -1.68
C ASP A 58 4.78 -10.83 -0.31
N ALA A 59 4.10 -10.12 0.58
CA ALA A 59 4.43 -9.84 1.98
C ALA A 59 5.68 -8.99 2.21
N GLN A 60 6.44 -8.56 1.18
CA GLN A 60 7.49 -7.56 1.41
C GLN A 60 6.83 -6.18 1.43
N HIS A 61 7.25 -5.33 2.35
CA HIS A 61 6.75 -3.96 2.44
C HIS A 61 7.45 -3.10 1.39
N ILE A 62 6.75 -2.17 0.75
CA ILE A 62 7.35 -1.27 -0.23
C ILE A 62 8.10 -0.14 0.49
N GLY A 63 7.41 0.65 1.31
CA GLY A 63 8.04 1.73 2.06
C GLY A 63 7.04 2.85 2.36
N GLY A 64 6.39 3.35 1.31
CA GLY A 64 5.42 4.44 1.33
C GLY A 64 4.57 4.39 0.05
N TYR A 65 3.82 5.46 -0.23
CA TYR A 65 3.12 5.72 -1.49
C TYR A 65 4.04 6.34 -2.53
N ASP A 66 4.74 7.42 -2.19
CA ASP A 66 5.71 8.07 -3.09
C ASP A 66 6.81 7.06 -3.45
N ASP A 67 7.05 6.09 -2.56
CA ASP A 67 7.90 4.94 -2.82
C ASP A 67 7.26 4.02 -3.86
N LEU A 68 5.98 3.62 -3.72
CA LEU A 68 5.33 2.71 -4.64
C LEU A 68 5.26 3.30 -6.04
N TYR A 69 4.82 4.54 -6.19
CA TYR A 69 4.71 5.20 -7.49
C TYR A 69 6.02 5.09 -8.25
N ALA A 70 7.14 5.51 -7.64
CA ALA A 70 8.43 5.43 -8.28
C ALA A 70 8.83 3.98 -8.55
N LEU A 71 8.51 3.07 -7.62
CA LEU A 71 8.75 1.64 -7.80
C LEU A 71 7.95 1.11 -9.00
N ASP A 72 6.73 1.58 -9.20
CA ASP A 72 5.99 1.27 -10.41
C ASP A 72 6.67 1.88 -11.62
N ALA A 73 6.97 3.17 -11.55
CA ALA A 73 7.42 3.96 -12.68
C ALA A 73 8.79 3.53 -13.21
N ARG A 74 9.63 2.94 -12.37
CA ARG A 74 10.88 2.27 -12.76
C ARG A 74 10.66 0.88 -13.34
N GLY A 75 9.42 0.39 -13.29
CA GLY A 75 9.04 -0.92 -13.73
C GLY A 75 9.52 -1.97 -12.77
N GLY A 76 9.35 -1.80 -11.44
CA GLY A 76 9.58 -2.86 -10.49
C GLY A 76 8.25 -3.37 -9.94
N LEU A 77 7.20 -2.55 -9.84
CA LEU A 77 5.89 -3.02 -9.38
C LEU A 77 5.32 -3.84 -10.52
N ASP A 78 5.31 -3.27 -11.72
CA ASP A 78 4.72 -3.86 -12.92
C ASP A 78 5.12 -5.32 -13.16
N PRO A 79 6.41 -5.69 -13.17
CA PRO A 79 6.80 -7.08 -13.31
C PRO A 79 6.48 -7.89 -12.05
N LEU A 80 6.61 -7.30 -10.85
CA LEU A 80 6.49 -8.03 -9.58
C LEU A 80 5.03 -8.36 -9.25
N LEU A 81 4.08 -7.75 -9.96
CA LEU A 81 2.66 -8.11 -9.96
C LEU A 81 2.47 -9.50 -10.56
N LYS A 82 3.31 -9.89 -11.54
CA LYS A 82 3.23 -11.16 -12.24
C LYS A 82 4.10 -12.16 -11.49
N ALA A 1 0.11 -12.67 -6.89
CA ALA A 1 0.17 -11.22 -6.65
C ALA A 1 -0.89 -10.82 -5.63
N ASN A 2 -0.52 -10.85 -4.35
CA ASN A 2 -1.34 -10.47 -3.21
C ASN A 2 -0.86 -9.10 -2.76
N VAL A 3 -1.18 -8.09 -3.57
CA VAL A 3 -0.87 -6.69 -3.31
C VAL A 3 -1.80 -6.21 -2.20
N GLU A 4 -1.27 -5.92 -1.03
CA GLU A 4 -2.00 -5.34 0.10
C GLU A 4 -1.67 -3.84 0.14
N ILE A 5 -2.61 -2.98 0.54
CA ILE A 5 -2.42 -1.54 0.63
C ILE A 5 -3.20 -1.02 1.84
N TYR A 6 -2.49 -0.64 2.89
CA TYR A 6 -3.07 -0.05 4.08
C TYR A 6 -3.48 1.40 3.83
N THR A 7 -4.65 1.83 4.31
CA THR A 7 -5.21 3.16 4.13
C THR A 7 -5.98 3.60 5.39
N LYS A 8 -6.44 4.85 5.47
CA LYS A 8 -7.27 5.36 6.58
C LYS A 8 -8.27 6.32 5.95
N GLU A 9 -9.54 6.17 6.26
CA GLU A 9 -10.62 6.99 5.70
C GLU A 9 -10.56 8.46 6.16
N THR A 10 -9.75 9.24 5.47
CA THR A 10 -9.63 10.70 5.53
C THR A 10 -8.34 11.07 4.81
N CYS A 11 -7.27 10.33 5.08
CA CYS A 11 -5.92 10.68 4.66
C CYS A 11 -5.83 10.66 3.12
N PRO A 12 -5.69 11.82 2.46
CA PRO A 12 -5.73 11.89 1.01
C PRO A 12 -4.49 11.26 0.39
N TYR A 13 -3.34 11.26 1.07
CA TYR A 13 -2.14 10.53 0.67
C TYR A 13 -2.45 9.04 0.48
N SER A 14 -3.19 8.50 1.44
CA SER A 14 -3.77 7.17 1.38
C SER A 14 -4.70 7.00 0.18
N HIS A 15 -5.61 7.94 -0.04
CA HIS A 15 -6.53 7.86 -1.17
C HIS A 15 -5.82 7.99 -2.54
N ARG A 16 -4.76 8.77 -2.64
CA ARG A 16 -3.84 8.84 -3.78
C ARG A 16 -3.34 7.47 -4.20
N ALA A 17 -2.84 6.66 -3.26
CA ALA A 17 -2.23 5.38 -3.62
C ALA A 17 -3.16 4.44 -4.38
N LYS A 18 -4.48 4.54 -4.20
CA LYS A 18 -5.40 3.72 -4.99
C LYS A 18 -5.56 4.22 -6.41
N ALA A 19 -5.42 5.51 -6.67
CA ALA A 19 -5.44 5.99 -8.05
C ALA A 19 -4.27 5.42 -8.81
N LEU A 20 -3.10 5.26 -8.17
CA LEU A 20 -1.93 4.64 -8.82
C LEU A 20 -2.22 3.18 -9.11
N LEU A 21 -2.59 2.41 -8.09
CA LEU A 21 -2.81 0.97 -8.25
C LEU A 21 -4.02 0.67 -9.15
N SER A 22 -5.07 1.48 -9.11
CA SER A 22 -6.21 1.35 -10.01
C SER A 22 -5.86 1.87 -11.41
N SER A 23 -4.87 2.77 -11.56
CA SER A 23 -4.35 3.11 -12.90
C SER A 23 -3.90 1.82 -13.58
N LYS A 24 -3.24 0.89 -12.87
CA LYS A 24 -2.93 -0.43 -13.43
C LYS A 24 -4.21 -1.26 -13.49
N GLY A 25 -4.99 -1.25 -12.41
CA GLY A 25 -6.11 -2.16 -12.21
C GLY A 25 -5.51 -3.50 -11.82
N VAL A 26 -5.06 -3.60 -10.58
CA VAL A 26 -4.64 -4.86 -9.94
C VAL A 26 -5.74 -5.24 -8.95
N SER A 27 -5.89 -6.52 -8.67
CA SER A 27 -6.71 -7.03 -7.58
C SER A 27 -5.88 -6.89 -6.30
N PHE A 28 -5.78 -5.65 -5.81
CA PHE A 28 -5.22 -5.36 -4.50
C PHE A 28 -6.24 -5.72 -3.41
N GLN A 29 -5.81 -5.65 -2.16
CA GLN A 29 -6.59 -5.82 -0.95
C GLN A 29 -6.27 -4.58 -0.16
N GLU A 30 -7.20 -3.65 -0.08
CA GLU A 30 -7.02 -2.49 0.78
C GLU A 30 -7.25 -2.92 2.23
N LEU A 31 -6.53 -2.32 3.18
CA LEU A 31 -6.66 -2.56 4.62
C LEU A 31 -6.93 -1.21 5.30
N PRO A 32 -8.19 -0.86 5.57
CA PRO A 32 -8.48 0.29 6.42
C PRO A 32 -7.82 0.05 7.79
N ILE A 33 -7.21 1.11 8.31
CA ILE A 33 -6.70 1.22 9.66
C ILE A 33 -7.15 2.55 10.23
N ASP A 34 -8.48 2.65 10.25
CA ASP A 34 -9.24 3.72 10.86
C ASP A 34 -10.09 3.13 11.98
N GLY A 35 -9.87 3.56 13.22
CA GLY A 35 -10.61 3.11 14.41
C GLY A 35 -10.17 1.74 14.93
N ASN A 36 -9.82 0.81 14.04
CA ASN A 36 -9.29 -0.50 14.39
C ASN A 36 -7.78 -0.37 14.64
N ALA A 37 -7.38 -0.77 15.86
CA ALA A 37 -5.99 -0.71 16.31
C ALA A 37 -5.23 -1.98 15.97
N ALA A 38 -5.93 -3.11 15.82
CA ALA A 38 -5.32 -4.42 15.63
C ALA A 38 -4.50 -4.41 14.34
N LYS A 39 -5.16 -4.17 13.22
CA LYS A 39 -4.56 -4.16 11.90
C LYS A 39 -3.60 -2.97 11.75
N ARG A 40 -3.81 -1.89 12.49
CA ARG A 40 -2.87 -0.79 12.54
C ARG A 40 -1.56 -1.30 13.14
N GLU A 41 -1.63 -1.99 14.27
CA GLU A 41 -0.46 -2.52 14.96
C GLU A 41 0.16 -3.69 14.18
N GLU A 42 -0.62 -4.37 13.33
CA GLU A 42 -0.10 -5.33 12.37
C GLU A 42 0.80 -4.56 11.41
N MET A 43 0.25 -3.58 10.66
CA MET A 43 1.00 -2.77 9.69
C MET A 43 2.29 -2.22 10.31
N ILE A 44 2.22 -1.75 11.56
CA ILE A 44 3.37 -1.23 12.28
C ILE A 44 4.47 -2.30 12.29
N LYS A 45 4.24 -3.52 12.78
CA LYS A 45 5.29 -4.55 12.71
C LYS A 45 5.52 -5.10 11.31
N ARG A 46 4.63 -4.91 10.33
CA ARG A 46 4.93 -5.21 8.94
C ARG A 46 5.93 -4.21 8.35
N SER A 47 6.11 -3.01 8.91
CA SER A 47 6.87 -1.95 8.23
C SER A 47 7.86 -1.13 9.05
N GLY A 48 7.71 -1.09 10.38
CA GLY A 48 8.44 -0.16 11.23
C GLY A 48 7.84 1.25 11.15
N ARG A 49 6.62 1.43 10.61
CA ARG A 49 6.02 2.73 10.32
C ARG A 49 4.55 2.72 10.69
N THR A 50 4.03 3.86 11.09
CA THR A 50 2.70 4.01 11.67
C THR A 50 1.72 4.66 10.70
N THR A 51 2.22 5.25 9.62
CA THR A 51 1.45 6.10 8.71
C THR A 51 0.84 5.29 7.56
N VAL A 52 -0.17 5.86 6.91
CA VAL A 52 -0.73 5.37 5.66
C VAL A 52 -0.36 6.29 4.48
N PRO A 53 -0.41 5.80 3.24
CA PRO A 53 -0.58 4.40 2.91
C PRO A 53 0.75 3.67 3.01
N GLN A 54 0.69 2.35 3.06
CA GLN A 54 1.85 1.49 2.92
C GLN A 54 1.38 0.27 2.15
N ILE A 55 2.22 -0.24 1.25
CA ILE A 55 1.84 -1.28 0.32
C ILE A 55 2.78 -2.43 0.61
N PHE A 56 2.30 -3.66 0.42
CA PHE A 56 3.03 -4.89 0.68
C PHE A 56 2.67 -5.82 -0.48
N ILE A 57 3.64 -6.16 -1.33
CA ILE A 57 3.40 -6.89 -2.58
C ILE A 57 3.93 -8.28 -2.33
N ASP A 58 3.07 -9.30 -2.24
CA ASP A 58 3.43 -10.67 -1.84
C ASP A 58 4.20 -10.63 -0.51
N ALA A 59 3.73 -9.76 0.37
CA ALA A 59 4.31 -9.46 1.67
C ALA A 59 5.76 -8.95 1.57
N GLN A 60 6.02 -8.07 0.60
CA GLN A 60 7.25 -7.29 0.44
C GLN A 60 6.86 -5.83 0.61
N HIS A 61 7.16 -5.26 1.78
CA HIS A 61 6.85 -3.88 2.11
C HIS A 61 7.52 -2.90 1.14
N ILE A 62 6.72 -2.08 0.48
CA ILE A 62 7.22 -1.11 -0.50
C ILE A 62 7.77 0.12 0.19
N GLY A 63 7.03 0.69 1.14
CA GLY A 63 7.29 1.98 1.72
C GLY A 63 5.99 2.78 1.63
N GLY A 64 6.07 4.03 1.20
CA GLY A 64 4.96 4.97 1.09
C GLY A 64 4.30 4.99 -0.29
N TYR A 65 3.53 6.06 -0.56
CA TYR A 65 2.81 6.27 -1.81
C TYR A 65 3.76 6.74 -2.90
N ASP A 66 4.46 7.86 -2.68
CA ASP A 66 5.34 8.40 -3.72
C ASP A 66 6.46 7.42 -4.01
N ASP A 67 6.78 6.57 -3.02
CA ASP A 67 7.65 5.41 -3.17
C ASP A 67 7.01 4.50 -4.21
N LEU A 68 5.81 3.95 -3.94
CA LEU A 68 5.21 2.97 -4.84
C LEU A 68 5.03 3.56 -6.24
N TYR A 69 4.61 4.81 -6.32
CA TYR A 69 4.45 5.53 -7.58
C TYR A 69 5.77 5.47 -8.36
N ALA A 70 6.87 5.87 -7.72
CA ALA A 70 8.18 5.84 -8.37
C ALA A 70 8.60 4.40 -8.69
N LEU A 71 8.24 3.44 -7.83
CA LEU A 71 8.50 2.02 -7.96
C LEU A 71 7.73 1.43 -9.15
N ASP A 72 6.50 1.88 -9.39
CA ASP A 72 5.74 1.61 -10.61
C ASP A 72 6.52 2.15 -11.79
N ALA A 73 6.85 3.44 -11.74
CA ALA A 73 7.39 4.16 -12.88
C ALA A 73 8.78 3.69 -13.32
N ARG A 74 9.58 3.13 -12.43
CA ARG A 74 10.88 2.52 -12.72
C ARG A 74 10.75 1.08 -13.18
N GLY A 75 9.60 0.46 -12.97
CA GLY A 75 9.35 -0.93 -13.27
C GLY A 75 9.93 -1.81 -12.18
N GLY A 76 9.42 -1.72 -10.96
CA GLY A 76 9.71 -2.67 -9.89
C GLY A 76 8.41 -3.19 -9.26
N LEU A 77 7.30 -2.44 -9.39
CA LEU A 77 5.98 -2.94 -9.05
C LEU A 77 5.61 -3.90 -10.17
N ASP A 78 5.56 -3.36 -11.39
CA ASP A 78 5.02 -4.02 -12.57
C ASP A 78 5.63 -5.40 -12.86
N PRO A 79 6.97 -5.58 -12.91
CA PRO A 79 7.53 -6.90 -13.18
C PRO A 79 7.35 -7.89 -12.02
N LEU A 80 7.21 -7.42 -10.78
CA LEU A 80 6.95 -8.30 -9.64
C LEU A 80 5.50 -8.73 -9.57
N LEU A 81 4.62 -8.19 -10.40
CA LEU A 81 3.21 -8.58 -10.49
C LEU A 81 3.08 -9.99 -11.11
N LYS A 82 4.11 -10.49 -11.79
CA LYS A 82 4.10 -11.80 -12.43
C LYS A 82 3.97 -12.94 -11.43
N ALA A 1 -0.22 -12.54 -7.57
CA ALA A 1 0.52 -11.77 -6.56
C ALA A 1 -0.36 -11.52 -5.33
N ASN A 2 0.20 -10.86 -4.31
CA ASN A 2 -0.41 -10.57 -3.02
C ASN A 2 -0.29 -9.06 -2.78
N VAL A 3 -0.90 -8.25 -3.64
CA VAL A 3 -0.84 -6.79 -3.54
C VAL A 3 -1.90 -6.34 -2.53
N GLU A 4 -1.48 -5.64 -1.47
CA GLU A 4 -2.39 -5.12 -0.44
C GLU A 4 -1.98 -3.69 -0.11
N ILE A 5 -2.92 -2.85 0.33
CA ILE A 5 -2.66 -1.46 0.71
C ILE A 5 -3.41 -1.12 1.99
N TYR A 6 -2.66 -0.73 3.02
CA TYR A 6 -3.18 -0.22 4.28
C TYR A 6 -3.69 1.18 4.03
N THR A 7 -4.95 1.44 4.36
CA THR A 7 -5.61 2.72 4.14
C THR A 7 -6.52 3.02 5.33
N LYS A 8 -6.93 4.27 5.46
CA LYS A 8 -7.99 4.64 6.38
C LYS A 8 -8.84 5.69 5.68
N GLU A 9 -10.00 5.97 6.25
CA GLU A 9 -10.88 7.08 5.91
C GLU A 9 -10.12 8.40 6.09
N THR A 10 -10.62 9.51 5.56
CA THR A 10 -10.20 10.90 5.72
C THR A 10 -8.87 11.24 5.05
N CYS A 11 -7.80 10.46 5.25
CA CYS A 11 -6.46 10.78 4.76
C CYS A 11 -6.45 10.78 3.23
N PRO A 12 -6.22 11.91 2.55
CA PRO A 12 -6.28 11.95 1.09
C PRO A 12 -5.06 11.28 0.47
N TYR A 13 -3.88 11.36 1.09
CA TYR A 13 -2.67 10.63 0.71
C TYR A 13 -2.94 9.11 0.69
N SER A 14 -3.84 8.62 1.54
CA SER A 14 -4.37 7.25 1.47
C SER A 14 -5.19 7.10 0.19
N HIS A 15 -6.21 7.94 -0.01
CA HIS A 15 -7.10 7.82 -1.18
C HIS A 15 -6.35 7.87 -2.51
N ARG A 16 -5.44 8.83 -2.68
CA ARG A 16 -4.55 8.95 -3.83
C ARG A 16 -3.91 7.63 -4.21
N ALA A 17 -3.42 6.87 -3.24
CA ALA A 17 -2.60 5.72 -3.58
C ALA A 17 -3.34 4.60 -4.28
N LYS A 18 -4.65 4.48 -4.08
CA LYS A 18 -5.45 3.48 -4.80
C LYS A 18 -5.73 3.94 -6.22
N ALA A 19 -5.89 5.24 -6.45
CA ALA A 19 -6.10 5.77 -7.78
C ALA A 19 -4.89 5.53 -8.68
N LEU A 20 -3.69 5.46 -8.12
CA LEU A 20 -2.48 5.04 -8.84
C LEU A 20 -2.63 3.60 -9.29
N LEU A 21 -2.84 2.68 -8.34
CA LEU A 21 -2.96 1.25 -8.66
C LEU A 21 -4.14 1.00 -9.60
N SER A 22 -5.24 1.72 -9.45
CA SER A 22 -6.37 1.62 -10.37
C SER A 22 -5.98 2.15 -11.76
N SER A 23 -5.26 3.27 -11.85
CA SER A 23 -4.76 3.77 -13.13
C SER A 23 -3.87 2.74 -13.84
N LYS A 24 -3.21 1.85 -13.09
CA LYS A 24 -2.38 0.78 -13.63
C LYS A 24 -3.17 -0.53 -13.82
N GLY A 25 -4.47 -0.53 -13.56
CA GLY A 25 -5.34 -1.68 -13.83
C GLY A 25 -5.15 -2.81 -12.84
N VAL A 26 -4.65 -2.53 -11.63
CA VAL A 26 -4.21 -3.60 -10.72
C VAL A 26 -5.42 -4.14 -9.94
N SER A 27 -5.25 -5.35 -9.45
CA SER A 27 -6.13 -6.05 -8.53
C SER A 27 -5.38 -6.09 -7.20
N PHE A 28 -5.91 -5.41 -6.19
CA PHE A 28 -5.30 -5.23 -4.89
C PHE A 28 -6.38 -5.37 -3.81
N GLN A 29 -5.93 -5.49 -2.56
CA GLN A 29 -6.71 -5.73 -1.36
C GLN A 29 -6.50 -4.50 -0.50
N GLU A 30 -7.45 -3.58 -0.53
CA GLU A 30 -7.45 -2.49 0.43
C GLU A 30 -7.59 -3.10 1.83
N LEU A 31 -6.90 -2.54 2.83
CA LEU A 31 -6.84 -3.04 4.20
C LEU A 31 -7.15 -1.88 5.14
N PRO A 32 -8.40 -1.74 5.62
CA PRO A 32 -8.81 -0.62 6.46
C PRO A 32 -8.13 -0.64 7.82
N ILE A 33 -7.80 0.55 8.33
CA ILE A 33 -7.37 0.81 9.70
C ILE A 33 -8.08 2.00 10.33
N ASP A 34 -9.05 2.63 9.65
CA ASP A 34 -9.86 3.60 10.39
C ASP A 34 -10.73 2.80 11.36
N GLY A 35 -10.80 3.20 12.63
CA GLY A 35 -11.45 2.42 13.67
C GLY A 35 -10.53 1.28 14.16
N ASN A 36 -10.02 0.44 13.25
CA ASN A 36 -9.33 -0.80 13.59
C ASN A 36 -7.87 -0.48 13.91
N ALA A 37 -7.46 -0.72 15.14
CA ALA A 37 -6.12 -0.42 15.64
C ALA A 37 -5.23 -1.65 15.77
N ALA A 38 -5.79 -2.87 15.77
CA ALA A 38 -5.00 -4.09 15.90
C ALA A 38 -4.07 -4.23 14.71
N LYS A 39 -4.65 -4.33 13.51
CA LYS A 39 -3.87 -4.47 12.29
C LYS A 39 -3.11 -3.19 11.95
N ARG A 40 -3.54 -2.04 12.49
CA ARG A 40 -2.76 -0.81 12.45
C ARG A 40 -1.46 -1.01 13.20
N GLU A 41 -1.49 -1.59 14.41
CA GLU A 41 -0.29 -1.88 15.16
C GLU A 41 0.59 -2.91 14.45
N GLU A 42 0.02 -3.97 13.87
CA GLU A 42 0.78 -4.98 13.10
C GLU A 42 1.69 -4.30 12.08
N MET A 43 1.11 -3.39 11.27
CA MET A 43 1.82 -2.66 10.24
C MET A 43 3.03 -1.91 10.77
N ILE A 44 3.00 -1.41 12.01
CA ILE A 44 4.12 -0.71 12.60
C ILE A 44 5.34 -1.64 12.63
N LYS A 45 5.18 -2.90 13.07
CA LYS A 45 6.26 -3.89 13.00
C LYS A 45 6.60 -4.17 11.55
N ARG A 46 5.60 -4.39 10.69
CA ARG A 46 5.81 -4.77 9.29
C ARG A 46 6.51 -3.67 8.48
N SER A 47 6.61 -2.43 8.98
CA SER A 47 7.03 -1.29 8.18
C SER A 47 8.19 -0.49 8.73
N GLY A 48 8.24 -0.29 10.05
CA GLY A 48 9.17 0.67 10.63
C GLY A 48 8.86 2.09 10.14
N ARG A 49 7.59 2.41 9.84
CA ARG A 49 7.14 3.74 9.43
C ARG A 49 6.10 4.28 10.40
N THR A 50 4.97 3.58 10.54
CA THR A 50 3.77 3.92 11.30
C THR A 50 2.76 4.74 10.45
N THR A 51 3.21 5.47 9.44
CA THR A 51 2.32 6.30 8.62
C THR A 51 1.61 5.47 7.56
N VAL A 52 0.35 5.80 7.25
CA VAL A 52 -0.41 5.26 6.10
C VAL A 52 -0.35 6.23 4.90
N PRO A 53 -0.73 5.78 3.69
CA PRO A 53 -0.96 4.39 3.34
C PRO A 53 0.38 3.70 3.20
N GLN A 54 0.36 2.37 3.12
CA GLN A 54 1.53 1.60 2.76
C GLN A 54 1.07 0.43 1.93
N ILE A 55 1.93 -0.06 1.04
CA ILE A 55 1.61 -1.17 0.17
C ILE A 55 2.56 -2.29 0.62
N PHE A 56 2.09 -3.51 0.49
CA PHE A 56 2.87 -4.73 0.62
C PHE A 56 2.58 -5.53 -0.64
N ILE A 57 3.63 -6.17 -1.20
CA ILE A 57 3.49 -7.03 -2.37
C ILE A 57 4.44 -8.20 -2.12
N ASP A 58 4.10 -9.42 -2.55
CA ASP A 58 4.93 -10.61 -2.32
C ASP A 58 5.21 -10.81 -0.82
N ALA A 59 4.25 -10.39 0.00
CA ALA A 59 4.26 -10.36 1.47
C ALA A 59 5.37 -9.47 2.05
N GLN A 60 5.99 -8.60 1.26
CA GLN A 60 7.08 -7.72 1.66
C GLN A 60 6.68 -6.27 1.46
N HIS A 61 7.25 -5.41 2.29
CA HIS A 61 6.90 -3.99 2.37
C HIS A 61 7.46 -3.23 1.17
N ILE A 62 6.63 -2.39 0.54
CA ILE A 62 7.10 -1.45 -0.47
C ILE A 62 7.84 -0.30 0.24
N GLY A 63 7.16 0.35 1.18
CA GLY A 63 7.61 1.60 1.78
C GLY A 63 6.38 2.44 2.08
N GLY A 64 5.88 3.10 1.04
CA GLY A 64 4.78 4.05 1.10
C GLY A 64 4.29 4.37 -0.29
N TYR A 65 3.42 5.37 -0.42
CA TYR A 65 2.85 5.82 -1.68
C TYR A 65 3.91 6.40 -2.61
N ASP A 66 4.70 7.35 -2.12
CA ASP A 66 5.70 8.03 -2.94
C ASP A 66 6.67 6.98 -3.47
N ASP A 67 7.02 6.06 -2.58
CA ASP A 67 7.91 4.95 -2.86
C ASP A 67 7.27 4.00 -3.86
N LEU A 68 5.98 3.67 -3.71
CA LEU A 68 5.24 2.82 -4.64
C LEU A 68 5.27 3.40 -6.03
N TYR A 69 4.98 4.69 -6.20
CA TYR A 69 5.05 5.35 -7.49
C TYR A 69 6.41 5.11 -8.11
N ALA A 70 7.48 5.41 -7.38
CA ALA A 70 8.83 5.26 -7.89
C ALA A 70 9.15 3.78 -8.16
N LEU A 71 8.64 2.88 -7.31
CA LEU A 71 8.83 1.44 -7.37
C LEU A 71 8.04 0.86 -8.55
N ASP A 72 6.89 1.43 -8.90
CA ASP A 72 6.20 1.06 -10.12
C ASP A 72 7.01 1.55 -11.31
N ALA A 73 7.27 2.86 -11.35
CA ALA A 73 7.88 3.54 -12.49
C ALA A 73 9.24 3.00 -12.93
N ARG A 74 10.00 2.38 -12.03
CA ARG A 74 11.25 1.69 -12.36
C ARG A 74 11.04 0.29 -12.96
N GLY A 75 9.89 -0.30 -12.68
CA GLY A 75 9.57 -1.69 -12.93
C GLY A 75 9.92 -2.56 -11.72
N GLY A 76 9.32 -2.36 -10.54
CA GLY A 76 9.43 -3.29 -9.44
C GLY A 76 8.08 -3.65 -8.83
N LEU A 77 7.02 -2.85 -9.07
CA LEU A 77 5.65 -3.19 -8.69
C LEU A 77 5.16 -4.15 -9.75
N ASP A 78 5.05 -3.63 -10.97
CA ASP A 78 4.47 -4.27 -12.14
C ASP A 78 5.06 -5.68 -12.41
N PRO A 79 6.39 -5.87 -12.49
CA PRO A 79 6.98 -7.19 -12.68
C PRO A 79 6.86 -8.18 -11.51
N LEU A 80 6.31 -7.78 -10.36
CA LEU A 80 5.92 -8.70 -9.28
C LEU A 80 4.42 -8.98 -9.34
N LEU A 81 3.62 -8.02 -9.79
CA LEU A 81 2.19 -8.16 -10.00
C LEU A 81 1.91 -9.17 -11.11
N LYS A 82 2.46 -8.93 -12.30
CA LYS A 82 2.13 -9.66 -13.51
C LYS A 82 2.46 -11.14 -13.40
N ALA A 1 1.53 -13.46 -5.82
CA ALA A 1 0.29 -12.71 -5.65
C ALA A 1 -0.09 -12.52 -4.18
N ASN A 2 0.17 -11.35 -3.61
CA ASN A 2 -0.44 -10.82 -2.41
C ASN A 2 -0.31 -9.30 -2.39
N VAL A 3 -1.20 -8.54 -3.02
CA VAL A 3 -1.15 -7.08 -3.05
C VAL A 3 -2.13 -6.55 -1.99
N GLU A 4 -1.61 -6.12 -0.85
CA GLU A 4 -2.42 -5.46 0.18
C GLU A 4 -1.93 -4.01 0.25
N ILE A 5 -2.85 -3.04 0.19
CA ILE A 5 -2.59 -1.62 0.41
C ILE A 5 -3.35 -1.24 1.67
N TYR A 6 -2.62 -0.93 2.73
CA TYR A 6 -3.16 -0.53 4.01
C TYR A 6 -3.63 0.91 3.89
N THR A 7 -4.83 1.21 4.38
CA THR A 7 -5.48 2.51 4.23
C THR A 7 -6.24 2.91 5.49
N LYS A 8 -6.61 4.18 5.63
CA LYS A 8 -7.36 4.70 6.76
C LYS A 8 -8.36 5.76 6.28
N GLU A 9 -9.22 6.18 7.21
CA GLU A 9 -10.12 7.31 7.08
C GLU A 9 -9.29 8.61 6.99
N THR A 10 -9.89 9.68 6.49
CA THR A 10 -9.30 11.00 6.24
C THR A 10 -7.88 10.88 5.67
N CYS A 11 -7.78 10.34 4.45
CA CYS A 11 -6.50 10.19 3.81
C CYS A 11 -6.55 10.38 2.29
N PRO A 12 -6.74 11.61 1.80
CA PRO A 12 -6.57 11.94 0.39
C PRO A 12 -5.24 11.46 -0.20
N TYR A 13 -4.12 11.56 0.50
CA TYR A 13 -2.81 11.07 0.05
C TYR A 13 -2.84 9.56 -0.22
N SER A 14 -3.69 8.80 0.48
CA SER A 14 -3.95 7.42 0.11
C SER A 14 -4.85 7.38 -1.12
N HIS A 15 -5.89 8.20 -1.20
CA HIS A 15 -6.75 8.18 -2.38
C HIS A 15 -5.98 8.57 -3.65
N ARG A 16 -4.92 9.35 -3.51
CA ARG A 16 -3.95 9.69 -4.55
C ARG A 16 -3.23 8.40 -4.98
N ALA A 17 -2.75 7.58 -4.05
CA ALA A 17 -2.26 6.23 -4.38
C ALA A 17 -3.33 5.33 -4.99
N LYS A 18 -4.60 5.56 -4.70
CA LYS A 18 -5.68 4.77 -5.30
C LYS A 18 -5.92 5.17 -6.74
N ALA A 19 -5.86 6.46 -7.08
CA ALA A 19 -5.93 6.90 -8.45
C ALA A 19 -4.71 6.42 -9.25
N LEU A 20 -3.56 6.18 -8.60
CA LEU A 20 -2.42 5.53 -9.24
C LEU A 20 -2.81 4.09 -9.58
N LEU A 21 -3.19 3.31 -8.57
CA LEU A 21 -3.46 1.89 -8.74
C LEU A 21 -4.70 1.65 -9.61
N SER A 22 -5.66 2.58 -9.63
CA SER A 22 -6.82 2.50 -10.49
C SER A 22 -6.45 2.93 -11.92
N SER A 23 -5.48 3.83 -12.12
CA SER A 23 -4.98 4.07 -13.47
C SER A 23 -4.39 2.77 -14.03
N LYS A 24 -3.71 2.01 -13.16
CA LYS A 24 -3.14 0.70 -13.50
C LYS A 24 -4.18 -0.43 -13.43
N GLY A 25 -5.41 -0.16 -12.97
CA GLY A 25 -6.49 -1.13 -12.84
C GLY A 25 -6.07 -2.38 -12.08
N VAL A 26 -5.29 -2.23 -10.98
CA VAL A 26 -4.69 -3.39 -10.33
C VAL A 26 -5.68 -4.02 -9.36
N SER A 27 -5.62 -5.34 -9.20
CA SER A 27 -6.30 -6.07 -8.14
C SER A 27 -5.46 -5.95 -6.87
N PHE A 28 -6.07 -5.45 -5.80
CA PHE A 28 -5.46 -5.31 -4.49
C PHE A 28 -6.55 -5.50 -3.45
N GLN A 29 -6.14 -5.70 -2.20
CA GLN A 29 -6.97 -5.81 -1.04
C GLN A 29 -6.66 -4.55 -0.25
N GLU A 30 -7.53 -3.57 -0.36
CA GLU A 30 -7.39 -2.38 0.47
C GLU A 30 -7.72 -2.79 1.90
N LEU A 31 -6.91 -2.40 2.89
CA LEU A 31 -6.98 -2.87 4.27
C LEU A 31 -7.17 -1.69 5.22
N PRO A 32 -8.43 -1.35 5.55
CA PRO A 32 -8.79 -0.30 6.49
C PRO A 32 -8.23 -0.56 7.89
N ILE A 33 -7.29 0.28 8.30
CA ILE A 33 -6.65 0.31 9.60
C ILE A 33 -7.12 1.51 10.43
N ASP A 34 -8.15 2.24 9.98
CA ASP A 34 -8.77 3.21 10.86
C ASP A 34 -9.69 2.48 11.84
N GLY A 35 -10.61 1.67 11.30
CA GLY A 35 -11.57 0.93 12.11
C GLY A 35 -10.92 -0.18 12.94
N ASN A 36 -9.74 -0.65 12.53
CA ASN A 36 -9.04 -1.79 13.11
C ASN A 36 -7.64 -1.33 13.53
N ALA A 37 -7.41 -1.29 14.84
CA ALA A 37 -6.14 -0.87 15.43
C ALA A 37 -5.12 -2.00 15.45
N ALA A 38 -5.59 -3.25 15.48
CA ALA A 38 -4.76 -4.45 15.60
C ALA A 38 -3.81 -4.55 14.41
N LYS A 39 -4.37 -4.69 13.21
CA LYS A 39 -3.57 -4.80 12.00
C LYS A 39 -2.83 -3.50 11.69
N ARG A 40 -3.26 -2.36 12.24
CA ARG A 40 -2.46 -1.14 12.10
C ARG A 40 -1.15 -1.34 12.84
N GLU A 41 -1.22 -1.81 14.08
CA GLU A 41 -0.01 -2.04 14.85
C GLU A 41 0.83 -3.18 14.24
N GLU A 42 0.18 -4.14 13.55
CA GLU A 42 0.89 -5.12 12.74
C GLU A 42 1.65 -4.42 11.61
N MET A 43 0.99 -3.56 10.81
CA MET A 43 1.61 -2.84 9.70
C MET A 43 2.86 -2.09 10.16
N ILE A 44 2.76 -1.43 11.30
CA ILE A 44 3.89 -0.76 11.94
C ILE A 44 5.00 -1.79 12.15
N LYS A 45 4.74 -2.88 12.88
CA LYS A 45 5.77 -3.89 13.16
C LYS A 45 6.31 -4.54 11.88
N ARG A 46 5.48 -4.69 10.85
CA ARG A 46 5.81 -5.22 9.52
C ARG A 46 6.74 -4.30 8.72
N SER A 47 6.82 -3.01 9.04
CA SER A 47 7.50 -2.04 8.19
C SER A 47 8.51 -1.13 8.91
N GLY A 48 8.32 -0.88 10.20
CA GLY A 48 9.04 0.13 10.97
C GLY A 48 8.42 1.51 10.80
N ARG A 49 7.37 1.70 9.97
CA ARG A 49 6.81 3.01 9.63
C ARG A 49 5.35 3.09 10.04
N THR A 50 4.92 4.29 10.37
CA THR A 50 3.60 4.51 10.97
C THR A 50 2.66 5.25 10.02
N THR A 51 3.17 5.96 9.01
CA THR A 51 2.29 6.67 8.10
C THR A 51 1.66 5.71 7.08
N VAL A 52 0.45 6.05 6.62
CA VAL A 52 -0.33 5.36 5.59
C VAL A 52 -0.46 6.26 4.34
N PRO A 53 -0.76 5.72 3.14
CA PRO A 53 -0.93 4.31 2.82
C PRO A 53 0.41 3.58 2.92
N GLN A 54 0.37 2.24 2.92
CA GLN A 54 1.56 1.40 2.76
C GLN A 54 1.14 0.22 1.92
N ILE A 55 2.05 -0.38 1.16
CA ILE A 55 1.72 -1.48 0.27
C ILE A 55 2.68 -2.61 0.64
N PHE A 56 2.18 -3.84 0.53
CA PHE A 56 2.93 -5.07 0.65
C PHE A 56 2.53 -5.87 -0.57
N ILE A 57 3.50 -6.34 -1.34
CA ILE A 57 3.28 -7.18 -2.53
C ILE A 57 4.05 -8.45 -2.28
N ASP A 58 3.39 -9.61 -2.37
CA ASP A 58 3.95 -10.92 -2.08
C ASP A 58 4.61 -10.88 -0.69
N ALA A 59 3.85 -10.24 0.22
CA ALA A 59 4.11 -9.83 1.59
C ALA A 59 5.35 -8.92 1.79
N GLN A 60 6.13 -8.63 0.76
CA GLN A 60 7.28 -7.74 0.83
C GLN A 60 6.77 -6.29 0.85
N HIS A 61 7.15 -5.56 1.88
CA HIS A 61 6.81 -4.15 2.04
C HIS A 61 7.42 -3.34 0.90
N ILE A 62 6.65 -2.46 0.27
CA ILE A 62 7.17 -1.52 -0.72
C ILE A 62 7.66 -0.28 0.03
N GLY A 63 6.73 0.36 0.74
CA GLY A 63 6.85 1.66 1.34
C GLY A 63 5.44 2.26 1.36
N GLY A 64 5.34 3.58 1.41
CA GLY A 64 4.09 4.32 1.27
C GLY A 64 3.78 4.66 -0.19
N TYR A 65 2.98 5.70 -0.41
CA TYR A 65 2.51 6.14 -1.73
C TYR A 65 3.67 6.63 -2.58
N ASP A 66 4.40 7.62 -2.07
CA ASP A 66 5.51 8.25 -2.80
C ASP A 66 6.55 7.20 -3.17
N ASP A 67 6.73 6.23 -2.28
CA ASP A 67 7.60 5.08 -2.45
C ASP A 67 7.04 4.22 -3.58
N LEU A 68 5.77 3.80 -3.48
CA LEU A 68 5.11 2.93 -4.44
C LEU A 68 5.21 3.53 -5.84
N TYR A 69 4.91 4.80 -5.98
CA TYR A 69 4.95 5.54 -7.23
C TYR A 69 6.31 5.40 -7.91
N ALA A 70 7.38 5.69 -7.18
CA ALA A 70 8.74 5.60 -7.71
C ALA A 70 9.08 4.15 -8.05
N LEU A 71 8.72 3.21 -7.17
CA LEU A 71 9.00 1.80 -7.34
C LEU A 71 8.22 1.25 -8.54
N ASP A 72 7.00 1.73 -8.75
CA ASP A 72 6.20 1.48 -9.94
C ASP A 72 6.87 2.08 -11.17
N ALA A 73 7.26 3.35 -11.10
CA ALA A 73 7.92 4.02 -12.22
C ALA A 73 9.22 3.36 -12.62
N ARG A 74 9.89 2.66 -11.70
CA ARG A 74 11.07 1.88 -12.02
C ARG A 74 10.72 0.54 -12.67
N GLY A 75 9.47 0.11 -12.59
CA GLY A 75 9.06 -1.23 -12.96
C GLY A 75 9.55 -2.25 -11.94
N GLY A 76 9.50 -1.97 -10.63
CA GLY A 76 9.74 -2.97 -9.60
C GLY A 76 8.45 -3.39 -8.89
N LEU A 77 7.39 -2.56 -8.97
CA LEU A 77 6.05 -2.95 -8.51
C LEU A 77 5.52 -3.91 -9.55
N ASP A 78 5.54 -3.47 -10.80
CA ASP A 78 5.02 -4.12 -11.99
C ASP A 78 5.33 -5.64 -12.05
N PRO A 79 6.60 -6.10 -11.98
CA PRO A 79 6.91 -7.53 -11.96
C PRO A 79 6.73 -8.21 -10.60
N LEU A 80 6.66 -7.46 -9.49
CA LEU A 80 6.28 -8.06 -8.20
C LEU A 80 4.80 -8.45 -8.23
N LEU A 81 4.00 -7.92 -9.15
CA LEU A 81 2.57 -8.18 -9.29
C LEU A 81 2.33 -9.59 -9.89
N LYS A 82 3.27 -10.51 -9.71
CA LYS A 82 3.18 -11.91 -10.10
C LYS A 82 2.01 -12.60 -9.43
N ALA A 1 2.03 -12.77 -6.23
CA ALA A 1 1.11 -11.62 -6.32
C ALA A 1 0.17 -11.53 -5.12
N ASN A 2 0.50 -10.67 -4.16
CA ASN A 2 -0.37 -10.30 -3.07
C ASN A 2 -0.14 -8.85 -2.75
N VAL A 3 -0.59 -7.95 -3.63
CA VAL A 3 -0.50 -6.52 -3.39
C VAL A 3 -1.57 -6.22 -2.37
N GLU A 4 -1.18 -5.70 -1.21
CA GLU A 4 -2.06 -5.17 -0.20
C GLU A 4 -1.63 -3.74 0.05
N ILE A 5 -2.59 -2.87 0.32
CA ILE A 5 -2.33 -1.48 0.66
C ILE A 5 -3.18 -1.17 1.87
N TYR A 6 -2.50 -0.80 2.94
CA TYR A 6 -3.10 -0.30 4.14
C TYR A 6 -3.57 1.12 3.88
N THR A 7 -4.85 1.38 4.13
CA THR A 7 -5.50 2.64 3.81
C THR A 7 -6.31 3.13 5.00
N LYS A 8 -6.75 4.39 4.98
CA LYS A 8 -7.55 4.94 6.06
C LYS A 8 -8.59 5.88 5.46
N GLU A 9 -9.73 6.00 6.11
CA GLU A 9 -10.88 6.75 5.60
C GLU A 9 -10.50 8.19 5.32
N THR A 10 -10.07 8.91 6.36
CA THR A 10 -9.64 10.28 6.29
C THR A 10 -8.11 10.25 6.26
N CYS A 11 -7.58 10.11 5.05
CA CYS A 11 -6.17 10.29 4.71
C CYS A 11 -6.09 10.50 3.20
N PRO A 12 -6.02 11.73 2.69
CA PRO A 12 -6.13 11.97 1.26
C PRO A 12 -4.98 11.33 0.47
N TYR A 13 -3.80 11.24 1.06
CA TYR A 13 -2.62 10.57 0.53
C TYR A 13 -2.86 9.06 0.38
N SER A 14 -3.54 8.43 1.35
CA SER A 14 -4.03 7.06 1.22
C SER A 14 -4.95 6.98 0.01
N HIS A 15 -5.83 7.96 -0.20
CA HIS A 15 -6.74 7.88 -1.33
C HIS A 15 -6.01 8.05 -2.66
N ARG A 16 -4.97 8.88 -2.72
CA ARG A 16 -4.10 9.02 -3.88
C ARG A 16 -3.57 7.69 -4.38
N ALA A 17 -3.20 6.78 -3.49
CA ALA A 17 -2.65 5.50 -3.91
C ALA A 17 -3.58 4.67 -4.80
N LYS A 18 -4.88 4.85 -4.68
CA LYS A 18 -5.84 4.12 -5.51
C LYS A 18 -5.89 4.68 -6.91
N ALA A 19 -5.72 5.99 -7.09
CA ALA A 19 -5.59 6.58 -8.41
C ALA A 19 -4.28 6.14 -9.07
N LEU A 20 -3.20 5.94 -8.31
CA LEU A 20 -1.93 5.44 -8.85
C LEU A 20 -2.13 4.02 -9.36
N LEU A 21 -2.55 3.13 -8.46
CA LEU A 21 -2.74 1.72 -8.78
C LEU A 21 -3.75 1.54 -9.92
N SER A 22 -4.83 2.32 -9.93
CA SER A 22 -5.79 2.33 -11.03
C SER A 22 -5.16 2.82 -12.32
N SER A 23 -4.31 3.87 -12.27
CA SER A 23 -3.55 4.30 -13.44
C SER A 23 -2.65 3.20 -14.01
N LYS A 24 -2.33 2.14 -13.25
CA LYS A 24 -1.59 0.97 -13.71
C LYS A 24 -2.44 -0.30 -13.78
N GLY A 25 -3.75 -0.19 -13.58
CA GLY A 25 -4.70 -1.27 -13.75
C GLY A 25 -4.55 -2.37 -12.69
N VAL A 26 -3.94 -2.07 -11.54
CA VAL A 26 -3.54 -3.10 -10.58
C VAL A 26 -4.73 -3.47 -9.68
N SER A 27 -4.76 -4.72 -9.21
CA SER A 27 -5.66 -5.21 -8.17
C SER A 27 -4.89 -5.25 -6.85
N PHE A 28 -5.49 -4.73 -5.79
CA PHE A 28 -4.86 -4.61 -4.48
C PHE A 28 -5.89 -4.97 -3.41
N GLN A 29 -5.42 -5.63 -2.36
CA GLN A 29 -6.12 -6.01 -1.15
C GLN A 29 -6.04 -4.76 -0.29
N GLU A 30 -7.02 -3.88 -0.44
CA GLU A 30 -7.10 -2.69 0.40
C GLU A 30 -7.37 -3.11 1.85
N LEU A 31 -6.72 -2.44 2.82
CA LEU A 31 -6.72 -2.81 4.23
C LEU A 31 -7.00 -1.57 5.09
N PRO A 32 -8.29 -1.24 5.30
CA PRO A 32 -8.76 -0.14 6.14
C PRO A 32 -8.21 -0.26 7.56
N ILE A 33 -7.53 0.78 8.06
CA ILE A 33 -6.86 0.80 9.36
C ILE A 33 -7.35 1.93 10.27
N ASP A 34 -8.63 2.24 10.21
CA ASP A 34 -9.34 3.10 11.16
C ASP A 34 -10.53 2.29 11.60
N GLY A 35 -10.91 2.42 12.87
CA GLY A 35 -11.88 1.52 13.51
C GLY A 35 -11.11 0.27 13.91
N ASN A 36 -10.38 -0.31 12.97
CA ASN A 36 -9.40 -1.37 13.17
C ASN A 36 -8.09 -0.69 13.56
N ALA A 37 -7.62 -0.95 14.78
CA ALA A 37 -6.29 -0.56 15.23
C ALA A 37 -5.37 -1.77 15.39
N ALA A 38 -5.89 -2.96 15.65
CA ALA A 38 -5.06 -4.14 15.93
C ALA A 38 -4.15 -4.48 14.75
N LYS A 39 -4.72 -4.76 13.57
CA LYS A 39 -3.94 -4.97 12.35
C LYS A 39 -3.11 -3.74 11.98
N ARG A 40 -3.55 -2.51 12.30
CA ARG A 40 -2.71 -1.34 12.09
C ARG A 40 -1.44 -1.50 12.92
N GLU A 41 -1.57 -1.87 14.19
CA GLU A 41 -0.45 -2.06 15.10
C GLU A 41 0.46 -3.20 14.62
N GLU A 42 -0.11 -4.28 14.10
CA GLU A 42 0.63 -5.39 13.53
C GLU A 42 1.48 -4.87 12.37
N MET A 43 0.85 -4.13 11.46
CA MET A 43 1.46 -3.52 10.30
C MET A 43 2.55 -2.51 10.68
N ILE A 44 2.38 -1.74 11.75
CA ILE A 44 3.38 -0.79 12.24
C ILE A 44 4.72 -1.51 12.46
N LYS A 45 4.69 -2.76 12.95
CA LYS A 45 5.89 -3.56 13.08
C LYS A 45 6.48 -3.87 11.70
N ARG A 46 5.66 -4.38 10.77
CA ARG A 46 6.12 -4.78 9.43
C ARG A 46 6.71 -3.60 8.67
N SER A 47 6.02 -2.47 8.62
CA SER A 47 6.44 -1.30 7.86
C SER A 47 7.62 -0.58 8.54
N GLY A 48 7.79 -0.79 9.84
CA GLY A 48 8.70 -0.02 10.66
C GLY A 48 8.27 1.45 10.79
N ARG A 49 7.02 1.79 10.43
CA ARG A 49 6.50 3.15 10.30
C ARG A 49 5.10 3.19 10.87
N THR A 50 4.52 4.38 11.01
CA THR A 50 3.23 4.55 11.66
C THR A 50 2.28 5.35 10.77
N THR A 51 2.77 6.03 9.72
CA THR A 51 1.91 6.69 8.76
C THR A 51 1.23 5.68 7.84
N VAL A 52 0.24 6.14 7.07
CA VAL A 52 -0.42 5.42 6.00
C VAL A 52 -0.31 6.27 4.71
N PRO A 53 -0.49 5.68 3.51
CA PRO A 53 -0.64 4.26 3.26
C PRO A 53 0.70 3.54 3.43
N GLN A 54 0.64 2.21 3.46
CA GLN A 54 1.78 1.31 3.53
C GLN A 54 1.43 0.17 2.58
N ILE A 55 2.33 -0.22 1.67
CA ILE A 55 2.03 -1.21 0.67
C ILE A 55 2.93 -2.40 0.98
N PHE A 56 2.40 -3.59 0.76
CA PHE A 56 3.08 -4.86 0.90
C PHE A 56 2.75 -5.64 -0.37
N ILE A 57 3.75 -6.32 -0.94
CA ILE A 57 3.55 -7.15 -2.11
C ILE A 57 4.26 -8.46 -1.81
N ASP A 58 3.53 -9.57 -1.81
CA ASP A 58 4.02 -10.90 -1.42
C ASP A 58 4.82 -10.79 -0.11
N ALA A 59 4.22 -10.10 0.85
CA ALA A 59 4.68 -9.77 2.20
C ALA A 59 5.78 -8.70 2.25
N GLN A 60 6.45 -8.39 1.13
CA GLN A 60 7.56 -7.44 1.09
C GLN A 60 7.00 -6.02 1.18
N HIS A 61 7.37 -5.27 2.21
CA HIS A 61 7.03 -3.86 2.34
C HIS A 61 7.63 -3.07 1.18
N ILE A 62 6.95 -2.00 0.78
CA ILE A 62 7.48 -1.03 -0.17
C ILE A 62 8.16 0.08 0.63
N GLY A 63 7.37 1.04 1.14
CA GLY A 63 7.87 2.22 1.83
C GLY A 63 6.69 3.11 2.17
N GLY A 64 5.95 3.55 1.15
CA GLY A 64 4.82 4.46 1.22
C GLY A 64 4.31 4.68 -0.21
N TYR A 65 3.47 5.70 -0.41
CA TYR A 65 2.85 5.99 -1.71
C TYR A 65 3.88 6.57 -2.68
N ASP A 66 4.66 7.58 -2.28
CA ASP A 66 5.67 8.18 -3.17
C ASP A 66 6.67 7.09 -3.56
N ASP A 67 7.03 6.24 -2.59
CA ASP A 67 7.94 5.12 -2.80
C ASP A 67 7.36 4.19 -3.85
N LEU A 68 6.10 3.78 -3.67
CA LEU A 68 5.43 2.89 -4.61
C LEU A 68 5.32 3.55 -5.97
N TYR A 69 4.95 4.82 -6.04
CA TYR A 69 4.73 5.55 -7.28
C TYR A 69 5.96 5.38 -8.14
N ALA A 70 7.14 5.71 -7.60
CA ALA A 70 8.38 5.62 -8.35
C ALA A 70 8.67 4.16 -8.72
N LEU A 71 8.40 3.22 -7.80
CA LEU A 71 8.57 1.79 -8.05
C LEU A 71 7.66 1.35 -9.21
N ASP A 72 6.42 1.80 -9.24
CA ASP A 72 5.42 1.43 -10.24
C ASP A 72 5.73 2.16 -11.55
N ALA A 73 6.30 3.36 -11.48
CA ALA A 73 6.78 4.12 -12.63
C ALA A 73 8.01 3.51 -13.27
N ARG A 74 8.82 2.76 -12.52
CA ARG A 74 9.90 1.93 -13.05
C ARG A 74 9.38 0.62 -13.64
N GLY A 75 8.09 0.32 -13.44
CA GLY A 75 7.46 -0.93 -13.84
C GLY A 75 7.90 -2.09 -12.96
N GLY A 76 8.30 -1.87 -11.70
CA GLY A 76 8.84 -2.92 -10.85
C GLY A 76 7.79 -3.53 -9.93
N LEU A 77 6.62 -2.89 -9.82
CA LEU A 77 5.46 -3.45 -9.14
C LEU A 77 4.90 -4.54 -10.06
N ASP A 78 4.78 -4.20 -11.34
CA ASP A 78 4.06 -5.00 -12.32
C ASP A 78 4.47 -6.49 -12.38
N PRO A 79 5.75 -6.88 -12.43
CA PRO A 79 6.14 -8.28 -12.49
C PRO A 79 5.89 -9.06 -11.17
N LEU A 80 5.59 -8.39 -10.06
CA LEU A 80 5.15 -9.04 -8.82
C LEU A 80 3.63 -9.28 -8.82
N LEU A 81 2.90 -8.81 -9.83
CA LEU A 81 1.48 -9.10 -10.02
C LEU A 81 1.31 -10.49 -10.67
N LYS A 82 2.31 -11.37 -10.57
CA LYS A 82 2.29 -12.77 -11.01
C LYS A 82 2.74 -13.63 -9.83
N ALA A 1 -1.70 -12.25 -6.69
CA ALA A 1 -1.07 -10.94 -6.52
C ALA A 1 -1.48 -10.36 -5.18
N ASN A 2 -0.59 -10.40 -4.20
CA ASN A 2 -0.88 -10.05 -2.82
C ASN A 2 -0.27 -8.65 -2.62
N VAL A 3 -0.79 -7.72 -3.41
CA VAL A 3 -0.49 -6.30 -3.40
C VAL A 3 -1.38 -5.71 -2.31
N GLU A 4 -1.00 -5.80 -1.04
CA GLU A 4 -1.84 -5.26 0.02
C GLU A 4 -1.52 -3.78 0.13
N ILE A 5 -2.53 -2.96 0.39
CA ILE A 5 -2.38 -1.54 0.64
C ILE A 5 -3.15 -1.22 1.92
N TYR A 6 -2.43 -0.81 2.95
CA TYR A 6 -3.02 -0.27 4.15
C TYR A 6 -3.52 1.13 3.85
N THR A 7 -4.71 1.43 4.36
CA THR A 7 -5.50 2.61 4.04
C THR A 7 -6.29 3.04 5.28
N LYS A 8 -6.75 4.28 5.34
CA LYS A 8 -7.72 4.73 6.34
C LYS A 8 -8.68 5.67 5.61
N GLU A 9 -9.83 5.99 6.21
CA GLU A 9 -10.81 6.88 5.62
C GLU A 9 -10.23 8.29 5.51
N THR A 10 -9.85 8.85 6.66
CA THR A 10 -9.42 10.24 6.75
C THR A 10 -7.96 10.37 6.30
N CYS A 11 -7.71 10.08 5.02
CA CYS A 11 -6.40 10.20 4.38
C CYS A 11 -6.59 10.32 2.87
N PRO A 12 -6.61 11.53 2.30
CA PRO A 12 -6.68 11.70 0.86
C PRO A 12 -5.45 11.10 0.17
N TYR A 13 -4.26 11.18 0.76
CA TYR A 13 -3.03 10.56 0.26
C TYR A 13 -3.21 9.04 0.06
N SER A 14 -3.99 8.37 0.91
CA SER A 14 -4.40 6.98 0.71
C SER A 14 -5.24 6.88 -0.55
N HIS A 15 -6.28 7.71 -0.71
CA HIS A 15 -7.14 7.62 -1.88
C HIS A 15 -6.44 8.03 -3.17
N ARG A 16 -5.46 8.93 -3.08
CA ARG A 16 -4.55 9.27 -4.16
C ARG A 16 -3.77 8.03 -4.60
N ALA A 17 -3.22 7.25 -3.67
CA ALA A 17 -2.58 5.98 -4.01
C ALA A 17 -3.53 4.97 -4.64
N LYS A 18 -4.85 5.09 -4.40
CA LYS A 18 -5.82 4.24 -5.08
C LYS A 18 -6.03 4.70 -6.51
N ALA A 19 -6.17 6.01 -6.74
CA ALA A 19 -6.19 6.54 -8.11
C ALA A 19 -4.93 6.09 -8.85
N LEU A 20 -3.78 6.04 -8.19
CA LEU A 20 -2.57 5.48 -8.79
C LEU A 20 -2.79 4.01 -9.13
N LEU A 21 -3.06 3.15 -8.15
CA LEU A 21 -3.20 1.71 -8.40
C LEU A 21 -4.27 1.39 -9.43
N SER A 22 -5.38 2.13 -9.48
CA SER A 22 -6.42 1.91 -10.47
C SER A 22 -6.07 2.55 -11.83
N SER A 23 -5.32 3.64 -11.87
CA SER A 23 -4.80 4.18 -13.13
C SER A 23 -3.80 3.20 -13.76
N LYS A 24 -2.99 2.52 -12.94
CA LYS A 24 -2.12 1.43 -13.38
C LYS A 24 -2.92 0.15 -13.66
N GLY A 25 -4.04 -0.02 -12.95
CA GLY A 25 -4.92 -1.16 -13.03
C GLY A 25 -4.23 -2.40 -12.47
N VAL A 26 -4.02 -2.44 -11.15
CA VAL A 26 -3.35 -3.53 -10.46
C VAL A 26 -4.20 -4.08 -9.33
N SER A 27 -4.14 -5.40 -9.12
CA SER A 27 -4.97 -6.18 -8.21
C SER A 27 -4.56 -5.94 -6.75
N PHE A 28 -4.90 -4.78 -6.20
CA PHE A 28 -4.61 -4.45 -4.81
C PHE A 28 -5.60 -5.17 -3.87
N GLN A 29 -5.22 -5.27 -2.60
CA GLN A 29 -5.95 -5.79 -1.47
C GLN A 29 -6.01 -4.64 -0.47
N GLU A 30 -7.13 -3.91 -0.46
CA GLU A 30 -7.28 -2.77 0.43
C GLU A 30 -7.46 -3.27 1.87
N LEU A 31 -6.74 -2.65 2.80
CA LEU A 31 -6.70 -3.03 4.21
C LEU A 31 -7.00 -1.77 5.06
N PRO A 32 -8.21 -1.63 5.59
CA PRO A 32 -8.63 -0.47 6.37
C PRO A 32 -8.10 -0.56 7.81
N ILE A 33 -7.39 0.49 8.23
CA ILE A 33 -6.96 0.75 9.61
C ILE A 33 -7.70 1.98 10.17
N ASP A 34 -8.87 2.34 9.63
CA ASP A 34 -9.50 3.59 10.01
C ASP A 34 -10.04 3.52 11.44
N GLY A 35 -10.82 2.48 11.73
CA GLY A 35 -11.33 2.14 13.05
C GLY A 35 -10.60 0.94 13.65
N ASN A 36 -9.46 0.56 13.08
CA ASN A 36 -8.70 -0.65 13.37
C ASN A 36 -7.27 -0.23 13.69
N ALA A 37 -6.94 -0.16 14.98
CA ALA A 37 -5.59 0.10 15.44
C ALA A 37 -4.80 -1.19 15.69
N ALA A 38 -5.46 -2.33 15.94
CA ALA A 38 -4.75 -3.56 16.28
C ALA A 38 -3.92 -4.05 15.09
N LYS A 39 -4.53 -4.20 13.91
CA LYS A 39 -3.76 -4.57 12.72
C LYS A 39 -2.88 -3.40 12.25
N ARG A 40 -3.20 -2.15 12.62
CA ARG A 40 -2.26 -1.06 12.40
C ARG A 40 -0.98 -1.35 13.17
N GLU A 41 -1.06 -1.73 14.45
CA GLU A 41 0.11 -2.07 15.25
C GLU A 41 0.84 -3.28 14.68
N GLU A 42 0.11 -4.23 14.10
CA GLU A 42 0.68 -5.45 13.52
C GLU A 42 1.53 -5.05 12.30
N MET A 43 1.02 -4.15 11.47
CA MET A 43 1.75 -3.52 10.38
C MET A 43 2.91 -2.69 10.91
N ILE A 44 2.74 -1.85 11.94
CA ILE A 44 3.79 -0.99 12.49
C ILE A 44 5.05 -1.82 12.76
N LYS A 45 4.90 -3.04 13.29
CA LYS A 45 6.00 -4.01 13.38
C LYS A 45 6.55 -4.27 11.98
N ARG A 46 5.74 -4.87 11.09
CA ARG A 46 6.21 -5.38 9.81
C ARG A 46 6.68 -4.32 8.81
N SER A 47 6.40 -3.03 9.04
CA SER A 47 6.82 -1.92 8.19
C SER A 47 7.81 -0.97 8.86
N GLY A 48 7.81 -0.89 10.18
CA GLY A 48 8.52 0.12 10.93
C GLY A 48 7.87 1.50 10.83
N ARG A 49 6.65 1.64 10.28
CA ARG A 49 5.99 2.94 10.07
C ARG A 49 4.55 2.91 10.52
N THR A 50 4.07 4.03 11.05
CA THR A 50 2.71 4.15 11.58
C THR A 50 1.77 4.82 10.55
N THR A 51 2.32 5.51 9.55
CA THR A 51 1.60 6.30 8.57
C THR A 51 0.88 5.41 7.55
N VAL A 52 -0.02 5.99 6.75
CA VAL A 52 -0.61 5.37 5.57
C VAL A 52 -0.61 6.32 4.36
N PRO A 53 -0.80 5.79 3.13
CA PRO A 53 -0.90 4.38 2.80
C PRO A 53 0.48 3.72 2.87
N GLN A 54 0.50 2.39 2.96
CA GLN A 54 1.69 1.58 2.86
C GLN A 54 1.34 0.40 1.99
N ILE A 55 2.26 -0.13 1.20
CA ILE A 55 1.97 -1.22 0.30
C ILE A 55 2.95 -2.33 0.64
N PHE A 56 2.50 -3.56 0.42
CA PHE A 56 3.29 -4.77 0.48
C PHE A 56 2.94 -5.55 -0.78
N ILE A 57 3.89 -6.25 -1.40
CA ILE A 57 3.64 -7.09 -2.57
C ILE A 57 4.29 -8.43 -2.28
N ASP A 58 3.51 -9.51 -2.38
CA ASP A 58 3.92 -10.84 -1.91
C ASP A 58 4.31 -10.81 -0.42
N ALA A 59 3.69 -9.86 0.28
CA ALA A 59 3.84 -9.45 1.67
C ALA A 59 5.12 -8.65 1.96
N GLN A 60 6.02 -8.49 0.98
CA GLN A 60 7.27 -7.74 1.08
C GLN A 60 6.95 -6.24 1.01
N HIS A 61 7.44 -5.44 1.96
CA HIS A 61 7.07 -4.03 2.11
C HIS A 61 7.71 -3.17 1.03
N ILE A 62 6.95 -2.22 0.46
CA ILE A 62 7.45 -1.23 -0.48
C ILE A 62 7.91 0.01 0.29
N GLY A 63 7.10 0.45 1.26
CA GLY A 63 7.28 1.70 1.97
C GLY A 63 5.93 2.40 2.06
N GLY A 64 5.75 3.42 1.23
CA GLY A 64 4.58 4.30 1.20
C GLY A 64 4.05 4.45 -0.22
N TYR A 65 3.27 5.50 -0.45
CA TYR A 65 2.70 5.88 -1.72
C TYR A 65 3.82 6.26 -2.69
N ASP A 66 4.65 7.23 -2.31
CA ASP A 66 5.68 7.76 -3.20
C ASP A 66 6.66 6.65 -3.55
N ASP A 67 6.98 5.81 -2.57
CA ASP A 67 7.81 4.62 -2.74
C ASP A 67 7.15 3.75 -3.81
N LEU A 68 5.87 3.40 -3.66
CA LEU A 68 5.16 2.59 -4.65
C LEU A 68 5.14 3.22 -6.03
N TYR A 69 4.68 4.45 -6.19
CA TYR A 69 4.67 5.21 -7.45
C TYR A 69 6.03 5.08 -8.14
N ALA A 70 7.10 5.40 -7.43
CA ALA A 70 8.43 5.35 -8.00
C ALA A 70 8.78 3.90 -8.40
N LEU A 71 8.51 2.97 -7.48
CA LEU A 71 8.74 1.53 -7.62
C LEU A 71 7.94 0.96 -8.81
N ASP A 72 6.74 1.46 -9.02
CA ASP A 72 5.83 1.09 -10.08
C ASP A 72 6.40 1.59 -11.40
N ALA A 73 6.60 2.90 -11.50
CA ALA A 73 6.92 3.53 -12.77
C ALA A 73 8.27 3.09 -13.32
N ARG A 74 9.20 2.67 -12.45
CA ARG A 74 10.50 2.10 -12.82
C ARG A 74 10.43 0.62 -13.20
N GLY A 75 9.28 0.01 -13.06
CA GLY A 75 9.06 -1.39 -13.36
C GLY A 75 9.62 -2.30 -12.27
N GLY A 76 9.22 -2.09 -11.03
CA GLY A 76 9.46 -2.99 -9.92
C GLY A 76 8.12 -3.57 -9.48
N LEU A 77 7.02 -2.80 -9.53
CA LEU A 77 5.69 -3.31 -9.16
C LEU A 77 5.28 -4.21 -10.32
N ASP A 78 5.52 -3.76 -11.55
CA ASP A 78 5.15 -4.46 -12.77
C ASP A 78 5.58 -5.94 -12.76
N PRO A 79 6.87 -6.31 -12.62
CA PRO A 79 7.27 -7.71 -12.52
C PRO A 79 6.89 -8.36 -11.18
N LEU A 80 6.65 -7.59 -10.12
CA LEU A 80 6.19 -8.13 -8.83
C LEU A 80 4.75 -8.61 -8.88
N LEU A 81 3.93 -8.07 -9.80
CA LEU A 81 2.49 -8.27 -9.84
C LEU A 81 2.16 -9.76 -9.93
N LYS A 82 2.68 -10.41 -10.98
CA LYS A 82 2.60 -11.84 -11.30
C LYS A 82 1.29 -12.46 -10.85
N ALA A 1 1.38 -12.67 -6.56
CA ALA A 1 0.29 -11.69 -6.54
C ALA A 1 -0.43 -11.68 -5.21
N ASN A 2 0.02 -10.83 -4.30
CA ASN A 2 -0.62 -10.57 -3.02
C ASN A 2 -0.37 -9.10 -2.70
N VAL A 3 -0.88 -8.19 -3.55
CA VAL A 3 -0.75 -6.75 -3.34
C VAL A 3 -1.81 -6.32 -2.33
N GLU A 4 -1.41 -5.96 -1.12
CA GLU A 4 -2.31 -5.41 -0.12
C GLU A 4 -1.83 -4.00 0.20
N ILE A 5 -2.77 -3.04 0.21
CA ILE A 5 -2.53 -1.61 0.41
C ILE A 5 -3.37 -1.21 1.61
N TYR A 6 -2.69 -0.94 2.72
CA TYR A 6 -3.31 -0.49 3.94
C TYR A 6 -3.72 0.95 3.74
N THR A 7 -4.95 1.26 4.16
CA THR A 7 -5.56 2.57 4.02
C THR A 7 -6.19 2.98 5.34
N LYS A 8 -6.59 4.24 5.45
CA LYS A 8 -7.41 4.75 6.53
C LYS A 8 -8.40 5.68 5.83
N GLU A 9 -9.56 5.90 6.44
CA GLU A 9 -10.48 6.95 6.02
C GLU A 9 -9.85 8.33 6.27
N THR A 10 -10.55 9.38 5.86
CA THR A 10 -10.31 10.80 6.15
C THR A 10 -8.92 11.34 5.80
N CYS A 11 -8.09 10.60 5.05
CA CYS A 11 -6.79 11.07 4.63
C CYS A 11 -6.57 10.79 3.16
N PRO A 12 -6.44 11.84 2.32
CA PRO A 12 -6.43 11.65 0.89
C PRO A 12 -5.17 10.97 0.40
N TYR A 13 -4.00 11.14 1.02
CA TYR A 13 -2.76 10.44 0.63
C TYR A 13 -2.96 8.91 0.70
N SER A 14 -3.83 8.40 1.59
CA SER A 14 -4.24 6.99 1.59
C SER A 14 -5.05 6.70 0.33
N HIS A 15 -6.06 7.52 0.04
CA HIS A 15 -6.87 7.38 -1.17
C HIS A 15 -6.05 7.46 -2.48
N ARG A 16 -5.19 8.46 -2.58
CA ARG A 16 -4.34 8.77 -3.73
C ARG A 16 -3.48 7.57 -4.09
N ALA A 17 -3.04 6.75 -3.13
CA ALA A 17 -2.22 5.59 -3.44
C ALA A 17 -2.98 4.47 -4.15
N LYS A 18 -4.29 4.37 -3.96
CA LYS A 18 -5.07 3.43 -4.78
C LYS A 18 -5.27 4.01 -6.16
N ALA A 19 -5.48 5.33 -6.27
CA ALA A 19 -5.63 5.97 -7.57
C ALA A 19 -4.38 5.77 -8.42
N LEU A 20 -3.19 5.68 -7.81
CA LEU A 20 -1.95 5.32 -8.50
C LEU A 20 -2.08 3.94 -9.14
N LEU A 21 -2.31 2.92 -8.33
CA LEU A 21 -2.48 1.54 -8.77
C LEU A 21 -3.55 1.44 -9.84
N SER A 22 -4.69 2.10 -9.62
CA SER A 22 -5.81 2.18 -10.52
C SER A 22 -5.38 2.84 -11.85
N SER A 23 -4.66 3.96 -11.82
CA SER A 23 -4.18 4.61 -13.03
C SER A 23 -3.32 3.66 -13.86
N LYS A 24 -2.58 2.76 -13.22
CA LYS A 24 -1.72 1.79 -13.89
C LYS A 24 -2.42 0.44 -14.13
N GLY A 25 -3.70 0.30 -13.75
CA GLY A 25 -4.48 -0.90 -14.02
C GLY A 25 -4.00 -2.10 -13.21
N VAL A 26 -3.55 -1.89 -11.97
CA VAL A 26 -3.03 -2.96 -11.11
C VAL A 26 -4.17 -3.44 -10.21
N SER A 27 -4.07 -4.68 -9.73
CA SER A 27 -5.07 -5.38 -8.97
C SER A 27 -4.51 -5.61 -7.56
N PHE A 28 -5.24 -5.17 -6.54
CA PHE A 28 -4.80 -5.07 -5.15
C PHE A 28 -5.95 -5.32 -4.18
N GLN A 29 -5.67 -5.22 -2.89
CA GLN A 29 -6.56 -5.46 -1.78
C GLN A 29 -6.40 -4.26 -0.86
N GLU A 30 -7.38 -3.37 -0.89
CA GLU A 30 -7.46 -2.32 0.11
C GLU A 30 -7.65 -2.95 1.48
N LEU A 31 -6.97 -2.40 2.49
CA LEU A 31 -6.97 -2.88 3.87
C LEU A 31 -7.19 -1.69 4.81
N PRO A 32 -8.45 -1.27 4.99
CA PRO A 32 -8.83 -0.19 5.89
C PRO A 32 -8.44 -0.55 7.33
N ILE A 33 -7.55 0.22 7.92
CA ILE A 33 -7.16 0.18 9.33
C ILE A 33 -7.59 1.49 9.98
N ASP A 34 -8.86 1.81 9.75
CA ASP A 34 -9.55 2.87 10.45
C ASP A 34 -10.27 2.30 11.66
N GLY A 35 -10.10 2.90 12.83
CA GLY A 35 -10.83 2.57 14.05
C GLY A 35 -10.34 1.30 14.75
N ASN A 36 -9.82 0.34 13.98
CA ASN A 36 -9.14 -0.84 14.48
C ASN A 36 -7.69 -0.43 14.72
N ALA A 37 -7.24 -0.50 15.98
CA ALA A 37 -5.86 -0.18 16.32
C ALA A 37 -4.95 -1.40 16.23
N ALA A 38 -5.48 -2.62 16.33
CA ALA A 38 -4.71 -3.85 16.32
C ALA A 38 -4.00 -4.02 14.98
N LYS A 39 -4.74 -4.25 13.88
CA LYS A 39 -4.07 -4.44 12.59
C LYS A 39 -3.40 -3.14 12.11
N ARG A 40 -3.84 -1.97 12.58
CA ARG A 40 -3.14 -0.72 12.38
C ARG A 40 -1.72 -0.84 12.94
N GLU A 41 -1.56 -1.21 14.21
CA GLU A 41 -0.25 -1.31 14.84
C GLU A 41 0.56 -2.51 14.30
N GLU A 42 -0.12 -3.54 13.81
CA GLU A 42 0.53 -4.64 13.09
C GLU A 42 1.17 -4.09 11.82
N MET A 43 0.46 -3.26 11.05
CA MET A 43 1.00 -2.59 9.87
C MET A 43 2.20 -1.73 10.25
N ILE A 44 2.17 -1.04 11.40
CA ILE A 44 3.31 -0.26 11.89
C ILE A 44 4.51 -1.20 12.04
N LYS A 45 4.39 -2.31 12.77
CA LYS A 45 5.47 -3.30 12.88
C LYS A 45 5.92 -3.79 11.51
N ARG A 46 4.99 -4.20 10.65
CA ARG A 46 5.28 -4.70 9.31
C ARG A 46 6.01 -3.70 8.43
N SER A 47 6.01 -2.41 8.75
CA SER A 47 6.59 -1.38 7.90
C SER A 47 7.72 -0.57 8.54
N GLY A 48 7.83 -0.59 9.87
CA GLY A 48 8.71 0.30 10.62
C GLY A 48 8.30 1.77 10.48
N ARG A 49 7.07 2.08 10.07
CA ARG A 49 6.59 3.45 9.84
C ARG A 49 5.20 3.56 10.44
N THR A 50 4.87 4.72 10.99
CA THR A 50 3.54 4.93 11.54
C THR A 50 2.63 5.45 10.43
N THR A 51 3.18 6.14 9.42
CA THR A 51 2.34 6.78 8.43
C THR A 51 1.76 5.75 7.48
N VAL A 52 0.51 5.99 7.09
CA VAL A 52 -0.18 5.22 6.06
C VAL A 52 -0.12 6.01 4.72
N PRO A 53 -0.46 5.40 3.57
CA PRO A 53 -0.71 3.98 3.36
C PRO A 53 0.60 3.21 3.42
N GLN A 54 0.52 1.89 3.45
CA GLN A 54 1.67 1.00 3.38
C GLN A 54 1.25 -0.11 2.45
N ILE A 55 2.16 -0.59 1.59
CA ILE A 55 1.83 -1.60 0.62
C ILE A 55 2.77 -2.75 0.90
N PHE A 56 2.25 -3.95 0.65
CA PHE A 56 2.93 -5.23 0.74
C PHE A 56 2.58 -5.96 -0.54
N ILE A 57 3.55 -6.62 -1.16
CA ILE A 57 3.39 -7.34 -2.41
C ILE A 57 4.11 -8.64 -2.21
N ASP A 58 3.42 -9.78 -2.35
CA ASP A 58 3.97 -11.12 -2.14
C ASP A 58 4.83 -11.15 -0.87
N ALA A 59 4.23 -10.61 0.19
CA ALA A 59 4.70 -10.41 1.55
C ALA A 59 5.94 -9.53 1.73
N GLN A 60 6.54 -9.05 0.64
CA GLN A 60 7.61 -8.06 0.67
C GLN A 60 6.99 -6.70 1.01
N HIS A 61 7.65 -5.91 1.83
CA HIS A 61 7.19 -4.57 2.18
C HIS A 61 7.70 -3.58 1.13
N ILE A 62 6.89 -2.56 0.81
CA ILE A 62 7.31 -1.48 -0.08
C ILE A 62 8.01 -0.37 0.72
N GLY A 63 7.24 0.45 1.42
CA GLY A 63 7.73 1.63 2.13
C GLY A 63 6.62 2.67 2.32
N GLY A 64 5.75 2.83 1.33
CA GLY A 64 4.71 3.84 1.37
C GLY A 64 4.17 4.10 -0.03
N TYR A 65 3.38 5.16 -0.15
CA TYR A 65 2.72 5.59 -1.38
C TYR A 65 3.75 6.06 -2.39
N ASP A 66 4.54 7.10 -2.08
CA ASP A 66 5.52 7.66 -3.01
C ASP A 66 6.52 6.58 -3.41
N ASP A 67 6.87 5.69 -2.46
CA ASP A 67 7.75 4.56 -2.69
C ASP A 67 7.12 3.65 -3.74
N LEU A 68 5.84 3.27 -3.57
CA LEU A 68 5.15 2.43 -4.54
C LEU A 68 5.00 3.16 -5.88
N TYR A 69 4.62 4.42 -5.87
CA TYR A 69 4.41 5.25 -7.05
C TYR A 69 5.65 5.15 -7.93
N ALA A 70 6.83 5.42 -7.36
CA ALA A 70 8.08 5.36 -8.08
C ALA A 70 8.36 3.93 -8.54
N LEU A 71 8.08 2.93 -7.70
CA LEU A 71 8.24 1.52 -8.02
C LEU A 71 7.38 1.16 -9.24
N ASP A 72 6.15 1.66 -9.27
CA ASP A 72 5.22 1.34 -10.33
C ASP A 72 5.59 2.09 -11.61
N ALA A 73 6.00 3.35 -11.48
CA ALA A 73 6.46 4.17 -12.59
C ALA A 73 7.78 3.69 -13.17
N ARG A 74 8.62 3.00 -12.39
CA ARG A 74 9.81 2.32 -12.88
C ARG A 74 9.48 1.05 -13.65
N GLY A 75 8.22 0.62 -13.62
CA GLY A 75 7.79 -0.64 -14.20
C GLY A 75 8.26 -1.85 -13.40
N GLY A 76 8.42 -1.71 -12.07
CA GLY A 76 8.99 -2.75 -11.21
C GLY A 76 7.96 -3.34 -10.26
N LEU A 77 6.78 -2.72 -10.13
CA LEU A 77 5.69 -3.30 -9.35
C LEU A 77 5.14 -4.45 -10.18
N ASP A 78 4.93 -4.22 -11.48
CA ASP A 78 4.32 -5.22 -12.35
C ASP A 78 5.03 -6.59 -12.28
N PRO A 79 6.36 -6.70 -12.41
CA PRO A 79 7.04 -7.98 -12.24
C PRO A 79 7.02 -8.51 -10.79
N LEU A 80 6.72 -7.69 -9.78
CA LEU A 80 6.45 -8.16 -8.42
C LEU A 80 5.01 -8.65 -8.27
N LEU A 81 4.07 -8.25 -9.13
CA LEU A 81 2.67 -8.69 -9.08
C LEU A 81 2.59 -10.17 -9.49
N LYS A 82 3.14 -10.52 -10.65
CA LYS A 82 2.99 -11.80 -11.35
C LYS A 82 2.73 -13.02 -10.48
N ALA A 1 0.53 -13.18 -6.90
CA ALA A 1 0.69 -11.82 -6.37
C ALA A 1 -0.40 -11.50 -5.34
N ASN A 2 -0.04 -10.83 -4.25
CA ASN A 2 -0.85 -10.54 -3.08
C ASN A 2 -0.49 -9.10 -2.66
N VAL A 3 -0.98 -8.13 -3.42
CA VAL A 3 -0.82 -6.70 -3.12
C VAL A 3 -1.84 -6.34 -2.04
N GLU A 4 -1.40 -5.83 -0.89
CA GLU A 4 -2.27 -5.24 0.12
C GLU A 4 -1.92 -3.75 0.22
N ILE A 5 -2.89 -2.86 0.49
CA ILE A 5 -2.69 -1.43 0.71
C ILE A 5 -3.40 -1.04 2.01
N TYR A 6 -2.61 -0.74 3.03
CA TYR A 6 -3.07 -0.30 4.33
C TYR A 6 -3.55 1.15 4.19
N THR A 7 -4.70 1.49 4.75
CA THR A 7 -5.34 2.79 4.56
C THR A 7 -6.12 3.20 5.81
N LYS A 8 -6.42 4.49 5.99
CA LYS A 8 -7.36 4.96 6.99
C LYS A 8 -8.30 5.91 6.21
N GLU A 9 -9.52 6.15 6.67
CA GLU A 9 -10.43 7.05 5.97
C GLU A 9 -9.93 8.52 6.00
N THR A 10 -10.64 9.41 5.31
CA THR A 10 -10.50 10.87 5.36
C THR A 10 -9.03 11.26 5.21
N CYS A 11 -8.35 10.62 4.25
CA CYS A 11 -6.92 10.65 4.04
C CYS A 11 -6.68 10.74 2.53
N PRO A 12 -6.50 11.94 1.95
CA PRO A 12 -6.43 12.09 0.52
C PRO A 12 -5.16 11.48 -0.07
N TYR A 13 -4.03 11.46 0.66
CA TYR A 13 -2.80 10.78 0.26
C TYR A 13 -3.05 9.28 0.08
N SER A 14 -3.87 8.68 0.94
CA SER A 14 -4.34 7.31 0.77
C SER A 14 -5.23 7.20 -0.46
N HIS A 15 -6.24 8.07 -0.62
CA HIS A 15 -7.17 7.94 -1.75
C HIS A 15 -6.44 8.08 -3.09
N ARG A 16 -5.51 9.04 -3.17
CA ARG A 16 -4.56 9.21 -4.26
C ARG A 16 -3.88 7.89 -4.59
N ALA A 17 -3.29 7.20 -3.61
CA ALA A 17 -2.57 5.96 -3.89
C ALA A 17 -3.46 4.86 -4.48
N LYS A 18 -4.76 4.87 -4.21
CA LYS A 18 -5.68 3.92 -4.84
C LYS A 18 -5.88 4.25 -6.30
N ALA A 19 -6.09 5.53 -6.63
CA ALA A 19 -6.13 5.94 -8.03
C ALA A 19 -4.82 5.60 -8.73
N LEU A 20 -3.67 5.65 -8.05
CA LEU A 20 -2.39 5.24 -8.64
C LEU A 20 -2.47 3.78 -9.04
N LEU A 21 -2.76 2.91 -8.07
CA LEU A 21 -2.81 1.48 -8.31
C LEU A 21 -3.79 1.13 -9.43
N SER A 22 -4.99 1.72 -9.44
CA SER A 22 -5.95 1.48 -10.52
C SER A 22 -5.48 2.08 -11.85
N SER A 23 -4.84 3.26 -11.86
CA SER A 23 -4.24 3.84 -13.06
C SER A 23 -3.23 2.86 -13.66
N LYS A 24 -2.39 2.28 -12.80
CA LYS A 24 -1.39 1.29 -13.16
C LYS A 24 -2.00 -0.07 -13.48
N GLY A 25 -3.31 -0.27 -13.35
CA GLY A 25 -3.98 -1.51 -13.70
C GLY A 25 -3.76 -2.60 -12.66
N VAL A 26 -3.26 -2.26 -11.47
CA VAL A 26 -2.87 -3.23 -10.45
C VAL A 26 -4.13 -3.63 -9.68
N SER A 27 -4.06 -4.77 -9.00
CA SER A 27 -5.15 -5.42 -8.32
C SER A 27 -4.75 -5.55 -6.85
N PHE A 28 -5.44 -4.84 -5.95
CA PHE A 28 -5.02 -4.72 -4.56
C PHE A 28 -6.09 -5.20 -3.58
N GLN A 29 -5.70 -5.37 -2.32
CA GLN A 29 -6.52 -5.71 -1.18
C GLN A 29 -6.36 -4.54 -0.24
N GLU A 30 -7.32 -3.63 -0.24
CA GLU A 30 -7.31 -2.55 0.73
C GLU A 30 -7.49 -3.12 2.12
N LEU A 31 -6.84 -2.47 3.08
CA LEU A 31 -6.75 -2.84 4.47
C LEU A 31 -6.95 -1.59 5.34
N PRO A 32 -8.22 -1.22 5.58
CA PRO A 32 -8.62 -0.17 6.51
C PRO A 32 -8.07 -0.48 7.91
N ILE A 33 -7.28 0.43 8.47
CA ILE A 33 -6.72 0.40 9.81
C ILE A 33 -7.27 1.56 10.65
N ASP A 34 -8.41 2.10 10.26
CA ASP A 34 -8.97 3.28 10.90
C ASP A 34 -9.69 2.84 12.17
N GLY A 35 -10.84 2.19 12.03
CA GLY A 35 -11.58 1.51 13.10
C GLY A 35 -10.96 0.17 13.48
N ASN A 36 -9.66 -0.02 13.22
CA ASN A 36 -8.90 -1.23 13.39
C ASN A 36 -7.46 -0.81 13.72
N ALA A 37 -7.20 -0.49 14.99
CA ALA A 37 -5.85 -0.22 15.45
C ALA A 37 -5.02 -1.51 15.56
N ALA A 38 -5.66 -2.70 15.55
CA ALA A 38 -4.98 -3.98 15.68
C ALA A 38 -4.02 -4.20 14.52
N LYS A 39 -4.54 -4.30 13.29
CA LYS A 39 -3.68 -4.47 12.11
C LYS A 39 -2.84 -3.22 11.85
N ARG A 40 -3.20 -2.07 12.42
CA ARG A 40 -2.41 -0.85 12.34
C ARG A 40 -1.11 -1.04 13.11
N GLU A 41 -1.19 -1.59 14.32
CA GLU A 41 -0.02 -1.89 15.13
C GLU A 41 0.75 -3.08 14.53
N GLU A 42 0.06 -4.04 13.91
CA GLU A 42 0.72 -5.12 13.18
C GLU A 42 1.61 -4.52 12.10
N MET A 43 1.06 -3.62 11.28
CA MET A 43 1.80 -2.88 10.26
C MET A 43 2.95 -2.10 10.86
N ILE A 44 2.79 -1.40 11.98
CA ILE A 44 3.90 -0.69 12.63
C ILE A 44 5.06 -1.66 12.84
N LYS A 45 4.76 -2.85 13.39
CA LYS A 45 5.75 -3.90 13.57
C LYS A 45 6.31 -4.31 12.20
N ARG A 46 5.50 -4.78 11.25
CA ARG A 46 6.05 -5.36 10.03
C ARG A 46 6.73 -4.37 9.09
N SER A 47 6.31 -3.11 9.07
CA SER A 47 6.73 -2.12 8.09
C SER A 47 7.84 -1.19 8.58
N GLY A 48 8.02 -1.05 9.90
CA GLY A 48 8.91 -0.04 10.45
C GLY A 48 8.44 1.40 10.19
N ARG A 49 7.19 1.60 9.75
CA ARG A 49 6.58 2.91 9.48
C ARG A 49 5.21 2.95 10.12
N THR A 50 4.68 4.16 10.30
CA THR A 50 3.47 4.33 11.07
C THR A 50 2.34 4.82 10.16
N THR A 51 2.66 5.67 9.18
CA THR A 51 1.59 6.36 8.45
C THR A 51 1.13 5.60 7.22
N VAL A 52 -0.15 5.78 6.86
CA VAL A 52 -0.76 5.28 5.64
C VAL A 52 -0.67 6.30 4.49
N PRO A 53 -0.86 5.84 3.24
CA PRO A 53 -0.98 4.44 2.87
C PRO A 53 0.39 3.76 2.95
N GLN A 54 0.38 2.44 3.07
CA GLN A 54 1.57 1.61 2.92
C GLN A 54 1.15 0.41 2.09
N ILE A 55 2.06 -0.13 1.28
CA ILE A 55 1.70 -1.19 0.37
C ILE A 55 2.66 -2.32 0.68
N PHE A 56 2.14 -3.54 0.51
CA PHE A 56 2.85 -4.79 0.65
C PHE A 56 2.52 -5.60 -0.58
N ILE A 57 3.47 -6.38 -1.05
CA ILE A 57 3.32 -7.27 -2.21
C ILE A 57 3.94 -8.59 -1.77
N ASP A 58 3.09 -9.58 -1.50
CA ASP A 58 3.50 -10.95 -1.24
C ASP A 58 4.47 -11.04 -0.05
N ALA A 59 4.24 -10.17 0.94
CA ALA A 59 4.93 -9.98 2.22
C ALA A 59 6.09 -8.98 2.14
N GLN A 60 6.54 -8.57 0.95
CA GLN A 60 7.55 -7.55 0.78
C GLN A 60 6.86 -6.21 1.07
N HIS A 61 7.47 -5.39 1.92
CA HIS A 61 7.00 -4.06 2.25
C HIS A 61 7.55 -3.10 1.19
N ILE A 62 6.70 -2.35 0.50
CA ILE A 62 7.19 -1.41 -0.50
C ILE A 62 7.68 -0.17 0.23
N GLY A 63 6.84 0.37 1.10
CA GLY A 63 7.00 1.66 1.72
C GLY A 63 5.63 2.29 1.71
N GLY A 64 5.59 3.61 1.52
CA GLY A 64 4.40 4.41 1.41
C GLY A 64 3.96 4.56 -0.05
N TYR A 65 3.26 5.66 -0.33
CA TYR A 65 2.68 5.99 -1.61
C TYR A 65 3.77 6.37 -2.60
N ASP A 66 4.59 7.37 -2.27
CA ASP A 66 5.62 7.85 -3.19
C ASP A 66 6.64 6.73 -3.43
N ASP A 67 6.86 5.88 -2.43
CA ASP A 67 7.64 4.65 -2.58
C ASP A 67 7.01 3.81 -3.69
N LEU A 68 5.72 3.49 -3.56
CA LEU A 68 5.04 2.61 -4.51
C LEU A 68 5.00 3.21 -5.90
N TYR A 69 4.62 4.48 -6.04
CA TYR A 69 4.60 5.17 -7.32
C TYR A 69 5.95 5.02 -8.01
N ALA A 70 7.03 5.38 -7.30
CA ALA A 70 8.36 5.33 -7.86
C ALA A 70 8.75 3.89 -8.20
N LEU A 71 8.38 2.95 -7.34
CA LEU A 71 8.63 1.53 -7.55
C LEU A 71 7.85 1.01 -8.76
N ASP A 72 6.62 1.46 -8.95
CA ASP A 72 5.86 1.10 -10.13
C ASP A 72 6.54 1.69 -11.35
N ALA A 73 6.75 3.01 -11.36
CA ALA A 73 7.27 3.76 -12.49
C ALA A 73 8.72 3.42 -12.86
N ARG A 74 9.44 2.65 -12.04
CA ARG A 74 10.74 2.07 -12.40
C ARG A 74 10.58 0.70 -13.07
N GLY A 75 9.38 0.13 -13.05
CA GLY A 75 9.07 -1.21 -13.45
C GLY A 75 9.51 -2.22 -12.40
N GLY A 76 9.14 -2.08 -11.12
CA GLY A 76 9.35 -3.14 -10.14
C GLY A 76 8.02 -3.60 -9.53
N LEU A 77 6.99 -2.75 -9.49
CA LEU A 77 5.66 -3.17 -9.02
C LEU A 77 5.06 -4.04 -10.12
N ASP A 78 4.95 -3.46 -11.33
CA ASP A 78 4.21 -4.08 -12.42
C ASP A 78 4.66 -5.52 -12.73
N PRO A 79 5.98 -5.84 -12.83
CA PRO A 79 6.39 -7.22 -13.04
C PRO A 79 6.27 -8.13 -11.80
N LEU A 80 5.99 -7.63 -10.60
CA LEU A 80 5.62 -8.47 -9.47
C LEU A 80 4.12 -8.74 -9.44
N LEU A 81 3.33 -8.05 -10.27
CA LEU A 81 1.89 -8.28 -10.48
C LEU A 81 1.69 -9.38 -11.53
N LYS A 82 2.56 -10.40 -11.53
CA LYS A 82 2.44 -11.59 -12.35
C LYS A 82 1.18 -12.33 -11.92
#